data_6AYF
#
_entry.id   6AYF
#
_cell.length_a   1.0
_cell.length_b   1.0
_cell.length_c   1.0
_cell.angle_alpha   90.00
_cell.angle_beta   90.00
_cell.angle_gamma   90.00
#
_symmetry.space_group_name_H-M   'P 1'
#
loop_
_entity.id
_entity.type
_entity.pdbx_description
1 polymer Mucolipin-3
2 non-polymer 2-acetamido-2-deoxy-beta-D-glucopyranose
#
_entity_poly.entity_id   1
_entity_poly.type   'polypeptide(L)'
_entity_poly.pdbx_seq_one_letter_code
;GGGGSMADPEVVVSSCSSHEEENRCNFNQQTSPSEELLLEDQMRRKLKFFFMNPCEKFWARGRKPWKLAIQILKIAMVTI
QLVLFGLSNQMVVAFKEENTIAFKHLFLKGYMDRMDDTYAVYTQSDVYDQLIFAVNQYLQLYNVSVGNHAYENKGTKQSA
MAICQHFYKRGNIYPGNDTFDIDPEIETECFFVEPDEPFHIGTPAENKLNLTLDFHRLLTVELQFKLKAINLQTVRHQEL
PDCYDFTLTITFDNKAHSGRIKISLDNDISIRECKDWHVSGSIQKNTHYMMIFDAFVILTCLVSLILCIRSVIRGLQLQQ
EFVNFFLLHYKKEVSVSDQMEFVNGWYIMIIISDILTIIGSILKMEIQAKSLTSYDVCSILLGTSTMLVWLGVIRYLGFF
AKYNLLILTLQAALPNVIRFCCCAAMIYLGYCFCGWIVLGPYHDKFRSLNMVSECLFSLINGDDMFATFAKMQQKSYLVW
LFSRIYLYSFISLFIYMILSLFIALITDTYETIKQYQQDGFPETELRTFISECKDLPNSGKYRLEDDPPVSLFCCCKK
;
_entity_poly.pdbx_strand_id   A,B,C,D
#
loop_
_chem_comp.id
_chem_comp.type
_chem_comp.name
_chem_comp.formula
NAG D-saccharide, beta linking 2-acetamido-2-deoxy-beta-D-glucopyranose 'C8 H15 N O6'
#
# COMPACT_ATOMS: atom_id res chain seq x y z
N LEU A 38 -2.59 -64.09 -24.77
CA LEU A 38 -1.28 -64.04 -25.42
C LEU A 38 -0.25 -63.32 -24.54
N LEU A 39 1.01 -63.33 -24.99
CA LEU A 39 2.05 -62.54 -24.35
C LEU A 39 1.62 -61.10 -24.14
N GLU A 40 1.11 -60.47 -25.21
CA GLU A 40 0.56 -59.13 -25.15
C GLU A 40 -0.36 -58.94 -23.96
N ASP A 41 -1.37 -59.82 -23.82
CA ASP A 41 -2.35 -59.67 -22.76
C ASP A 41 -1.72 -59.92 -21.40
N GLN A 42 -0.73 -60.80 -21.30
CA GLN A 42 -0.02 -60.99 -20.03
C GLN A 42 0.61 -59.68 -19.57
N MET A 43 1.56 -59.16 -20.36
CA MET A 43 2.31 -57.98 -19.93
C MET A 43 1.37 -56.80 -19.70
N ARG A 44 0.46 -56.57 -20.64
CA ARG A 44 -0.49 -55.48 -20.48
C ARG A 44 -1.37 -55.72 -19.26
N ARG A 45 -1.57 -56.99 -18.90
CA ARG A 45 -2.46 -57.33 -17.79
C ARG A 45 -1.82 -56.97 -16.45
N LYS A 46 -0.53 -57.28 -16.28
CA LYS A 46 0.16 -56.76 -15.09
C LYS A 46 0.23 -55.24 -15.12
N LEU A 47 0.39 -54.68 -16.32
CA LEU A 47 0.48 -53.22 -16.45
C LEU A 47 -0.79 -52.54 -15.96
N LYS A 48 -1.96 -53.10 -16.31
CA LYS A 48 -3.24 -52.50 -15.95
C LYS A 48 -3.29 -52.13 -14.48
N PHE A 49 -2.69 -52.93 -13.62
CA PHE A 49 -2.65 -52.59 -12.20
C PHE A 49 -1.31 -52.01 -11.75
N PHE A 50 -0.30 -51.93 -12.62
CA PHE A 50 0.78 -51.01 -12.32
C PHE A 50 0.26 -49.58 -12.12
N PHE A 51 -0.68 -49.14 -12.96
CA PHE A 51 -1.08 -47.73 -13.04
C PHE A 51 -2.33 -47.37 -12.25
N MET A 52 -2.88 -48.26 -11.43
CA MET A 52 -4.11 -47.90 -10.74
C MET A 52 -3.84 -46.75 -9.79
N ASN A 53 -4.41 -45.57 -10.11
CA ASN A 53 -3.89 -44.33 -9.53
C ASN A 53 -4.13 -44.24 -8.03
N PRO A 54 -5.39 -44.30 -7.53
CA PRO A 54 -5.54 -44.44 -6.08
C PRO A 54 -4.95 -45.77 -5.64
N CYS A 55 -4.01 -45.71 -4.70
CA CYS A 55 -3.53 -46.95 -4.10
C CYS A 55 -4.67 -47.70 -3.43
N GLU A 56 -5.71 -46.97 -3.01
CA GLU A 56 -6.97 -47.58 -2.66
C GLU A 56 -7.52 -48.38 -3.84
N LYS A 57 -7.43 -47.82 -5.05
CA LYS A 57 -7.97 -48.48 -6.24
C LYS A 57 -7.10 -49.66 -6.68
N PHE A 58 -5.79 -49.58 -6.45
CA PHE A 58 -4.91 -50.70 -6.80
C PHE A 58 -5.11 -51.84 -5.82
N TRP A 59 -5.01 -51.54 -4.52
CA TRP A 59 -5.34 -52.54 -3.50
C TRP A 59 -6.74 -53.11 -3.71
N ALA A 60 -7.64 -52.35 -4.33
CA ALA A 60 -9.00 -52.84 -4.57
C ALA A 60 -9.01 -54.16 -5.35
N ARG A 61 -8.06 -54.36 -6.26
CA ARG A 61 -7.83 -55.64 -6.91
C ARG A 61 -7.72 -56.74 -5.88
N GLY A 62 -6.57 -56.76 -5.21
CA GLY A 62 -6.28 -57.75 -4.19
C GLY A 62 -5.49 -57.09 -3.09
N ARG A 63 -5.54 -57.74 -1.93
CA ARG A 63 -5.06 -57.14 -0.69
C ARG A 63 -3.53 -56.98 -0.72
N LYS A 64 -3.07 -55.80 -0.31
CA LYS A 64 -1.68 -55.54 -0.01
C LYS A 64 -1.54 -54.85 1.34
N PRO A 65 -0.47 -55.14 2.08
CA PRO A 65 -0.26 -54.46 3.35
C PRO A 65 0.06 -52.98 3.14
N TRP A 66 -0.14 -52.21 4.20
CA TRP A 66 -0.16 -50.76 4.06
C TRP A 66 1.22 -50.17 3.81
N LYS A 67 1.29 -49.32 2.77
CA LYS A 67 2.39 -48.42 2.53
C LYS A 67 1.96 -46.97 2.75
N LEU A 68 0.95 -46.51 2.02
CA LEU A 68 0.41 -45.15 2.11
C LEU A 68 0.25 -44.66 3.55
N ALA A 69 -0.11 -45.58 4.46
CA ALA A 69 -0.18 -45.24 5.87
C ALA A 69 1.14 -44.71 6.40
N ILE A 70 2.27 -45.22 5.88
CA ILE A 70 3.55 -44.73 6.36
C ILE A 70 3.84 -43.34 5.78
N GLN A 71 3.22 -42.99 4.64
CA GLN A 71 3.41 -41.66 4.09
C GLN A 71 2.60 -40.63 4.85
N ILE A 72 1.36 -40.98 5.23
CA ILE A 72 0.58 -40.12 6.11
C ILE A 72 1.29 -39.95 7.44
N LEU A 73 1.83 -41.05 7.98
CA LEU A 73 2.65 -40.97 9.18
C LEU A 73 3.84 -40.04 8.97
N LYS A 74 4.47 -40.10 7.80
CA LYS A 74 5.58 -39.20 7.51
C LYS A 74 5.14 -37.75 7.62
N ILE A 75 4.04 -37.40 6.95
CA ILE A 75 3.55 -36.02 7.02
C ILE A 75 3.39 -35.59 8.47
N ALA A 76 2.61 -36.36 9.23
CA ALA A 76 2.36 -35.99 10.64
C ALA A 76 3.67 -35.81 11.39
N MET A 77 4.61 -36.73 11.21
CA MET A 77 5.94 -36.62 11.82
C MET A 77 6.61 -35.31 11.43
N VAL A 78 7.06 -35.22 10.18
CA VAL A 78 7.85 -34.11 9.66
C VAL A 78 7.29 -32.77 10.14
N THR A 79 5.96 -32.60 10.07
CA THR A 79 5.43 -31.32 10.50
C THR A 79 5.39 -31.17 12.01
N ILE A 80 5.20 -32.26 12.77
CA ILE A 80 5.26 -32.13 14.22
C ILE A 80 6.69 -31.80 14.66
N GLN A 81 7.68 -32.38 14.00
CA GLN A 81 9.07 -31.99 14.24
C GLN A 81 9.29 -30.52 13.92
N LEU A 82 8.78 -30.06 12.78
CA LEU A 82 9.07 -28.69 12.37
C LEU A 82 8.39 -27.68 13.29
N VAL A 83 7.19 -28.00 13.76
CA VAL A 83 6.49 -27.11 14.68
C VAL A 83 7.18 -27.09 16.04
N LEU A 84 7.40 -28.28 16.62
CA LEU A 84 8.07 -28.37 17.91
C LEU A 84 9.45 -27.70 17.87
N PHE A 85 10.10 -27.72 16.72
CA PHE A 85 11.35 -26.98 16.52
C PHE A 85 11.10 -25.47 16.53
N GLY A 86 10.23 -25.02 15.64
CA GLY A 86 9.96 -23.60 15.49
C GLY A 86 9.62 -22.90 16.79
N LEU A 87 8.82 -23.56 17.64
CA LEU A 87 8.42 -22.92 18.89
C LEU A 87 9.62 -22.67 19.80
N SER A 88 10.42 -23.71 20.04
CA SER A 88 11.63 -23.58 20.86
C SER A 88 12.54 -22.48 20.33
N ASN A 89 12.94 -22.61 19.06
CA ASN A 89 13.79 -21.59 18.44
C ASN A 89 13.20 -20.20 18.62
N GLN A 90 11.87 -20.09 18.49
CA GLN A 90 11.21 -18.80 18.62
C GLN A 90 11.37 -18.22 20.02
N MET A 91 11.27 -19.06 21.05
CA MET A 91 11.48 -18.55 22.41
C MET A 91 12.92 -18.07 22.60
N VAL A 92 13.89 -18.81 22.05
CA VAL A 92 15.28 -18.38 22.19
C VAL A 92 15.50 -17.05 21.48
N VAL A 93 14.86 -16.87 20.32
CA VAL A 93 14.98 -15.61 19.58
C VAL A 93 14.36 -14.47 20.38
N ALA A 94 13.18 -14.70 20.96
CA ALA A 94 12.54 -13.66 21.77
C ALA A 94 13.47 -13.20 22.88
N PHE A 95 14.13 -14.14 23.56
CA PHE A 95 15.02 -13.72 24.64
C PHE A 95 16.22 -12.94 24.10
N LYS A 96 16.81 -13.38 22.98
CA LYS A 96 17.96 -12.63 22.45
C LYS A 96 17.55 -11.22 22.04
N GLU A 97 16.35 -11.07 21.48
CA GLU A 97 15.84 -9.76 21.09
C GLU A 97 15.73 -8.84 22.29
N GLU A 98 14.97 -9.26 23.31
CA GLU A 98 14.83 -8.44 24.51
C GLU A 98 16.19 -8.04 25.08
N ASN A 99 17.10 -9.00 25.21
CA ASN A 99 18.38 -8.69 25.84
C ASN A 99 19.20 -7.70 25.00
N THR A 100 19.32 -7.95 23.69
CA THR A 100 20.12 -7.03 22.88
C THR A 100 19.53 -5.62 22.87
N ILE A 101 18.21 -5.50 23.05
CA ILE A 101 17.62 -4.17 23.23
C ILE A 101 18.11 -3.55 24.52
N ALA A 102 17.93 -4.27 25.65
CA ALA A 102 18.38 -3.76 26.93
C ALA A 102 19.86 -3.36 26.89
N PHE A 103 20.66 -4.05 26.09
CA PHE A 103 22.05 -3.66 25.91
C PHE A 103 22.16 -2.36 25.14
N LYS A 104 21.42 -2.26 24.03
CA LYS A 104 21.46 -1.02 23.27
C LYS A 104 21.18 0.20 24.14
N HIS A 105 20.29 0.06 25.12
CA HIS A 105 20.07 1.19 26.02
C HIS A 105 21.07 1.26 27.17
N LEU A 106 21.71 0.15 27.52
CA LEU A 106 22.69 0.26 28.60
C LEU A 106 23.99 0.90 28.13
N PHE A 107 24.46 0.58 26.92
CA PHE A 107 25.83 0.93 26.55
C PHE A 107 25.94 2.01 25.47
N LEU A 108 24.84 2.46 24.87
CA LEU A 108 24.88 3.50 23.85
C LEU A 108 24.35 4.80 24.46
N LYS A 109 25.21 5.80 24.57
CA LYS A 109 24.80 7.07 25.11
C LYS A 109 23.71 7.69 24.25
N GLY A 110 22.67 8.21 24.91
CA GLY A 110 21.58 8.85 24.20
C GLY A 110 20.85 7.94 23.24
N TYR A 111 20.62 6.70 23.62
CA TYR A 111 19.67 5.85 22.92
C TYR A 111 18.28 6.16 23.48
N MET A 112 17.36 6.59 22.62
CA MET A 112 16.06 7.02 23.10
C MET A 112 15.27 5.81 23.61
N ASP A 113 14.72 5.95 24.81
CA ASP A 113 14.39 4.81 25.68
C ASP A 113 13.41 3.82 25.06
N ARG A 114 12.81 4.14 23.91
CA ARG A 114 12.18 3.08 23.13
C ARG A 114 13.19 2.54 22.13
N MET A 115 13.42 3.29 21.06
CA MET A 115 14.38 2.88 20.04
C MET A 115 14.81 4.10 19.23
N ASP A 116 16.09 4.12 18.89
CA ASP A 116 16.62 4.87 17.76
C ASP A 116 17.38 3.87 16.90
N ASP A 117 17.69 4.25 15.66
CA ASP A 117 18.30 3.28 14.77
C ASP A 117 19.33 3.96 13.85
N THR A 118 20.44 3.25 13.63
CA THR A 118 21.54 3.68 12.76
C THR A 118 22.21 4.94 13.31
N TYR A 119 22.40 4.98 14.63
CA TYR A 119 22.84 6.19 15.31
C TYR A 119 24.34 6.38 15.13
N ALA A 120 24.74 7.58 14.69
CA ALA A 120 26.11 7.87 14.31
C ALA A 120 26.57 9.18 14.93
N VAL A 121 27.87 9.26 15.19
CA VAL A 121 28.49 10.34 15.95
C VAL A 121 29.46 11.09 15.02
N TYR A 122 29.31 12.41 14.94
CA TYR A 122 29.97 13.18 13.89
C TYR A 122 31.06 14.14 14.37
N THR A 123 31.35 14.19 15.67
CA THR A 123 32.46 15.01 16.17
C THR A 123 33.36 14.14 17.04
N GLN A 124 34.67 14.40 16.97
CA GLN A 124 35.61 13.53 17.66
C GLN A 124 35.50 13.64 19.18
N SER A 125 35.16 14.83 19.68
CA SER A 125 34.79 14.96 21.09
C SER A 125 33.61 14.04 21.42
N ASP A 126 32.67 13.91 20.49
CA ASP A 126 31.50 13.06 20.71
C ASP A 126 31.89 11.59 20.73
N VAL A 127 32.81 11.17 19.84
CA VAL A 127 33.29 9.79 19.86
C VAL A 127 33.98 9.49 21.19
N TYR A 128 34.80 10.42 21.66
CA TYR A 128 35.49 10.22 22.94
C TYR A 128 34.49 10.07 24.08
N ASP A 129 33.50 10.98 24.14
CA ASP A 129 32.49 10.91 25.18
C ASP A 129 31.74 9.58 25.14
N GLN A 130 31.37 9.14 23.92
CA GLN A 130 30.73 7.84 23.75
C GLN A 130 31.56 6.72 24.34
N LEU A 131 32.81 6.56 23.89
CA LEU A 131 33.68 5.50 24.40
C LEU A 131 33.75 5.51 25.92
N ILE A 132 34.10 6.66 26.50
CA ILE A 132 34.18 6.78 27.96
C ILE A 132 32.88 6.28 28.60
N PHE A 133 31.74 6.67 28.03
CA PHE A 133 30.46 6.24 28.60
C PHE A 133 30.31 4.73 28.56
N ALA A 134 30.47 4.13 27.37
CA ALA A 134 30.28 2.69 27.22
C ALA A 134 31.12 1.92 28.23
N VAL A 135 32.42 2.21 28.29
CA VAL A 135 33.28 1.50 29.23
C VAL A 135 32.80 1.70 30.66
N ASN A 136 32.49 2.95 31.02
CA ASN A 136 32.03 3.23 32.38
C ASN A 136 30.75 2.46 32.72
N GLN A 137 29.89 2.22 31.73
CA GLN A 137 28.70 1.40 31.98
C GLN A 137 29.09 -0.05 32.23
N TYR A 138 30.00 -0.59 31.41
CA TYR A 138 30.42 -1.98 31.64
C TYR A 138 31.00 -2.17 33.04
N LEU A 139 31.81 -1.21 33.50
CA LEU A 139 32.42 -1.39 34.82
C LEU A 139 31.42 -1.17 35.94
N GLN A 140 30.44 -0.29 35.75
CA GLN A 140 29.41 -0.04 36.74
C GLN A 140 28.15 -0.89 36.52
N LEU A 141 28.25 -1.93 35.68
CA LEU A 141 27.06 -2.65 35.22
C LEU A 141 26.18 -3.17 36.34
N TYR A 142 26.78 -3.47 37.50
CA TYR A 142 26.00 -4.10 38.56
C TYR A 142 25.08 -3.10 39.26
N ASN A 143 25.55 -1.88 39.52
CA ASN A 143 24.65 -0.83 39.95
C ASN A 143 23.61 -0.48 38.89
N VAL A 144 24.02 -0.43 37.62
CA VAL A 144 23.15 0.15 36.60
C VAL A 144 22.01 -0.81 36.24
N SER A 145 22.34 -2.03 35.83
CA SER A 145 21.39 -2.87 35.12
C SER A 145 20.32 -3.43 36.04
N VAL A 146 19.13 -3.61 35.47
CA VAL A 146 18.07 -4.37 36.14
C VAL A 146 18.30 -5.87 35.92
N GLY A 147 18.73 -6.23 34.73
CA GLY A 147 18.86 -7.63 34.37
C GLY A 147 19.86 -8.37 35.23
N ASN A 148 19.78 -9.69 35.13
CA ASN A 148 20.69 -10.57 35.84
C ASN A 148 22.04 -10.71 35.14
N HIS A 149 22.31 -9.89 34.13
CA HIS A 149 23.58 -9.97 33.42
C HIS A 149 24.77 -9.94 34.38
N ALA A 150 25.70 -10.87 34.18
CA ALA A 150 26.90 -10.97 34.99
C ALA A 150 28.08 -11.27 34.09
N TYR A 151 29.27 -10.84 34.53
CA TYR A 151 30.46 -11.07 33.73
C TYR A 151 30.82 -12.56 33.71
N GLU A 152 31.71 -12.90 32.78
CA GLU A 152 32.34 -14.21 32.74
C GLU A 152 33.76 -14.11 33.26
N ASN A 153 34.18 -15.13 34.02
CA ASN A 153 35.49 -15.09 34.67
C ASN A 153 36.47 -16.04 34.00
N ALA A 160 37.43 -8.12 31.51
CA ALA A 160 37.65 -8.87 30.29
C ALA A 160 37.15 -8.09 29.06
N MET A 161 37.34 -6.78 29.09
CA MET A 161 36.83 -5.88 28.05
C MET A 161 37.95 -5.64 27.04
N ALA A 162 37.78 -6.17 25.83
CA ALA A 162 38.78 -6.07 24.79
C ALA A 162 38.51 -4.85 23.92
N ILE A 163 39.46 -3.92 23.88
CA ILE A 163 39.36 -2.71 23.07
C ILE A 163 40.28 -2.89 21.87
N CYS A 164 39.70 -3.17 20.72
CA CYS A 164 40.46 -3.31 19.48
C CYS A 164 40.44 -1.99 18.73
N GLN A 165 41.61 -1.59 18.23
CA GLN A 165 41.76 -0.36 17.45
C GLN A 165 42.55 -0.69 16.20
N HIS A 166 41.87 -0.65 15.06
CA HIS A 166 42.47 -1.04 13.79
C HIS A 166 42.81 0.23 13.02
N PHE A 167 44.09 0.51 12.86
CA PHE A 167 44.55 1.68 12.14
C PHE A 167 45.54 1.25 11.06
N TYR A 168 45.72 2.13 10.07
CA TYR A 168 46.62 1.83 8.96
C TYR A 168 48.07 1.83 9.45
N LYS A 169 48.87 0.93 8.87
CA LYS A 169 50.29 0.80 9.22
C LYS A 169 51.00 2.15 9.18
N ARG A 170 51.20 2.69 7.99
CA ARG A 170 51.73 4.04 7.80
C ARG A 170 50.62 4.89 7.20
N GLY A 171 49.86 5.55 8.07
CA GLY A 171 48.89 6.53 7.63
C GLY A 171 49.49 7.91 7.44
N ASN A 172 49.39 8.44 6.21
CA ASN A 172 49.80 9.82 5.93
C ASN A 172 48.78 10.40 4.96
N ILE A 173 48.00 11.38 5.41
CA ILE A 173 46.91 11.95 4.64
C ILE A 173 46.97 13.46 4.78
N TYR A 174 46.91 14.17 3.65
CA TYR A 174 46.97 15.62 3.63
C TYR A 174 46.02 16.14 2.55
N PRO A 175 44.73 16.19 2.85
CA PRO A 175 43.76 16.70 1.87
C PRO A 175 44.00 18.15 1.46
N GLY A 176 44.79 18.90 2.23
CA GLY A 176 45.14 20.24 1.81
C GLY A 176 46.10 20.25 0.63
N ASN A 177 47.11 19.39 0.67
CA ASN A 177 48.05 19.27 -0.44
C ASN A 177 47.43 18.55 -1.63
N ASP A 178 46.23 17.98 -1.46
CA ASP A 178 45.63 17.08 -2.46
C ASP A 178 46.55 15.90 -2.75
N THR A 179 47.27 15.44 -1.73
CA THR A 179 48.23 14.35 -1.84
C THR A 179 48.15 13.48 -0.59
N PHE A 180 48.26 12.16 -0.78
CA PHE A 180 48.25 11.22 0.33
C PHE A 180 49.25 10.10 0.06
N ASP A 181 49.73 9.48 1.15
CA ASP A 181 50.68 8.37 1.08
C ASP A 181 50.29 7.34 2.15
N ILE A 182 50.14 6.08 1.75
CA ILE A 182 49.68 5.03 2.66
C ILE A 182 50.37 3.71 2.30
N ASP A 183 50.56 2.86 3.32
CA ASP A 183 50.86 1.45 3.15
C ASP A 183 49.64 0.67 3.62
N PRO A 184 49.01 -0.12 2.78
CA PRO A 184 47.69 -0.68 3.13
C PRO A 184 47.76 -1.96 3.96
N GLU A 185 48.27 -1.84 5.18
CA GLU A 185 48.18 -2.92 6.15
C GLU A 185 47.22 -2.53 7.26
N ILE A 186 46.95 -3.48 8.15
CA ILE A 186 46.09 -3.26 9.30
C ILE A 186 46.82 -3.75 10.54
N GLU A 187 47.06 -2.85 11.48
CA GLU A 187 47.77 -3.18 12.71
C GLU A 187 46.87 -2.83 13.89
N THR A 188 46.53 -3.83 14.69
CA THR A 188 45.53 -3.70 15.74
C THR A 188 46.24 -3.51 17.08
N GLU A 189 46.22 -2.28 17.60
CA GLU A 189 46.76 -1.98 18.92
C GLU A 189 45.62 -2.10 19.93
N CYS A 190 45.69 -3.10 20.79
CA CYS A 190 44.56 -3.51 21.61
C CYS A 190 44.76 -3.11 23.07
N PHE A 191 43.72 -3.37 23.86
CA PHE A 191 43.68 -3.06 25.28
C PHE A 191 43.04 -4.24 26.00
N PHE A 192 43.14 -4.22 27.33
CA PHE A 192 42.30 -5.07 28.17
C PHE A 192 41.92 -4.29 29.43
N VAL A 193 40.62 -4.26 29.72
CA VAL A 193 40.08 -3.52 30.85
C VAL A 193 39.54 -4.53 31.86
N GLU A 194 39.73 -4.22 33.15
CA GLU A 194 39.31 -5.11 34.21
C GLU A 194 38.30 -4.41 35.12
N PRO A 195 37.23 -5.11 35.53
CA PRO A 195 36.24 -4.59 36.47
C PRO A 195 36.83 -4.28 37.84
N LYS A 208 38.97 3.70 34.84
CA LYS A 208 38.92 4.83 33.91
C LYS A 208 40.30 5.04 33.28
N LEU A 209 40.36 4.89 31.97
CA LEU A 209 41.61 4.76 31.23
C LEU A 209 42.08 6.09 30.66
N ASN A 210 43.23 6.04 30.00
CA ASN A 210 43.71 7.08 29.11
C ASN A 210 43.86 6.50 27.71
N LEU A 211 43.37 7.21 26.70
CA LEU A 211 43.50 6.75 25.33
C LEU A 211 43.68 7.93 24.39
N THR A 212 44.41 7.70 23.31
CA THR A 212 44.63 8.66 22.25
C THR A 212 44.42 7.95 20.92
N LEU A 213 43.55 8.51 20.08
CA LEU A 213 43.27 7.94 18.76
C LEU A 213 43.53 9.03 17.72
N ASP A 214 44.54 8.81 16.88
CA ASP A 214 44.74 9.65 15.72
C ASP A 214 43.69 9.28 14.68
N PHE A 215 42.79 10.21 14.38
CA PHE A 215 41.52 9.83 13.77
C PHE A 215 41.65 9.51 12.28
N HIS A 216 42.43 10.29 11.54
CA HIS A 216 42.57 10.02 10.10
C HIS A 216 43.23 8.67 9.85
N ARG A 217 44.11 8.23 10.76
CA ARG A 217 44.70 6.91 10.65
C ARG A 217 43.72 5.79 10.98
N LEU A 218 42.64 6.13 11.68
CA LEU A 218 41.81 5.13 12.35
C LEU A 218 40.84 4.50 11.36
N LEU A 219 40.92 3.17 11.23
CA LEU A 219 40.01 2.43 10.36
C LEU A 219 38.73 2.02 11.08
N THR A 220 38.83 1.47 12.30
CA THR A 220 37.71 0.99 13.08
C THR A 220 38.11 0.94 14.55
N VAL A 221 37.10 0.78 15.41
CA VAL A 221 37.28 0.52 16.84
C VAL A 221 36.27 -0.54 17.24
N GLU A 222 36.54 -1.20 18.37
CA GLU A 222 35.64 -2.25 18.86
C GLU A 222 35.79 -2.39 20.36
N LEU A 223 34.69 -2.83 21.00
CA LEU A 223 34.66 -3.22 22.40
C LEU A 223 34.03 -4.58 22.51
N GLN A 224 34.71 -5.52 23.18
CA GLN A 224 34.24 -6.90 23.27
C GLN A 224 34.24 -7.33 24.73
N PHE A 225 33.05 -7.70 25.24
CA PHE A 225 32.95 -8.18 26.61
C PHE A 225 31.85 -9.24 26.69
N LYS A 226 32.15 -10.34 27.36
CA LYS A 226 31.18 -11.41 27.56
C LYS A 226 30.24 -11.07 28.72
N LEU A 227 28.97 -11.45 28.59
CA LEU A 227 27.99 -11.28 29.65
C LEU A 227 27.09 -12.50 29.70
N LYS A 228 26.85 -13.01 30.91
CA LYS A 228 26.06 -14.22 31.12
C LYS A 228 24.67 -13.85 31.63
N ALA A 229 23.65 -14.42 30.99
CA ALA A 229 22.26 -14.21 31.38
C ALA A 229 21.58 -15.57 31.55
N ILE A 230 20.77 -15.68 32.60
CA ILE A 230 19.97 -16.87 32.87
C ILE A 230 18.51 -16.57 32.56
N ASN A 231 17.89 -17.42 31.74
CA ASN A 231 16.49 -17.27 31.37
C ASN A 231 15.68 -18.23 32.24
N LEU A 232 14.80 -17.68 33.07
CA LEU A 232 14.09 -18.51 34.05
C LEU A 232 12.86 -19.18 33.45
N GLN A 233 12.04 -18.43 32.72
CA GLN A 233 10.76 -18.94 32.25
C GLN A 233 10.92 -20.20 31.41
N THR A 234 11.84 -20.17 30.44
CA THR A 234 11.99 -21.31 29.54
C THR A 234 12.49 -22.56 30.27
N VAL A 235 13.49 -22.42 31.14
CA VAL A 235 14.01 -23.59 31.85
C VAL A 235 12.97 -24.16 32.80
N ARG A 236 12.33 -23.30 33.58
CA ARG A 236 11.40 -23.82 34.59
C ARG A 236 10.19 -24.47 33.93
N HIS A 237 9.66 -23.86 32.86
CA HIS A 237 8.42 -24.37 32.30
C HIS A 237 8.66 -25.59 31.43
N GLN A 238 9.73 -25.61 30.65
CA GLN A 238 10.04 -26.69 29.72
C GLN A 238 11.54 -26.97 29.77
N GLU A 239 11.94 -28.09 29.19
CA GLU A 239 13.34 -28.53 29.24
C GLU A 239 14.07 -28.10 27.97
N LEU A 240 14.78 -26.99 28.07
CA LEU A 240 15.68 -26.48 27.04
C LEU A 240 16.88 -25.87 27.76
N PRO A 241 18.03 -25.78 27.10
CA PRO A 241 19.19 -25.15 27.72
C PRO A 241 18.92 -23.68 28.02
N ASP A 242 19.28 -23.26 29.23
CA ASP A 242 18.88 -21.95 29.74
C ASP A 242 20.06 -21.08 30.17
N CYS A 243 21.27 -21.43 29.79
CA CYS A 243 22.42 -20.58 30.05
C CYS A 243 22.72 -19.81 28.78
N TYR A 244 22.89 -18.49 28.92
CA TYR A 244 23.04 -17.62 27.77
C TYR A 244 24.36 -16.87 27.88
N ASP A 245 25.32 -17.26 27.05
CA ASP A 245 26.58 -16.55 26.92
C ASP A 245 26.40 -15.49 25.84
N PHE A 246 26.82 -14.26 26.15
CA PHE A 246 26.65 -13.13 25.24
C PHE A 246 28.02 -12.54 24.94
N THR A 247 28.40 -12.56 23.67
CA THR A 247 29.54 -11.80 23.20
C THR A 247 29.02 -10.48 22.61
N LEU A 248 29.61 -9.38 23.04
CA LEU A 248 29.20 -8.05 22.59
C LEU A 248 30.34 -7.40 21.81
N THR A 249 30.02 -6.79 20.68
CA THR A 249 30.98 -6.03 19.89
C THR A 249 30.37 -4.68 19.58
N ILE A 250 30.94 -3.62 20.15
CA ILE A 250 30.52 -2.25 19.86
C ILE A 250 31.50 -1.71 18.83
N THR A 251 31.04 -1.57 17.59
CA THR A 251 31.94 -1.27 16.47
C THR A 251 31.70 0.13 15.93
N PHE A 252 32.79 0.85 15.69
CA PHE A 252 32.76 2.21 15.12
C PHE A 252 33.34 2.15 13.72
N ASP A 253 32.47 2.10 12.72
CA ASP A 253 32.91 2.12 11.33
C ASP A 253 33.36 3.53 10.95
N ASN A 254 34.67 3.68 10.68
CA ASN A 254 35.19 4.83 9.98
C ASN A 254 35.57 4.48 8.54
N LYS A 255 35.25 3.26 8.11
CA LYS A 255 35.77 2.72 6.86
C LYS A 255 35.50 3.64 5.67
N ALA A 256 34.29 4.20 5.60
CA ALA A 256 33.97 5.13 4.53
C ALA A 256 34.80 6.42 4.62
N HIS A 257 35.34 6.73 5.80
CA HIS A 257 36.11 7.95 6.05
C HIS A 257 35.37 9.18 5.52
N SER A 258 34.09 9.27 5.86
CA SER A 258 33.27 10.42 5.51
C SER A 258 33.20 11.45 6.62
N GLY A 259 33.97 11.28 7.69
CA GLY A 259 33.70 11.99 8.92
C GLY A 259 32.48 11.51 9.67
N ARG A 260 31.79 10.50 9.14
CA ARG A 260 30.58 9.97 9.72
C ARG A 260 30.93 8.68 10.44
N ILE A 261 31.08 8.77 11.76
CA ILE A 261 31.45 7.62 12.57
C ILE A 261 30.18 6.86 12.91
N LYS A 262 30.09 5.63 12.42
CA LYS A 262 28.89 4.81 12.56
C LYS A 262 29.09 3.81 13.69
N ILE A 263 28.09 3.72 14.57
CA ILE A 263 28.16 2.86 15.75
C ILE A 263 27.08 1.79 15.62
N SER A 264 27.28 0.68 16.33
CA SER A 264 26.27 -0.36 16.42
C SER A 264 26.62 -1.27 17.59
N LEU A 265 25.72 -2.22 17.87
CA LEU A 265 25.92 -3.21 18.92
C LEU A 265 25.54 -4.58 18.38
N ASP A 266 26.53 -5.47 18.28
CA ASP A 266 26.34 -6.81 17.77
C ASP A 266 26.26 -7.80 18.92
N ASN A 267 25.43 -8.83 18.74
CA ASN A 267 25.17 -9.80 19.80
C ASN A 267 25.25 -11.21 19.24
N ASP A 268 26.11 -12.03 19.81
CA ASP A 268 26.26 -13.44 19.48
C ASP A 268 25.99 -14.25 20.74
N ILE A 269 24.99 -15.14 20.66
CA ILE A 269 24.45 -15.81 21.84
C ILE A 269 24.74 -17.29 21.72
N SER A 270 25.59 -17.79 22.61
CA SER A 270 25.98 -19.20 22.64
C SER A 270 25.31 -19.87 23.84
N ILE A 271 24.52 -20.90 23.58
CA ILE A 271 23.75 -21.57 24.62
C ILE A 271 24.59 -22.69 25.23
N ARG A 272 24.31 -22.97 26.50
CA ARG A 272 24.85 -24.11 27.24
C ARG A 272 23.81 -24.52 28.27
N GLU A 273 24.18 -25.43 29.17
CA GLU A 273 23.28 -25.86 30.24
C GLU A 273 23.89 -25.52 31.59
N CYS A 274 23.03 -25.13 32.53
CA CYS A 274 23.46 -24.84 33.89
C CYS A 274 23.93 -26.13 34.55
N LYS A 275 25.17 -26.12 35.06
CA LYS A 275 25.77 -27.33 35.62
C LYS A 275 24.97 -27.84 36.82
N ASP A 276 24.77 -26.99 37.82
CA ASP A 276 24.08 -27.36 39.04
C ASP A 276 22.78 -26.58 39.12
N TRP A 277 21.66 -27.29 39.18
CA TRP A 277 20.36 -26.67 38.95
C TRP A 277 19.32 -27.33 39.85
N HIS A 278 18.58 -26.50 40.58
CA HIS A 278 17.62 -26.96 41.59
C HIS A 278 16.29 -26.27 41.41
N VAL A 279 15.21 -27.06 41.32
CA VAL A 279 13.86 -26.53 41.22
C VAL A 279 13.02 -27.06 42.38
N SER A 280 12.38 -26.14 43.10
CA SER A 280 11.44 -26.48 44.17
C SER A 280 12.09 -27.31 45.27
N GLY A 281 13.32 -26.92 45.64
CA GLY A 281 14.06 -27.62 46.66
C GLY A 281 14.72 -28.92 46.21
N SER A 282 14.38 -29.44 45.04
CA SER A 282 14.92 -30.67 44.52
C SER A 282 16.06 -30.38 43.55
N ILE A 283 16.48 -31.40 42.80
CA ILE A 283 17.47 -31.25 41.74
C ILE A 283 16.81 -31.69 40.43
N GLN A 284 17.30 -31.16 39.31
CA GLN A 284 16.75 -31.46 38.00
C GLN A 284 17.84 -31.57 36.96
N LYS A 285 17.59 -32.42 35.96
CA LYS A 285 18.38 -32.50 34.74
C LYS A 285 17.42 -32.58 33.57
N ASN A 286 17.63 -31.74 32.56
CA ASN A 286 16.70 -31.67 31.44
C ASN A 286 16.79 -32.96 30.62
N THR A 287 15.67 -33.66 30.50
CA THR A 287 15.58 -34.85 29.65
C THR A 287 15.08 -34.43 28.27
N HIS A 288 15.92 -34.60 27.26
CA HIS A 288 15.57 -34.23 25.89
C HIS A 288 14.92 -35.44 25.21
N TYR A 289 13.60 -35.42 25.13
CA TYR A 289 12.88 -36.44 24.35
C TYR A 289 12.89 -36.13 22.86
N MET A 290 12.93 -34.84 22.50
CA MET A 290 13.01 -34.47 21.09
C MET A 290 14.24 -35.06 20.41
N MET A 291 15.27 -35.39 21.20
CA MET A 291 16.40 -36.16 20.68
C MET A 291 15.95 -37.50 20.10
N ILE A 292 15.07 -38.20 20.82
CA ILE A 292 14.51 -39.46 20.34
C ILE A 292 13.58 -39.20 19.15
N PHE A 293 12.84 -38.10 19.22
CA PHE A 293 11.82 -37.81 18.21
C PHE A 293 12.45 -37.58 16.84
N ASP A 294 13.54 -36.81 16.81
CA ASP A 294 14.28 -36.64 15.57
C ASP A 294 14.61 -38.00 14.97
N ALA A 295 15.13 -38.91 15.80
CA ALA A 295 15.47 -40.25 15.34
C ALA A 295 14.28 -40.94 14.67
N PHE A 296 13.17 -41.04 15.38
CA PHE A 296 12.01 -41.71 14.79
C PHE A 296 11.61 -41.09 13.46
N VAL A 297 11.75 -39.77 13.32
CA VAL A 297 11.38 -39.16 12.06
C VAL A 297 12.38 -39.53 10.96
N ILE A 298 13.67 -39.58 11.29
CA ILE A 298 14.64 -40.08 10.32
C ILE A 298 14.27 -41.49 9.88
N LEU A 299 13.79 -42.31 10.81
CA LEU A 299 13.41 -43.68 10.47
C LEU A 299 12.28 -43.69 9.44
N THR A 300 11.14 -43.09 9.80
CA THR A 300 10.00 -43.09 8.88
C THR A 300 10.40 -42.53 7.52
N CYS A 301 11.12 -41.42 7.53
CA CYS A 301 11.56 -40.79 6.29
C CYS A 301 12.44 -41.72 5.46
N LEU A 302 13.36 -42.44 6.11
CA LEU A 302 14.16 -43.44 5.39
C LEU A 302 13.29 -44.52 4.77
N VAL A 303 12.29 -45.01 5.50
CA VAL A 303 11.46 -46.07 4.96
C VAL A 303 10.72 -45.59 3.71
N SER A 304 10.10 -44.42 3.79
CA SER A 304 9.42 -43.92 2.60
C SER A 304 10.40 -43.42 1.53
N LEU A 305 11.68 -43.29 1.87
CA LEU A 305 12.71 -43.21 0.84
C LEU A 305 12.82 -44.52 0.09
N ILE A 306 13.12 -45.61 0.80
CA ILE A 306 13.36 -46.92 0.18
C ILE A 306 12.15 -47.37 -0.64
N LEU A 307 10.99 -47.47 0.01
CA LEU A 307 9.81 -48.06 -0.63
C LEU A 307 9.48 -47.36 -1.93
N CYS A 308 9.62 -46.03 -1.96
CA CYS A 308 9.32 -45.27 -3.15
C CYS A 308 10.47 -45.29 -4.16
N ILE A 309 11.69 -45.59 -3.70
CA ILE A 309 12.77 -45.86 -4.66
C ILE A 309 12.46 -47.13 -5.45
N ARG A 310 12.11 -48.21 -4.74
CA ARG A 310 11.66 -49.41 -5.44
C ARG A 310 10.46 -49.10 -6.33
N SER A 311 9.51 -48.29 -5.85
CA SER A 311 8.40 -47.89 -6.70
C SER A 311 8.89 -47.14 -7.95
N VAL A 312 10.05 -46.49 -7.87
CA VAL A 312 10.58 -45.78 -9.04
C VAL A 312 11.22 -46.76 -10.02
N ILE A 313 12.10 -47.63 -9.52
CA ILE A 313 12.90 -48.47 -10.41
C ILE A 313 12.06 -49.61 -10.99
N ARG A 314 11.13 -50.15 -10.20
CA ARG A 314 10.18 -51.13 -10.73
C ARG A 314 9.49 -50.58 -11.97
N GLY A 315 8.92 -49.39 -11.86
CA GLY A 315 8.30 -48.75 -13.01
C GLY A 315 9.28 -48.48 -14.14
N LEU A 316 10.53 -48.17 -13.81
CA LEU A 316 11.56 -48.03 -14.84
C LEU A 316 11.71 -49.32 -15.67
N GLN A 317 11.95 -50.43 -14.99
CA GLN A 317 12.13 -51.70 -15.69
C GLN A 317 10.87 -52.12 -16.42
N LEU A 318 9.70 -51.70 -15.93
CA LEU A 318 8.49 -51.87 -16.71
C LEU A 318 8.41 -50.89 -17.88
N GLN A 319 9.19 -49.79 -17.85
CA GLN A 319 9.14 -48.86 -18.98
C GLN A 319 9.98 -49.38 -20.13
N GLN A 320 11.18 -49.88 -19.85
CA GLN A 320 11.93 -50.51 -20.93
C GLN A 320 11.32 -51.85 -21.30
N GLU A 321 10.81 -52.59 -20.32
CA GLU A 321 10.03 -53.79 -20.60
C GLU A 321 8.92 -53.48 -21.61
N PHE A 322 8.21 -52.37 -21.40
CA PHE A 322 7.12 -51.98 -22.29
C PHE A 322 7.64 -51.59 -23.68
N VAL A 323 8.61 -50.68 -23.73
CA VAL A 323 9.04 -50.14 -25.03
C VAL A 323 9.76 -51.20 -25.85
N ASN A 324 10.60 -52.02 -25.20
CA ASN A 324 11.25 -53.13 -25.90
C ASN A 324 10.24 -54.17 -26.34
N PHE A 325 9.27 -54.51 -25.49
CA PHE A 325 8.16 -55.35 -25.93
C PHE A 325 7.55 -54.79 -27.22
N PHE A 326 7.41 -53.47 -27.31
CA PHE A 326 6.62 -52.86 -28.36
C PHE A 326 7.25 -53.04 -29.74
N LEU A 327 8.54 -53.37 -29.81
CA LEU A 327 9.20 -53.54 -31.09
C LEU A 327 8.89 -54.89 -31.73
N LEU A 328 8.86 -55.96 -30.93
CA LEU A 328 8.60 -57.29 -31.46
C LEU A 328 7.26 -57.36 -32.18
N HIS A 329 6.30 -56.53 -31.78
CA HIS A 329 4.96 -56.60 -32.33
C HIS A 329 4.67 -55.42 -33.25
N TYR A 330 4.46 -54.25 -32.64
CA TYR A 330 3.98 -53.08 -33.36
C TYR A 330 5.11 -52.17 -33.86
N LYS A 331 6.30 -52.26 -33.26
CA LYS A 331 7.52 -51.63 -33.79
C LYS A 331 7.46 -50.11 -33.73
N LYS A 332 6.81 -49.54 -32.71
CA LYS A 332 6.84 -48.11 -32.47
C LYS A 332 7.66 -47.81 -31.22
N GLU A 333 7.87 -46.51 -30.96
CA GLU A 333 8.90 -46.08 -30.02
C GLU A 333 8.32 -45.35 -28.82
N VAL A 334 7.82 -44.11 -28.99
CA VAL A 334 7.55 -43.13 -27.94
C VAL A 334 8.63 -43.23 -26.85
N SER A 335 9.90 -43.07 -27.26
CA SER A 335 10.99 -42.95 -26.29
C SER A 335 10.74 -41.84 -25.28
N VAL A 336 9.98 -40.82 -25.67
CA VAL A 336 9.67 -39.71 -24.78
C VAL A 336 8.40 -39.95 -23.99
N SER A 337 7.27 -40.15 -24.69
CA SER A 337 5.95 -40.17 -24.06
C SER A 337 5.90 -41.11 -22.87
N ASP A 338 6.15 -42.40 -23.11
CA ASP A 338 5.96 -43.41 -22.08
C ASP A 338 7.23 -43.77 -21.33
N GLN A 339 8.35 -43.08 -21.57
CA GLN A 339 9.33 -43.06 -20.50
C GLN A 339 8.92 -42.04 -19.44
N MET A 340 8.46 -40.87 -19.90
CA MET A 340 7.82 -39.89 -19.02
C MET A 340 6.69 -40.53 -18.22
N GLU A 341 5.87 -41.37 -18.85
CA GLU A 341 4.68 -41.90 -18.20
C GLU A 341 5.03 -42.75 -16.98
N PHE A 342 5.99 -43.66 -17.12
CA PHE A 342 6.29 -44.60 -16.04
C PHE A 342 6.91 -43.91 -14.83
N VAL A 343 7.83 -42.96 -15.06
CA VAL A 343 8.33 -42.16 -13.95
C VAL A 343 7.15 -41.45 -13.29
N ASN A 344 6.96 -41.71 -12.00
CA ASN A 344 5.78 -41.19 -11.32
C ASN A 344 5.85 -39.66 -11.17
N GLY A 345 7.01 -39.14 -10.78
CA GLY A 345 7.21 -37.72 -10.64
C GLY A 345 6.69 -37.15 -9.34
N TRP A 346 5.70 -37.81 -8.74
CA TRP A 346 5.34 -37.52 -7.36
C TRP A 346 6.21 -38.32 -6.40
N TYR A 347 6.58 -39.54 -6.78
CA TYR A 347 7.55 -40.30 -6.02
C TYR A 347 8.88 -39.57 -5.97
N ILE A 348 9.28 -38.94 -7.08
CA ILE A 348 10.52 -38.17 -7.10
C ILE A 348 10.50 -37.11 -6.01
N MET A 349 9.39 -36.38 -5.90
CA MET A 349 9.23 -35.39 -4.84
C MET A 349 9.35 -36.03 -3.47
N ILE A 350 8.61 -37.12 -3.23
CA ILE A 350 8.69 -37.80 -1.93
C ILE A 350 10.14 -38.16 -1.60
N ILE A 351 10.89 -38.60 -2.60
CA ILE A 351 12.29 -38.95 -2.39
C ILE A 351 13.11 -37.71 -2.03
N ILE A 352 12.87 -36.59 -2.72
CA ILE A 352 13.67 -35.39 -2.48
C ILE A 352 13.39 -34.82 -1.10
N SER A 353 12.11 -34.52 -0.82
CA SER A 353 11.73 -34.07 0.51
C SER A 353 12.17 -35.07 1.58
N ASP A 354 12.30 -36.34 1.20
CA ASP A 354 12.81 -37.34 2.13
C ASP A 354 14.29 -37.11 2.44
N ILE A 355 15.13 -37.05 1.40
CA ILE A 355 16.54 -36.73 1.60
C ILE A 355 16.70 -35.48 2.45
N LEU A 356 16.03 -34.40 2.04
CA LEU A 356 16.12 -33.13 2.75
C LEU A 356 15.68 -33.25 4.21
N THR A 357 14.66 -34.07 4.48
CA THR A 357 14.25 -34.27 5.86
C THR A 357 15.29 -35.07 6.64
N ILE A 358 15.96 -36.03 6.00
CA ILE A 358 17.01 -36.78 6.68
C ILE A 358 18.13 -35.87 7.10
N ILE A 359 18.68 -35.12 6.13
CA ILE A 359 19.83 -34.26 6.43
C ILE A 359 19.43 -33.15 7.40
N GLY A 360 18.24 -32.57 7.20
CA GLY A 360 17.74 -31.57 8.12
C GLY A 360 17.64 -32.10 9.54
N SER A 361 17.11 -33.31 9.70
CA SER A 361 16.98 -33.88 11.04
C SER A 361 18.35 -34.15 11.66
N ILE A 362 19.28 -34.74 10.90
CA ILE A 362 20.61 -35.00 11.42
C ILE A 362 21.28 -33.71 11.87
N LEU A 363 21.19 -32.66 11.04
CA LEU A 363 21.80 -31.40 11.41
C LEU A 363 21.12 -30.77 12.63
N LYS A 364 19.80 -30.93 12.76
CA LYS A 364 19.14 -30.45 13.96
C LYS A 364 19.62 -31.22 15.18
N MET A 365 20.01 -32.49 14.99
CA MET A 365 20.42 -33.36 16.08
C MET A 365 21.84 -33.02 16.55
N GLU A 366 22.79 -32.93 15.61
CA GLU A 366 24.13 -32.47 15.98
C GLU A 366 24.09 -31.05 16.52
N ILE A 367 23.41 -30.16 15.82
CA ILE A 367 23.28 -28.76 16.25
C ILE A 367 22.64 -28.67 17.63
N GLN A 368 21.85 -29.66 18.03
CA GLN A 368 21.34 -29.63 19.40
C GLN A 368 22.32 -30.26 20.39
N ALA A 369 22.99 -31.35 20.01
CA ALA A 369 23.87 -32.06 20.94
C ALA A 369 25.16 -31.27 21.17
N LYS A 370 25.97 -31.15 20.12
CA LYS A 370 27.14 -30.29 20.17
C LYS A 370 26.75 -28.83 20.49
N SER A 371 25.55 -28.40 20.04
CA SER A 371 24.87 -27.20 20.54
C SER A 371 25.53 -25.89 20.12
N LEU A 372 26.09 -25.80 18.91
CA LEU A 372 26.53 -24.50 18.39
C LEU A 372 25.38 -23.50 18.36
N THR A 373 24.25 -23.91 17.78
CA THR A 373 23.08 -23.05 17.58
C THR A 373 23.43 -21.84 16.72
N SER A 374 23.82 -22.12 15.47
CA SER A 374 23.72 -21.14 14.39
C SER A 374 22.37 -21.24 13.71
N TYR A 375 21.92 -22.47 13.42
CA TYR A 375 20.57 -22.89 13.06
C TYR A 375 20.18 -22.59 11.62
N ASP A 376 20.99 -21.88 10.85
CA ASP A 376 20.51 -21.35 9.58
C ASP A 376 20.31 -22.47 8.56
N VAL A 377 21.38 -23.22 8.27
CA VAL A 377 21.34 -24.23 7.22
C VAL A 377 20.48 -25.41 7.63
N CYS A 378 20.26 -25.61 8.93
CA CYS A 378 19.31 -26.63 9.36
C CYS A 378 17.88 -26.18 9.11
N SER A 379 17.57 -24.93 9.48
CA SER A 379 16.22 -24.40 9.31
C SER A 379 15.81 -24.40 7.84
N ILE A 380 16.70 -23.96 6.95
CA ILE A 380 16.34 -23.86 5.53
C ILE A 380 15.96 -25.22 4.97
N LEU A 381 16.79 -26.24 5.22
CA LEU A 381 16.47 -27.60 4.81
C LEU A 381 15.14 -28.08 5.40
N LEU A 382 15.12 -28.23 6.74
CA LEU A 382 13.96 -28.84 7.39
C LEU A 382 12.67 -28.09 7.06
N GLY A 383 12.76 -26.83 6.62
CA GLY A 383 11.62 -26.10 6.10
C GLY A 383 11.25 -26.44 4.66
N THR A 384 12.24 -26.40 3.76
CA THR A 384 11.96 -26.69 2.36
C THR A 384 11.36 -28.09 2.21
N SER A 385 11.78 -29.00 3.09
CA SER A 385 11.23 -30.35 3.07
C SER A 385 9.73 -30.33 3.34
N THR A 386 9.33 -29.83 4.53
CA THR A 386 7.90 -29.82 4.88
C THR A 386 7.09 -29.05 3.84
N MET A 387 7.69 -28.06 3.18
CA MET A 387 7.00 -27.40 2.08
C MET A 387 6.72 -28.39 0.96
N LEU A 388 7.71 -29.21 0.59
CA LEU A 388 7.50 -30.20 -0.46
C LEU A 388 6.53 -31.30 -0.02
N VAL A 389 6.55 -31.67 1.25
CA VAL A 389 5.67 -32.73 1.74
C VAL A 389 4.21 -32.30 1.68
N TRP A 390 3.90 -31.19 2.36
CA TRP A 390 2.54 -30.68 2.33
C TRP A 390 2.08 -30.45 0.89
N LEU A 391 3.00 -30.02 0.01
CA LEU A 391 2.67 -29.99 -1.40
C LEU A 391 2.27 -31.39 -1.89
N GLY A 392 3.04 -32.41 -1.49
CA GLY A 392 2.77 -33.78 -1.88
C GLY A 392 1.42 -34.32 -1.44
N VAL A 393 0.78 -33.69 -0.45
CA VAL A 393 -0.54 -34.14 0.00
C VAL A 393 -1.59 -34.01 -1.11
N ILE A 394 -1.35 -33.15 -2.10
CA ILE A 394 -2.34 -32.88 -3.13
C ILE A 394 -2.76 -34.14 -3.87
N ARG A 395 -1.83 -35.08 -4.06
CA ARG A 395 -2.16 -36.32 -4.75
C ARG A 395 -3.27 -37.08 -4.01
N TYR A 396 -3.15 -37.18 -2.69
CA TYR A 396 -4.14 -37.91 -1.91
C TYR A 396 -5.43 -37.14 -1.77
N LEU A 397 -5.40 -35.81 -1.89
CA LEU A 397 -6.62 -35.11 -2.21
C LEU A 397 -7.17 -35.56 -3.57
N GLY A 398 -6.28 -35.82 -4.53
CA GLY A 398 -6.67 -36.17 -5.88
C GLY A 398 -7.33 -37.52 -6.01
N PHE A 399 -6.97 -38.46 -5.12
CA PHE A 399 -7.62 -39.78 -5.16
C PHE A 399 -9.14 -39.66 -5.07
N PHE A 400 -9.63 -38.61 -4.39
CA PHE A 400 -11.06 -38.34 -4.37
C PHE A 400 -11.60 -38.02 -5.76
N ALA A 401 -10.78 -37.36 -6.58
CA ALA A 401 -10.97 -37.14 -8.02
C ALA A 401 -11.82 -35.92 -8.37
N LYS A 402 -12.13 -35.07 -7.39
CA LYS A 402 -12.84 -33.83 -7.65
C LYS A 402 -11.91 -32.62 -7.65
N TYR A 403 -10.59 -32.84 -7.70
CA TYR A 403 -9.63 -31.78 -7.51
C TYR A 403 -8.45 -31.82 -8.49
N ASN A 404 -8.36 -32.83 -9.36
CA ASN A 404 -7.21 -33.03 -10.23
C ASN A 404 -6.89 -31.84 -11.12
N LEU A 405 -7.74 -30.82 -11.15
CA LEU A 405 -7.62 -29.77 -12.16
C LEU A 405 -6.40 -28.88 -11.93
N LEU A 406 -6.07 -28.60 -10.67
CA LEU A 406 -5.00 -27.64 -10.40
C LEU A 406 -3.64 -28.17 -10.85
N ILE A 407 -3.39 -29.47 -10.67
CA ILE A 407 -2.10 -30.05 -11.06
C ILE A 407 -2.17 -30.72 -12.43
N LEU A 408 -3.35 -30.83 -13.03
CA LEU A 408 -3.41 -31.12 -14.46
C LEU A 408 -3.08 -29.87 -15.27
N THR A 409 -3.76 -28.75 -14.98
CA THR A 409 -3.55 -27.54 -15.74
C THR A 409 -2.28 -26.80 -15.33
N LEU A 410 -1.87 -26.92 -14.06
CA LEU A 410 -0.62 -26.29 -13.67
C LEU A 410 0.57 -26.97 -14.34
N GLN A 411 0.44 -28.25 -14.70
CA GLN A 411 1.45 -28.91 -15.49
C GLN A 411 1.29 -28.63 -16.98
N ALA A 412 0.05 -28.49 -17.45
CA ALA A 412 -0.15 -28.17 -18.86
C ALA A 412 0.08 -26.69 -19.17
N ALA A 413 0.11 -25.83 -18.16
CA ALA A 413 0.37 -24.41 -18.40
C ALA A 413 1.87 -24.11 -18.46
N LEU A 414 2.69 -24.89 -17.75
CA LEU A 414 4.09 -24.55 -17.61
C LEU A 414 4.88 -24.58 -18.93
N PRO A 415 4.75 -25.58 -19.80
CA PRO A 415 5.55 -25.57 -21.05
C PRO A 415 5.33 -24.34 -21.90
N ASN A 416 4.16 -23.72 -21.87
CA ASN A 416 3.89 -22.52 -22.67
C ASN A 416 4.39 -21.27 -21.95
N VAL A 417 3.95 -21.10 -20.70
CA VAL A 417 4.36 -19.94 -19.92
C VAL A 417 5.88 -19.80 -19.91
N ILE A 418 6.62 -20.90 -19.76
CA ILE A 418 8.07 -20.76 -19.64
C ILE A 418 8.65 -20.01 -20.83
N ARG A 419 8.24 -20.40 -22.04
CA ARG A 419 8.59 -19.65 -23.24
C ARG A 419 8.23 -18.17 -23.10
N PHE A 420 6.95 -17.90 -22.77
CA PHE A 420 6.48 -16.52 -22.69
C PHE A 420 7.30 -15.71 -21.67
N CYS A 421 7.39 -16.24 -20.44
CA CYS A 421 8.20 -15.69 -19.36
C CYS A 421 9.59 -15.31 -19.81
N CYS A 422 10.26 -16.20 -20.54
CA CYS A 422 11.59 -15.87 -21.04
C CYS A 422 11.56 -14.59 -21.86
N CYS A 423 10.70 -14.57 -22.89
CA CYS A 423 10.66 -13.39 -23.76
C CYS A 423 10.33 -12.12 -22.99
N ALA A 424 9.43 -12.18 -22.01
CA ALA A 424 9.14 -10.96 -21.25
C ALA A 424 10.27 -10.60 -20.29
N ALA A 425 11.09 -11.58 -19.91
CA ALA A 425 12.24 -11.30 -19.06
C ALA A 425 13.27 -10.46 -19.80
N MET A 426 13.40 -10.65 -21.11
CA MET A 426 14.30 -9.74 -21.85
C MET A 426 13.90 -8.28 -21.68
N ILE A 427 12.63 -7.96 -21.96
CA ILE A 427 12.13 -6.60 -21.72
C ILE A 427 12.44 -6.17 -20.31
N TYR A 428 12.16 -7.04 -19.34
CA TYR A 428 12.33 -6.65 -17.94
C TYR A 428 13.76 -6.24 -17.64
N LEU A 429 14.73 -7.08 -18.00
CA LEU A 429 16.13 -6.74 -17.76
C LEU A 429 16.48 -5.41 -18.40
N GLY A 430 16.25 -5.28 -19.71
CA GLY A 430 16.58 -4.04 -20.38
C GLY A 430 15.94 -2.83 -19.72
N TYR A 431 14.81 -3.04 -19.06
CA TYR A 431 14.16 -1.97 -18.33
C TYR A 431 14.87 -1.70 -17.01
N CYS A 432 15.32 -2.79 -16.37
CA CYS A 432 15.81 -2.75 -15.00
C CYS A 432 17.16 -2.08 -14.93
N PHE A 433 18.03 -2.36 -15.91
CA PHE A 433 19.31 -1.67 -15.98
C PHE A 433 19.13 -0.15 -16.07
N CYS A 434 18.45 0.30 -17.13
CA CYS A 434 18.23 1.74 -17.32
C CYS A 434 17.63 2.37 -16.08
N GLY A 435 16.70 1.68 -15.41
CA GLY A 435 16.18 2.19 -14.15
C GLY A 435 17.28 2.34 -13.11
N TRP A 436 18.09 1.30 -12.94
CA TRP A 436 19.22 1.32 -12.03
C TRP A 436 20.05 2.58 -12.24
N ILE A 437 20.68 2.70 -13.41
CA ILE A 437 21.66 3.77 -13.59
C ILE A 437 20.98 5.13 -13.61
N VAL A 438 20.00 5.32 -14.50
CA VAL A 438 19.45 6.67 -14.67
C VAL A 438 18.79 7.14 -13.38
N LEU A 439 18.17 6.22 -12.64
CA LEU A 439 17.43 6.58 -11.43
C LEU A 439 18.24 6.39 -10.15
N GLY A 440 19.41 5.74 -10.22
CA GLY A 440 20.18 5.45 -9.03
C GLY A 440 20.65 6.66 -8.24
N PRO A 441 21.21 7.69 -8.88
CA PRO A 441 21.68 8.84 -8.10
C PRO A 441 20.61 9.50 -7.24
N TYR A 442 19.33 9.36 -7.61
CA TYR A 442 18.29 10.20 -7.03
C TYR A 442 17.24 9.41 -6.27
N HIS A 443 16.57 8.44 -6.89
CA HIS A 443 15.46 7.76 -6.26
C HIS A 443 15.96 6.82 -5.16
N ASP A 444 15.36 6.96 -3.97
CA ASP A 444 15.80 6.20 -2.80
C ASP A 444 15.69 4.69 -3.02
N LYS A 445 14.74 4.26 -3.85
CA LYS A 445 14.50 2.83 -4.03
C LYS A 445 15.48 2.20 -5.00
N PHE A 446 15.75 2.86 -6.13
CA PHE A 446 16.66 2.32 -7.14
C PHE A 446 18.09 2.66 -6.72
N ARG A 447 18.80 1.67 -6.16
CA ARG A 447 20.18 1.92 -5.75
C ARG A 447 21.07 0.77 -6.19
N SER A 448 21.08 -0.32 -5.43
CA SER A 448 21.63 -1.55 -5.96
C SER A 448 20.71 -2.09 -7.04
N LEU A 449 21.25 -2.97 -7.89
CA LEU A 449 20.44 -3.52 -8.97
C LEU A 449 19.27 -4.34 -8.42
N ASN A 450 19.51 -5.10 -7.36
CA ASN A 450 18.46 -5.95 -6.80
C ASN A 450 17.25 -5.13 -6.37
N MET A 451 17.48 -4.13 -5.50
CA MET A 451 16.37 -3.29 -5.06
C MET A 451 15.54 -2.82 -6.24
N VAL A 452 16.20 -2.47 -7.35
CA VAL A 452 15.47 -2.13 -8.56
C VAL A 452 14.61 -3.31 -9.00
N SER A 453 15.12 -4.54 -8.81
CA SER A 453 14.30 -5.69 -9.16
C SER A 453 13.06 -5.79 -8.25
N GLU A 454 13.18 -5.39 -6.99
CA GLU A 454 12.03 -5.46 -6.10
C GLU A 454 11.09 -4.27 -6.26
N CYS A 455 11.59 -3.17 -6.83
CA CYS A 455 10.71 -2.08 -7.25
C CYS A 455 9.87 -2.51 -8.42
N LEU A 456 10.51 -2.90 -9.51
CA LEU A 456 9.70 -3.24 -10.68
C LEU A 456 8.87 -4.49 -10.45
N PHE A 457 9.25 -5.37 -9.52
CA PHE A 457 8.32 -6.43 -9.17
C PHE A 457 7.19 -5.93 -8.25
N SER A 458 7.49 -4.99 -7.35
CA SER A 458 6.44 -4.40 -6.54
C SER A 458 5.42 -3.68 -7.41
N LEU A 459 5.89 -2.99 -8.45
CA LEU A 459 5.05 -2.16 -9.31
C LEU A 459 4.31 -2.98 -10.35
N ILE A 460 4.87 -4.09 -10.84
CA ILE A 460 4.07 -5.01 -11.63
C ILE A 460 2.81 -5.38 -10.87
N ASN A 461 2.96 -5.69 -9.58
CA ASN A 461 1.83 -6.05 -8.74
C ASN A 461 1.11 -4.85 -8.17
N GLY A 462 1.51 -3.64 -8.55
CA GLY A 462 0.81 -2.44 -8.11
C GLY A 462 0.84 -2.22 -6.62
N ASP A 463 2.03 -2.16 -6.02
CA ASP A 463 2.17 -1.92 -4.59
C ASP A 463 3.29 -0.92 -4.38
N ASP A 464 3.02 0.04 -3.48
CA ASP A 464 3.91 1.18 -3.25
C ASP A 464 4.21 1.89 -4.57
N MET A 465 3.18 2.58 -5.06
CA MET A 465 3.26 3.32 -6.31
C MET A 465 3.49 4.80 -6.05
N PHE A 466 2.49 5.46 -5.44
CA PHE A 466 2.60 6.89 -5.18
C PHE A 466 3.85 7.21 -4.38
N ALA A 467 4.28 6.28 -3.52
CA ALA A 467 5.56 6.41 -2.86
C ALA A 467 6.67 6.65 -3.89
N THR A 468 6.67 5.88 -4.99
CA THR A 468 7.76 5.97 -5.95
C THR A 468 7.74 7.31 -6.70
N PHE A 469 6.57 7.74 -7.16
CA PHE A 469 6.48 9.03 -7.84
C PHE A 469 6.86 10.17 -6.91
N ALA A 470 6.60 10.04 -5.61
CA ALA A 470 6.89 11.12 -4.68
C ALA A 470 8.27 11.06 -4.06
N LYS A 471 9.03 9.98 -4.25
CA LYS A 471 10.36 9.89 -3.67
C LYS A 471 11.47 10.41 -4.58
N MET A 472 11.17 10.80 -5.81
CA MET A 472 12.17 11.48 -6.64
C MET A 472 12.74 12.69 -5.94
N GLN A 473 13.95 13.10 -6.32
CA GLN A 473 14.60 14.21 -5.67
C GLN A 473 14.39 15.54 -6.37
N GLN A 474 13.86 15.53 -7.61
CA GLN A 474 13.46 16.75 -8.31
C GLN A 474 14.63 17.68 -8.59
N LYS A 475 15.83 17.32 -8.15
CA LYS A 475 16.96 18.25 -8.21
C LYS A 475 17.38 18.49 -9.66
N SER A 476 17.42 17.44 -10.47
CA SER A 476 17.73 17.56 -11.89
C SER A 476 16.41 17.42 -12.66
N TYR A 477 15.92 18.54 -13.20
CA TYR A 477 14.61 18.51 -13.86
C TYR A 477 14.59 17.50 -14.99
N LEU A 478 15.65 17.44 -15.80
CA LEU A 478 15.69 16.50 -16.92
C LEU A 478 15.48 15.08 -16.43
N VAL A 479 16.26 14.66 -15.43
CA VAL A 479 16.16 13.29 -14.94
C VAL A 479 14.83 13.05 -14.26
N TRP A 480 14.41 13.99 -13.40
CA TRP A 480 13.10 13.90 -12.76
C TRP A 480 11.99 13.62 -13.78
N LEU A 481 12.01 14.32 -14.90
CA LEU A 481 11.01 14.08 -15.94
C LEU A 481 11.22 12.71 -16.59
N PHE A 482 12.49 12.32 -16.77
CA PHE A 482 12.76 11.01 -17.34
C PHE A 482 12.12 9.92 -16.50
N SER A 483 12.34 9.94 -15.18
CA SER A 483 11.76 8.94 -14.30
C SER A 483 10.27 8.82 -14.50
N ARG A 484 9.59 9.92 -14.82
CA ARG A 484 8.15 9.84 -15.00
C ARG A 484 7.79 9.18 -16.34
N ILE A 485 8.55 9.47 -17.40
CA ILE A 485 8.35 8.67 -18.61
C ILE A 485 8.62 7.20 -18.32
N TYR A 486 9.64 6.94 -17.50
CA TYR A 486 10.04 5.58 -17.15
C TYR A 486 8.91 4.83 -16.47
N LEU A 487 8.41 5.39 -15.37
CA LEU A 487 7.42 4.70 -14.56
C LEU A 487 6.07 4.64 -15.25
N TYR A 488 5.56 5.78 -15.75
CA TYR A 488 4.30 5.71 -16.51
C TYR A 488 4.39 4.67 -17.60
N SER A 489 5.49 4.66 -18.34
CA SER A 489 5.69 3.66 -19.38
C SER A 489 5.62 2.25 -18.80
N PHE A 490 6.61 1.89 -17.97
CA PHE A 490 6.71 0.54 -17.43
C PHE A 490 5.39 0.06 -16.87
N ILE A 491 4.82 0.81 -15.93
CA ILE A 491 3.54 0.42 -15.36
C ILE A 491 2.52 0.14 -16.46
N SER A 492 2.33 1.12 -17.36
CA SER A 492 1.24 1.02 -18.33
C SER A 492 1.51 0.01 -19.44
N LEU A 493 2.72 -0.56 -19.52
CA LEU A 493 3.01 -1.65 -20.44
C LEU A 493 2.98 -3.00 -19.73
N PHE A 494 3.84 -3.15 -18.72
CA PHE A 494 4.11 -4.39 -18.01
C PHE A 494 2.97 -4.80 -17.09
N ILE A 495 2.02 -3.92 -16.80
CA ILE A 495 0.83 -4.38 -16.09
C ILE A 495 -0.17 -4.85 -17.12
N TYR A 496 -0.87 -3.89 -17.74
CA TYR A 496 -2.00 -4.21 -18.62
C TYR A 496 -1.58 -5.18 -19.72
N MET A 497 -0.64 -4.77 -20.56
CA MET A 497 -0.33 -5.54 -21.75
C MET A 497 0.27 -6.90 -21.38
N ILE A 498 1.48 -6.91 -20.82
CA ILE A 498 2.18 -8.17 -20.60
C ILE A 498 1.47 -9.02 -19.55
N LEU A 499 1.14 -8.43 -18.39
CA LEU A 499 0.48 -9.21 -17.35
C LEU A 499 -0.83 -9.80 -17.85
N SER A 500 -1.71 -8.97 -18.43
CA SER A 500 -3.00 -9.49 -18.85
C SER A 500 -2.83 -10.54 -19.95
N LEU A 501 -1.77 -10.44 -20.75
CA LEU A 501 -1.47 -11.49 -21.71
C LEU A 501 -1.12 -12.80 -21.00
N PHE A 502 -0.29 -12.72 -19.96
CA PHE A 502 0.14 -13.89 -19.21
C PHE A 502 -1.06 -14.58 -18.55
N ILE A 503 -1.87 -13.80 -17.84
CA ILE A 503 -3.03 -14.34 -17.13
C ILE A 503 -4.04 -14.91 -18.11
N ALA A 504 -4.23 -14.23 -19.25
CA ALA A 504 -5.10 -14.78 -20.29
C ALA A 504 -4.55 -16.09 -20.83
N LEU A 505 -3.22 -16.23 -20.90
CA LEU A 505 -2.61 -17.49 -21.31
C LEU A 505 -3.01 -18.62 -20.37
N ILE A 506 -2.81 -18.42 -19.07
CA ILE A 506 -3.12 -19.49 -18.12
C ILE A 506 -4.60 -19.84 -18.17
N THR A 507 -5.47 -18.83 -18.14
CA THR A 507 -6.91 -19.11 -18.17
C THR A 507 -7.30 -19.89 -19.42
N ASP A 508 -6.76 -19.51 -20.58
CA ASP A 508 -6.99 -20.26 -21.82
C ASP A 508 -6.61 -21.74 -21.65
N THR A 509 -5.38 -21.98 -21.16
CA THR A 509 -4.95 -23.35 -20.88
C THR A 509 -5.97 -24.07 -20.00
N TYR A 510 -6.50 -23.38 -18.99
CA TYR A 510 -7.51 -23.96 -18.12
C TYR A 510 -8.75 -24.38 -18.90
N GLU A 511 -9.17 -23.57 -19.88
CA GLU A 511 -10.28 -23.99 -20.73
C GLU A 511 -9.97 -25.32 -21.41
N THR A 512 -8.81 -25.40 -22.07
CA THR A 512 -8.50 -26.61 -22.83
C THR A 512 -8.47 -27.84 -21.94
N ILE A 513 -7.84 -27.73 -20.76
CA ILE A 513 -7.80 -28.89 -19.86
C ILE A 513 -9.18 -29.18 -19.28
N LYS A 514 -10.03 -28.16 -19.16
CA LYS A 514 -11.42 -28.40 -18.76
C LYS A 514 -12.11 -29.34 -19.75
N GLN A 515 -12.05 -29.03 -21.05
CA GLN A 515 -12.74 -29.93 -21.97
C GLN A 515 -11.96 -31.22 -22.22
N TYR A 516 -10.70 -31.31 -21.78
CA TYR A 516 -10.08 -32.62 -21.64
C TYR A 516 -10.78 -33.42 -20.55
N GLN A 517 -10.85 -32.86 -19.34
CA GLN A 517 -11.63 -33.46 -18.25
C GLN A 517 -13.02 -33.87 -18.71
N GLN A 518 -13.57 -33.20 -19.73
CA GLN A 518 -14.90 -33.55 -20.20
C GLN A 518 -14.88 -34.71 -21.21
N ASP A 519 -13.94 -34.70 -22.17
CA ASP A 519 -13.92 -35.68 -23.27
C ASP A 519 -12.57 -36.37 -23.36
N GLY A 520 -12.32 -37.33 -22.48
CA GLY A 520 -11.10 -38.13 -22.57
C GLY A 520 -9.85 -37.29 -22.40
N PHE A 521 -8.81 -37.64 -23.16
CA PHE A 521 -7.54 -36.95 -23.06
C PHE A 521 -6.82 -37.08 -24.40
N PRO A 522 -5.62 -36.52 -24.57
CA PRO A 522 -4.82 -36.90 -25.75
C PRO A 522 -4.50 -38.38 -25.70
N GLU A 523 -4.74 -39.05 -26.81
CA GLU A 523 -4.74 -40.51 -26.83
C GLU A 523 -3.31 -41.03 -27.00
N THR A 524 -2.88 -41.85 -26.05
CA THR A 524 -1.55 -42.47 -26.10
C THR A 524 -1.69 -43.95 -26.43
N GLU A 525 -0.80 -44.43 -27.28
CA GLU A 525 -0.67 -45.86 -27.58
C GLU A 525 -0.75 -46.73 -26.33
N LEU A 526 -0.21 -46.24 -25.21
CA LEU A 526 -0.37 -46.92 -23.92
C LEU A 526 -1.85 -46.98 -23.53
N ARG A 527 -2.48 -45.81 -23.40
CA ARG A 527 -3.85 -45.75 -22.89
C ARG A 527 -4.85 -46.22 -23.93
N THR A 528 -4.45 -46.31 -25.20
CA THR A 528 -5.21 -47.15 -26.14
C THR A 528 -4.99 -48.62 -25.82
N PHE A 529 -3.78 -48.97 -25.39
CA PHE A 529 -3.34 -50.34 -25.22
C PHE A 529 -3.66 -50.86 -23.81
N ILE A 530 -3.72 -49.99 -22.81
CA ILE A 530 -4.35 -50.32 -21.54
C ILE A 530 -5.78 -49.76 -21.57
N SER A 531 -6.76 -50.64 -21.75
CA SER A 531 -8.16 -50.28 -21.92
C SER A 531 -8.97 -51.50 -22.30
N LEU B 38 -57.57 -35.83 -11.20
CA LEU B 38 -57.14 -37.01 -10.46
C LEU B 38 -56.42 -36.62 -9.17
N LEU B 39 -56.09 -37.63 -8.36
CA LEU B 39 -55.24 -37.43 -7.18
C LEU B 39 -53.98 -36.66 -7.54
N GLU B 40 -53.28 -37.12 -8.58
CA GLU B 40 -52.11 -36.44 -9.11
C GLU B 40 -52.34 -34.94 -9.24
N ASP B 41 -53.39 -34.55 -9.95
CA ASP B 41 -53.64 -33.14 -10.22
C ASP B 41 -54.01 -32.40 -8.94
N GLN B 42 -54.69 -33.07 -7.99
CA GLN B 42 -54.96 -32.43 -6.71
C GLN B 42 -53.67 -32.03 -6.01
N MET B 43 -52.83 -33.02 -5.68
CA MET B 43 -51.63 -32.73 -4.89
C MET B 43 -50.72 -31.76 -5.65
N ARG B 44 -50.50 -32.02 -6.94
CA ARG B 44 -49.67 -31.10 -7.71
C ARG B 44 -50.30 -29.72 -7.77
N ARG B 45 -51.64 -29.67 -7.67
CA ARG B 45 -52.34 -28.39 -7.78
C ARG B 45 -52.12 -27.53 -6.54
N LYS B 46 -52.19 -28.12 -5.34
CA LYS B 46 -51.78 -27.36 -4.16
C LYS B 46 -50.29 -27.02 -4.22
N LEU B 47 -49.49 -27.92 -4.78
CA LEU B 47 -48.06 -27.70 -4.87
C LEU B 47 -47.74 -26.47 -5.72
N LYS B 48 -48.45 -26.32 -6.84
CA LYS B 48 -48.18 -25.22 -7.77
C LYS B 48 -48.11 -23.88 -7.05
N PHE B 49 -48.93 -23.70 -6.02
CA PHE B 49 -48.86 -22.47 -5.24
C PHE B 49 -48.12 -22.62 -3.92
N PHE B 50 -47.69 -23.83 -3.56
CA PHE B 50 -46.63 -23.88 -2.54
C PHE B 50 -45.41 -23.07 -2.96
N PHE B 51 -45.01 -23.18 -4.23
CA PHE B 51 -43.73 -22.67 -4.72
C PHE B 51 -43.76 -21.29 -5.36
N MET B 52 -44.88 -20.58 -5.32
CA MET B 52 -44.91 -19.29 -6.00
C MET B 52 -43.92 -18.34 -5.34
N ASN B 53 -42.83 -18.01 -6.07
CA ASN B 53 -41.64 -17.48 -5.41
C ASN B 53 -41.89 -16.10 -4.81
N PRO B 54 -42.28 -15.07 -5.58
CA PRO B 54 -42.72 -13.84 -4.92
C PRO B 54 -43.96 -14.11 -4.10
N CYS B 55 -43.89 -13.81 -2.80
CA CYS B 55 -45.11 -13.89 -1.99
C CYS B 55 -46.17 -12.96 -2.54
N GLU B 56 -45.75 -11.90 -3.23
CA GLU B 56 -46.66 -11.13 -4.07
C GLU B 56 -47.32 -12.03 -5.11
N LYS B 57 -46.54 -12.92 -5.73
CA LYS B 57 -47.06 -13.80 -6.78
C LYS B 57 -47.93 -14.90 -6.20
N PHE B 58 -47.64 -15.37 -4.99
CA PHE B 58 -48.48 -16.39 -4.36
C PHE B 58 -49.80 -15.78 -3.92
N TRP B 59 -49.75 -14.68 -3.16
CA TRP B 59 -50.95 -13.94 -2.82
C TRP B 59 -51.75 -13.55 -4.07
N ALA B 60 -51.08 -13.41 -5.21
CA ALA B 60 -51.77 -13.05 -6.44
C ALA B 60 -52.89 -14.03 -6.79
N ARG B 61 -52.72 -15.32 -6.46
CA ARG B 61 -53.80 -16.29 -6.53
C ARG B 61 -55.03 -15.79 -5.81
N GLY B 62 -54.95 -15.83 -4.49
CA GLY B 62 -56.03 -15.41 -3.63
C GLY B 62 -55.45 -14.72 -2.41
N ARG B 63 -56.29 -13.93 -1.78
CA ARG B 63 -55.84 -13.00 -0.76
C ARG B 63 -55.39 -13.75 0.50
N LYS B 64 -54.23 -13.34 1.02
CA LYS B 64 -53.76 -13.73 2.34
C LYS B 64 -53.33 -12.51 3.13
N PRO B 65 -53.53 -12.52 4.45
CA PRO B 65 -53.07 -11.40 5.28
C PRO B 65 -51.55 -11.35 5.33
N TRP B 66 -51.04 -10.17 5.67
CA TRP B 66 -49.63 -9.91 5.49
C TRP B 66 -48.73 -10.66 6.47
N LYS B 67 -47.71 -11.32 5.91
CA LYS B 67 -46.58 -11.84 6.66
C LYS B 67 -45.31 -11.06 6.32
N LEU B 68 -44.93 -11.02 5.03
CA LEU B 68 -43.75 -10.32 4.55
C LEU B 68 -43.58 -8.93 5.15
N ALA B 69 -44.71 -8.25 5.41
CA ALA B 69 -44.65 -6.96 6.08
C ALA B 69 -43.98 -7.06 7.45
N ILE B 70 -44.16 -8.18 8.15
CA ILE B 70 -43.51 -8.32 9.45
C ILE B 70 -42.02 -8.57 9.28
N GLN B 71 -41.59 -9.09 8.13
CA GLN B 71 -40.17 -9.30 7.89
C GLN B 71 -39.48 -7.98 7.55
N ILE B 72 -40.14 -7.15 6.74
CA ILE B 72 -39.63 -5.80 6.51
C ILE B 72 -39.57 -5.02 7.82
N LEU B 73 -40.63 -5.14 8.64
CA LEU B 73 -40.61 -4.55 9.97
C LEU B 73 -39.44 -5.07 10.79
N LYS B 74 -39.16 -6.37 10.70
CA LYS B 74 -38.02 -6.93 11.40
C LYS B 74 -36.73 -6.25 10.99
N ILE B 75 -36.47 -6.15 9.69
CA ILE B 75 -35.25 -5.49 9.23
C ILE B 75 -35.14 -4.10 9.84
N ALA B 76 -36.18 -3.28 9.64
CA ALA B 76 -36.14 -1.91 10.16
C ALA B 76 -35.85 -1.90 11.66
N MET B 77 -36.52 -2.76 12.42
CA MET B 77 -36.26 -2.91 13.85
C MET B 77 -34.80 -3.22 14.12
N VAL B 78 -34.39 -4.45 13.82
CA VAL B 78 -33.06 -4.99 14.13
C VAL B 78 -31.98 -3.96 13.83
N THR B 79 -32.06 -3.31 12.66
CA THR B 79 -31.01 -2.35 12.35
C THR B 79 -31.16 -1.04 13.13
N ILE B 80 -32.39 -0.62 13.46
CA ILE B 80 -32.53 0.58 14.27
C ILE B 80 -32.00 0.32 15.68
N GLN B 81 -32.25 -0.88 16.21
CA GLN B 81 -31.64 -1.30 17.47
C GLN B 81 -30.13 -1.27 17.39
N LEU B 82 -29.57 -1.84 16.32
CA LEU B 82 -28.11 -1.96 16.24
C LEU B 82 -27.46 -0.60 16.11
N VAL B 83 -28.08 0.31 15.37
CA VAL B 83 -27.53 1.66 15.22
C VAL B 83 -27.63 2.44 16.52
N LEU B 84 -28.84 2.48 17.10
CA LEU B 84 -29.04 3.18 18.37
C LEU B 84 -28.10 2.64 19.45
N PHE B 85 -27.78 1.35 19.39
CA PHE B 85 -26.79 0.75 20.28
C PHE B 85 -25.39 1.27 19.97
N GLY B 86 -24.96 1.10 18.72
CA GLY B 86 -23.62 1.49 18.33
C GLY B 86 -23.27 2.92 18.68
N LEU B 87 -24.20 3.85 18.52
CA LEU B 87 -23.90 5.25 18.82
C LEU B 87 -23.59 5.45 20.30
N SER B 88 -24.48 4.96 21.17
CA SER B 88 -24.27 5.05 22.61
C SER B 88 -22.94 4.44 23.02
N ASN B 89 -22.74 3.17 22.67
CA ASN B 89 -21.48 2.50 22.99
C ASN B 89 -20.29 3.31 22.49
N GLN B 90 -20.42 3.91 21.31
CA GLN B 90 -19.33 4.68 20.72
C GLN B 90 -19.00 5.90 21.57
N MET B 91 -20.03 6.58 22.10
CA MET B 91 -19.75 7.72 22.98
C MET B 91 -19.04 7.28 24.26
N VAL B 92 -19.46 6.15 24.83
CA VAL B 92 -18.80 5.68 26.04
C VAL B 92 -17.34 5.32 25.75
N VAL B 93 -17.07 4.74 24.59
CA VAL B 93 -15.70 4.41 24.20
C VAL B 93 -14.87 5.68 24.04
N ALA B 94 -15.44 6.69 23.36
CA ALA B 94 -14.71 7.95 23.20
C ALA B 94 -14.29 8.51 24.55
N PHE B 95 -15.20 8.48 25.53
CA PHE B 95 -14.82 9.03 26.84
C PHE B 95 -13.72 8.18 27.50
N LYS B 96 -13.82 6.85 27.42
CA LYS B 96 -12.78 6.03 28.04
C LYS B 96 -11.42 6.29 27.38
N GLU B 97 -11.42 6.46 26.06
CA GLU B 97 -10.19 6.74 25.33
C GLU B 97 -9.54 8.03 25.84
N GLU B 98 -10.29 9.14 25.78
CA GLU B 98 -9.75 10.40 26.24
C GLU B 98 -9.19 10.29 27.66
N ASN B 99 -9.97 9.69 28.56
CA ASN B 99 -9.53 9.64 29.96
C ASN B 99 -8.26 8.79 30.13
N THR B 100 -8.23 7.59 29.55
CA THR B 100 -7.04 6.76 29.72
C THR B 100 -5.80 7.42 29.12
N ILE B 101 -5.97 8.26 28.09
CA ILE B 101 -4.85 9.06 27.60
C ILE B 101 -4.39 10.04 28.69
N ALA B 102 -5.33 10.86 29.18
CA ALA B 102 -4.99 11.83 30.23
C ALA B 102 -4.30 11.16 31.40
N PHE B 103 -4.66 9.90 31.70
CA PHE B 103 -3.98 9.15 32.74
C PHE B 103 -2.56 8.80 32.32
N LYS B 104 -2.40 8.29 31.11
CA LYS B 104 -1.06 7.97 30.63
C LYS B 104 -0.11 9.15 30.80
N HIS B 105 -0.59 10.37 30.58
CA HIS B 105 0.29 11.52 30.81
C HIS B 105 0.33 11.97 32.25
N LEU B 106 -0.67 11.64 33.06
CA LEU B 106 -0.58 12.06 34.46
C LEU B 106 0.39 11.19 35.25
N PHE B 107 0.38 9.87 35.02
CA PHE B 107 1.07 8.96 35.94
C PHE B 107 2.32 8.30 35.38
N LEU B 108 2.66 8.48 34.11
CA LEU B 108 3.86 7.90 33.52
C LEU B 108 4.88 9.00 33.31
N LYS B 109 6.00 8.92 34.03
CA LYS B 109 7.06 9.91 33.89
C LYS B 109 7.58 9.92 32.46
N GLY B 110 7.76 11.12 31.91
CA GLY B 110 8.28 11.26 30.57
C GLY B 110 7.44 10.61 29.50
N TYR B 111 6.12 10.71 29.60
CA TYR B 111 5.26 10.40 28.47
C TYR B 111 5.17 11.63 27.59
N MET B 112 5.57 11.52 26.33
CA MET B 112 5.63 12.69 25.48
C MET B 112 4.22 13.19 25.16
N ASP B 113 4.01 14.50 25.34
CA ASP B 113 2.70 15.08 25.61
C ASP B 113 1.67 14.80 24.52
N ARG B 114 2.06 14.25 23.38
CA ARG B 114 1.07 13.64 22.50
C ARG B 114 0.93 12.17 22.85
N MET B 115 1.90 11.37 22.41
CA MET B 115 1.88 9.94 22.69
C MET B 115 3.29 9.38 22.54
N ASP B 116 3.63 8.45 23.41
CA ASP B 116 4.66 7.47 23.20
C ASP B 116 4.02 6.11 23.45
N ASP B 117 4.67 5.03 23.01
CA ASP B 117 4.04 3.72 23.12
C ASP B 117 5.05 2.64 23.42
N THR B 118 4.63 1.71 24.30
CA THR B 118 5.44 0.55 24.71
C THR B 118 6.67 0.99 25.50
N TYR B 119 6.50 1.99 26.36
CA TYR B 119 7.62 2.64 27.03
C TYR B 119 8.14 1.78 28.17
N ALA B 120 9.45 1.53 28.19
CA ALA B 120 10.08 0.59 29.11
C ALA B 120 11.31 1.22 29.74
N VAL B 121 11.61 0.79 30.97
CA VAL B 121 12.63 1.39 31.81
C VAL B 121 13.70 0.34 32.08
N TYR B 122 14.96 0.68 31.82
CA TYR B 122 16.03 -0.32 31.76
C TYR B 122 17.07 -0.22 32.87
N THR B 123 16.95 0.73 33.81
CA THR B 123 17.86 0.78 34.95
C THR B 123 17.04 0.81 36.24
N GLN B 124 17.56 0.17 37.28
CA GLN B 124 16.79 0.02 38.51
C GLN B 124 16.58 1.36 39.21
N SER B 125 17.57 2.26 39.12
CA SER B 125 17.35 3.63 39.55
C SER B 125 16.17 4.26 38.81
N ASP B 126 16.04 3.94 37.53
CA ASP B 126 14.95 4.48 36.73
C ASP B 126 13.60 3.91 37.17
N VAL B 127 13.55 2.62 37.49
CA VAL B 127 12.31 2.03 37.99
C VAL B 127 11.92 2.68 39.31
N TYR B 128 12.89 2.90 40.20
CA TYR B 128 12.59 3.56 41.47
C TYR B 128 12.04 4.96 41.25
N ASP B 129 12.71 5.74 40.39
CA ASP B 129 12.24 7.10 40.12
C ASP B 129 10.82 7.08 39.55
N GLN B 130 10.56 6.16 38.62
CA GLN B 130 9.21 5.99 38.08
C GLN B 130 8.18 5.78 39.18
N LEU B 131 8.36 4.71 39.98
CA LEU B 131 7.42 4.42 41.07
C LEU B 131 7.16 5.64 41.95
N ILE B 132 8.24 6.25 42.47
CA ILE B 132 8.09 7.44 43.31
C ILE B 132 7.23 8.48 42.60
N PHE B 133 7.48 8.70 41.31
CA PHE B 133 6.71 9.69 40.57
C PHE B 133 5.23 9.34 40.53
N ALA B 134 4.91 8.13 40.06
CA ALA B 134 3.51 7.72 39.93
C ALA B 134 2.75 7.93 41.22
N VAL B 135 3.28 7.39 42.32
CA VAL B 135 2.59 7.54 43.60
C VAL B 135 2.43 9.01 43.96
N ASN B 136 3.49 9.80 43.81
CA ASN B 136 3.41 11.22 44.14
C ASN B 136 2.36 11.94 43.30
N GLN B 137 2.15 11.51 42.06
CA GLN B 137 1.08 12.09 41.25
C GLN B 137 -0.30 11.72 41.81
N TYR B 138 -0.48 10.45 42.17
CA TYR B 138 -1.77 10.05 42.74
C TYR B 138 -2.09 10.86 43.99
N LEU B 139 -1.11 11.08 44.86
CA LEU B 139 -1.39 11.81 46.09
C LEU B 139 -1.61 13.29 45.85
N GLN B 140 -0.92 13.87 44.86
CA GLN B 140 -1.07 15.28 44.50
C GLN B 140 -2.08 15.50 43.40
N LEU B 141 -2.91 14.49 43.09
CA LEU B 141 -3.75 14.51 41.90
C LEU B 141 -4.64 15.75 41.80
N TYR B 142 -5.03 16.32 42.95
CA TYR B 142 -5.98 17.43 42.90
C TYR B 142 -5.33 18.73 42.45
N ASN B 143 -4.11 19.00 42.90
CA ASN B 143 -3.35 20.10 42.31
C ASN B 143 -3.02 19.85 40.84
N VAL B 144 -2.67 18.63 40.49
CA VAL B 144 -2.09 18.36 39.17
C VAL B 144 -3.17 18.40 38.08
N SER B 145 -4.20 17.57 38.23
CA SER B 145 -5.07 17.26 37.10
C SER B 145 -5.99 18.40 36.74
N VAL B 146 -6.29 18.50 35.45
CA VAL B 146 -7.35 19.37 34.96
C VAL B 146 -8.71 18.70 35.13
N GLY B 147 -8.76 17.40 34.87
CA GLY B 147 -10.01 16.68 34.89
C GLY B 147 -10.69 16.67 36.24
N ASN B 148 -11.95 16.28 36.20
CA ASN B 148 -12.75 16.16 37.41
C ASN B 148 -12.49 14.88 38.18
N HIS B 149 -11.45 14.13 37.82
CA HIS B 149 -11.14 12.88 38.50
C HIS B 149 -11.06 13.09 40.01
N ALA B 150 -11.74 12.21 40.74
CA ALA B 150 -11.75 12.24 42.20
C ALA B 150 -11.64 10.82 42.73
N TYR B 151 -11.07 10.68 43.92
CA TYR B 151 -10.91 9.36 44.52
C TYR B 151 -12.27 8.77 44.91
N GLU B 152 -12.26 7.48 45.18
CA GLU B 152 -13.38 6.77 45.76
C GLU B 152 -13.09 6.52 47.24
N ASN B 153 -14.13 6.65 48.07
CA ASN B 153 -13.96 6.54 49.51
C ASN B 153 -14.55 5.24 50.05
N ALA B 160 -6.26 4.78 48.99
CA ALA B 160 -6.73 3.47 48.55
C ALA B 160 -5.85 2.92 47.43
N MET B 161 -4.55 3.20 47.50
CA MET B 161 -3.60 2.83 46.46
C MET B 161 -2.96 1.50 46.82
N ALA B 162 -3.28 0.46 46.07
CA ALA B 162 -2.79 -0.89 46.34
C ALA B 162 -1.51 -1.14 45.55
N ILE B 163 -0.42 -1.41 46.27
CA ILE B 163 0.87 -1.69 45.67
C ILE B 163 1.11 -3.19 45.81
N CYS B 164 0.93 -3.93 44.72
CA CYS B 164 1.18 -5.37 44.70
C CYS B 164 2.59 -5.63 44.19
N GLN B 165 3.30 -6.53 44.88
CA GLN B 165 4.65 -6.91 44.50
C GLN B 165 4.73 -8.42 44.50
N HIS B 166 4.84 -9.02 43.32
CA HIS B 166 4.82 -10.47 43.15
C HIS B 166 6.26 -10.93 42.93
N PHE B 167 6.81 -11.63 43.92
CA PHE B 167 8.16 -12.16 43.82
C PHE B 167 8.15 -13.64 44.10
N TYR B 168 9.21 -14.32 43.66
CA TYR B 168 9.31 -15.76 43.84
C TYR B 168 9.50 -16.10 45.31
N LYS B 169 8.91 -17.22 45.74
CA LYS B 169 8.99 -17.69 47.12
C LYS B 169 10.43 -17.72 47.60
N ARG B 170 11.21 -18.67 47.09
CA ARG B 170 12.65 -18.72 47.35
C ARG B 170 13.36 -18.43 46.03
N GLY B 171 13.70 -17.15 45.82
CA GLY B 171 14.53 -16.77 44.70
C GLY B 171 16.00 -16.88 45.01
N ASN B 172 16.73 -17.69 44.24
CA ASN B 172 18.18 -17.76 44.32
C ASN B 172 18.72 -17.89 42.90
N ILE B 173 19.42 -16.87 42.44
CA ILE B 173 19.90 -16.81 41.06
C ILE B 173 21.34 -16.32 41.07
N TYR B 174 22.22 -17.03 40.37
CA TYR B 174 23.65 -16.70 40.31
C TYR B 174 24.16 -16.96 38.90
N PRO B 175 23.89 -16.05 37.96
CA PRO B 175 24.38 -16.23 36.60
C PRO B 175 25.89 -16.31 36.48
N GLY B 176 26.63 -15.88 37.51
CA GLY B 176 28.07 -16.05 37.49
C GLY B 176 28.48 -17.50 37.65
N ASN B 177 27.84 -18.21 38.59
CA ASN B 177 28.13 -19.62 38.78
C ASN B 177 27.53 -20.47 37.66
N ASP B 178 26.72 -19.89 36.80
CA ASP B 178 25.92 -20.64 35.81
C ASP B 178 25.02 -21.65 36.51
N THR B 179 24.52 -21.30 37.69
CA THR B 179 23.68 -22.15 38.52
C THR B 179 22.60 -21.32 39.19
N PHE B 180 21.39 -21.87 39.27
CA PHE B 180 20.27 -21.21 39.92
C PHE B 180 19.44 -22.22 40.68
N ASP B 181 18.74 -21.74 41.72
CA ASP B 181 17.86 -22.56 42.55
C ASP B 181 16.60 -21.76 42.87
N ILE B 182 15.43 -22.35 42.62
CA ILE B 182 14.16 -21.66 42.79
C ILE B 182 13.09 -22.63 43.26
N ASP B 183 12.12 -22.12 44.02
CA ASP B 183 10.85 -22.78 44.28
C ASP B 183 9.77 -21.98 43.56
N PRO B 184 9.05 -22.57 42.64
CA PRO B 184 8.19 -21.75 41.75
C PRO B 184 6.82 -21.44 42.34
N GLU B 185 6.80 -20.67 43.43
CA GLU B 185 5.56 -20.12 43.96
C GLU B 185 5.55 -18.61 43.72
N ILE B 186 4.40 -18.00 44.02
CA ILE B 186 4.24 -16.56 43.91
C ILE B 186 3.67 -16.05 45.23
N GLU B 187 4.41 -15.15 45.88
CA GLU B 187 4.01 -14.58 47.16
C GLU B 187 3.95 -13.07 47.02
N THR B 188 2.77 -12.51 47.23
CA THR B 188 2.50 -11.10 46.96
C THR B 188 2.57 -10.32 48.26
N GLU B 189 3.65 -9.55 48.44
CA GLU B 189 3.81 -8.67 49.58
C GLU B 189 3.29 -7.30 49.18
N CYS B 190 2.16 -6.89 49.78
CA CYS B 190 1.40 -5.75 49.30
C CYS B 190 1.55 -4.55 50.23
N PHE B 191 0.95 -3.44 49.80
CA PHE B 191 0.98 -2.17 50.50
C PHE B 191 -0.42 -1.56 50.45
N PHE B 192 -0.62 -0.51 51.24
CA PHE B 192 -1.77 0.38 51.05
C PHE B 192 -1.33 1.80 51.36
N VAL B 193 -1.60 2.71 50.43
CA VAL B 193 -1.22 4.11 50.53
C VAL B 193 -2.47 4.94 50.69
N GLU B 194 -2.38 5.98 51.52
CA GLU B 194 -3.52 6.84 51.79
C GLU B 194 -3.22 8.28 51.40
N PRO B 195 -4.17 8.97 50.76
CA PRO B 195 -4.04 10.39 50.41
C PRO B 195 -3.89 11.29 51.63
N LYS B 208 4.77 9.85 51.26
CA LYS B 208 6.02 9.40 50.65
C LYS B 208 6.61 8.24 51.45
N LEU B 209 6.73 7.09 50.79
CA LEU B 209 6.98 5.82 51.45
C LEU B 209 8.47 5.47 51.45
N ASN B 210 8.77 4.33 52.07
CA ASN B 210 10.03 3.62 51.91
C ASN B 210 9.76 2.25 51.32
N LEU B 211 10.54 1.86 50.32
CA LEU B 211 10.38 0.54 49.72
C LEU B 211 11.73 0.00 49.29
N THR B 212 11.84 -1.33 49.33
CA THR B 212 13.01 -2.06 48.87
C THR B 212 12.54 -3.23 48.03
N LEU B 213 13.05 -3.33 46.80
CA LEU B 213 12.70 -4.43 45.90
C LEU B 213 13.98 -5.12 45.47
N ASP B 214 14.14 -6.37 45.90
CA ASP B 214 15.21 -7.21 45.37
C ASP B 214 14.83 -7.63 43.95
N PHE B 215 15.61 -7.18 42.97
CA PHE B 215 15.11 -7.13 41.61
C PHE B 215 15.11 -8.51 40.93
N HIS B 216 16.14 -9.31 41.14
CA HIS B 216 16.18 -10.63 40.50
C HIS B 216 15.06 -11.53 41.01
N ARG B 217 14.64 -11.34 42.27
CA ARG B 217 13.50 -12.08 42.79
C ARG B 217 12.18 -11.60 42.22
N LEU B 218 12.15 -10.39 41.67
CA LEU B 218 10.91 -9.68 41.41
C LEU B 218 10.28 -10.16 40.09
N LEU B 219 9.05 -10.67 40.17
CA LEU B 219 8.32 -11.11 38.99
C LEU B 219 7.54 -9.97 38.34
N THR B 220 6.81 -9.18 39.13
CA THR B 220 5.98 -8.08 38.64
C THR B 220 5.74 -7.10 39.77
N VAL B 221 5.22 -5.92 39.40
CA VAL B 221 4.74 -4.91 40.34
C VAL B 221 3.44 -4.35 39.79
N GLU B 222 2.65 -3.73 40.66
CA GLU B 222 1.38 -3.16 40.25
C GLU B 222 0.99 -2.03 41.19
N LEU B 223 0.23 -1.08 40.65
CA LEU B 223 -0.40 0.00 41.41
C LEU B 223 -1.87 0.05 41.02
N GLN B 224 -2.76 0.01 42.01
CA GLN B 224 -4.20 -0.04 41.76
C GLN B 224 -4.89 1.04 42.58
N PHE B 225 -5.57 1.96 41.89
CA PHE B 225 -6.31 3.01 42.56
C PHE B 225 -7.56 3.36 41.75
N LYS B 226 -8.69 3.47 42.44
CA LYS B 226 -9.95 3.85 41.81
C LYS B 226 -10.02 5.36 41.62
N LEU B 227 -10.61 5.79 40.51
CA LEU B 227 -10.83 7.21 40.24
C LEU B 227 -12.20 7.39 39.61
N LYS B 228 -12.96 8.37 40.09
CA LYS B 228 -14.32 8.62 39.62
C LYS B 228 -14.34 9.84 38.70
N ALA B 229 -14.96 9.69 37.54
CA ALA B 229 -15.11 10.76 36.56
C ALA B 229 -16.57 10.90 36.18
N ILE B 230 -17.04 12.15 36.07
CA ILE B 230 -18.40 12.45 35.64
C ILE B 230 -18.33 13.02 34.22
N ASN B 231 -19.12 12.43 33.32
CA ASN B 231 -19.20 12.87 31.93
C ASN B 231 -20.45 13.74 31.78
N LEU B 232 -20.24 15.02 31.45
CA LEU B 232 -21.35 15.97 31.45
C LEU B 232 -22.14 15.92 30.14
N GLN B 233 -21.44 15.93 29.00
CA GLN B 233 -22.10 16.07 27.71
C GLN B 233 -23.12 14.96 27.49
N THR B 234 -22.74 13.71 27.73
CA THR B 234 -23.63 12.59 27.45
C THR B 234 -24.87 12.61 28.34
N VAL B 235 -24.70 12.87 29.64
CA VAL B 235 -25.85 12.87 30.54
C VAL B 235 -26.78 14.03 30.22
N ARG B 236 -26.24 15.23 30.04
CA ARG B 236 -27.11 16.38 29.83
C ARG B 236 -27.85 16.28 28.51
N HIS B 237 -27.16 15.84 27.46
CA HIS B 237 -27.79 15.87 26.14
C HIS B 237 -28.76 14.72 25.95
N GLN B 238 -28.42 13.53 26.44
CA GLN B 238 -29.23 12.33 26.27
C GLN B 238 -29.21 11.53 27.57
N GLU B 239 -30.10 10.55 27.67
CA GLU B 239 -30.26 9.78 28.90
C GLU B 239 -29.47 8.47 28.79
N LEU B 240 -28.28 8.48 29.37
CA LEU B 240 -27.42 7.32 29.55
C LEU B 240 -26.73 7.46 30.90
N PRO B 241 -26.29 6.35 31.49
CA PRO B 241 -25.58 6.44 32.77
C PRO B 241 -24.28 7.21 32.60
N ASP B 242 -24.02 8.14 33.53
CA ASP B 242 -22.94 9.10 33.39
C ASP B 242 -21.95 9.09 34.54
N CYS B 243 -21.96 8.06 35.37
CA CYS B 243 -20.97 7.93 36.43
C CYS B 243 -19.92 6.93 35.95
N TYR B 244 -18.66 7.31 36.08
CA TYR B 244 -17.57 6.51 35.52
C TYR B 244 -16.61 6.13 36.64
N ASP B 245 -16.64 4.86 37.02
CA ASP B 245 -15.68 4.30 37.95
C ASP B 245 -14.50 3.79 37.15
N PHE B 246 -13.29 4.16 37.57
CA PHE B 246 -12.07 3.79 36.88
C PHE B 246 -11.17 3.01 37.82
N THR B 247 -10.88 1.77 37.46
CA THR B 247 -9.83 1.00 38.11
C THR B 247 -8.57 1.13 37.27
N LEU B 248 -7.45 1.47 37.91
CA LEU B 248 -6.18 1.64 37.24
C LEU B 248 -5.19 0.60 37.73
N THR B 249 -4.45 0.00 36.80
CA THR B 249 -3.38 -0.94 37.15
C THR B 249 -2.14 -0.53 36.38
N ILE B 250 -1.12 -0.07 37.09
CA ILE B 250 0.17 0.26 36.49
C ILE B 250 1.07 -0.94 36.72
N THR B 251 1.35 -1.70 35.66
CA THR B 251 2.02 -2.99 35.78
C THR B 251 3.42 -2.93 35.20
N PHE B 252 4.38 -3.51 35.93
CA PHE B 252 5.78 -3.59 35.52
C PHE B 252 6.10 -5.06 35.25
N ASP B 253 6.08 -5.45 33.97
CA ASP B 253 6.44 -6.80 33.60
C ASP B 253 7.95 -6.98 33.68
N ASN B 254 8.39 -7.82 34.61
CA ASN B 254 9.74 -8.36 34.60
C ASN B 254 9.75 -9.81 34.17
N LYS B 255 8.59 -10.34 33.75
CA LYS B 255 8.41 -11.77 33.56
C LYS B 255 9.47 -12.36 32.62
N ALA B 256 9.78 -11.66 31.53
CA ALA B 256 10.81 -12.14 30.63
C ALA B 256 12.19 -12.14 31.26
N HIS B 257 12.39 -11.37 32.34
CA HIS B 257 13.67 -11.23 33.03
C HIS B 257 14.81 -10.97 32.05
N SER B 258 14.58 -10.02 31.14
CA SER B 258 15.59 -9.59 30.19
C SER B 258 16.37 -8.38 30.67
N GLY B 259 16.13 -7.93 31.90
CA GLY B 259 16.54 -6.60 32.29
C GLY B 259 15.70 -5.49 31.71
N ARG B 260 14.69 -5.84 30.92
CA ARG B 260 13.83 -4.88 30.23
C ARG B 260 12.53 -4.81 31.01
N ILE B 261 12.40 -3.78 31.84
CA ILE B 261 11.21 -3.60 32.68
C ILE B 261 10.16 -2.88 31.83
N LYS B 262 9.06 -3.56 31.57
CA LYS B 262 8.01 -3.05 30.70
C LYS B 262 6.87 -2.49 31.55
N ILE B 263 6.42 -1.29 31.20
CA ILE B 263 5.39 -0.58 31.95
C ILE B 263 4.17 -0.42 31.04
N SER B 264 3.01 -0.24 31.66
CA SER B 264 1.79 0.09 30.93
C SER B 264 0.77 0.63 31.93
N LEU B 265 -0.37 1.07 31.40
CA LEU B 265 -1.49 1.57 32.20
C LEU B 265 -2.77 0.96 31.67
N ASP B 266 -3.42 0.15 32.51
CA ASP B 266 -4.65 -0.53 32.15
C ASP B 266 -5.84 0.20 32.79
N ASN B 267 -6.96 0.20 32.07
CA ASN B 267 -8.14 0.95 32.47
C ASN B 267 -9.37 0.07 32.33
N ASP B 268 -10.11 -0.10 33.43
CA ASP B 268 -11.37 -0.83 33.46
C ASP B 268 -12.43 0.13 33.97
N ILE B 269 -13.47 0.35 33.15
CA ILE B 269 -14.44 1.41 33.37
C ILE B 269 -15.79 0.77 33.66
N SER B 270 -16.28 0.94 34.89
CA SER B 270 -17.56 0.40 35.32
C SER B 270 -18.55 1.55 35.45
N ILE B 271 -19.65 1.46 34.71
CA ILE B 271 -20.64 2.53 34.69
C ILE B 271 -21.67 2.31 35.78
N ARG B 272 -22.23 3.42 36.26
CA ARG B 272 -23.37 3.45 37.18
C ARG B 272 -24.16 4.71 36.89
N GLU B 273 -25.13 5.03 37.75
CA GLU B 273 -25.91 6.25 37.61
C GLU B 273 -25.72 7.14 38.83
N CYS B 274 -25.67 8.45 38.58
CA CYS B 274 -25.57 9.42 39.66
C CYS B 274 -26.84 9.40 40.50
N LYS B 275 -26.68 9.18 41.81
CA LYS B 275 -27.83 9.03 42.69
C LYS B 275 -28.71 10.28 42.70
N ASP B 276 -28.11 11.42 43.02
CA ASP B 276 -28.83 12.69 43.14
C ASP B 276 -28.35 13.61 42.02
N TRP B 277 -29.27 14.05 41.17
CA TRP B 277 -28.89 14.68 39.91
C TRP B 277 -29.88 15.77 39.57
N HIS B 278 -29.38 16.97 39.28
CA HIS B 278 -30.20 18.15 39.06
C HIS B 278 -29.76 18.87 37.79
N VAL B 279 -30.71 19.13 36.89
CA VAL B 279 -30.46 19.87 35.66
C VAL B 279 -31.34 21.11 35.63
N SER B 280 -30.72 22.28 35.42
CA SER B 280 -31.44 23.53 35.22
C SER B 280 -32.31 23.88 36.42
N GLY B 281 -31.77 23.67 37.63
CA GLY B 281 -32.49 23.95 38.85
C GLY B 281 -33.52 22.91 39.25
N SER B 282 -33.86 21.98 38.36
CA SER B 282 -34.87 20.95 38.63
C SER B 282 -34.17 19.65 39.04
N ILE B 283 -34.93 18.56 39.04
CA ILE B 283 -34.39 17.23 39.29
C ILE B 283 -34.71 16.37 38.07
N GLN B 284 -33.88 15.34 37.85
CA GLN B 284 -34.04 14.47 36.69
C GLN B 284 -33.73 13.03 37.06
N LYS B 285 -34.41 12.12 36.36
CA LYS B 285 -34.11 10.69 36.37
C LYS B 285 -34.16 10.19 34.94
N ASN B 286 -33.12 9.49 34.50
CA ASN B 286 -33.04 9.05 33.13
C ASN B 286 -34.10 7.99 32.85
N THR B 287 -34.97 8.27 31.88
CA THR B 287 -35.98 7.31 31.43
C THR B 287 -35.42 6.55 30.24
N HIS B 288 -35.23 5.24 30.41
CA HIS B 288 -34.68 4.40 29.35
C HIS B 288 -35.85 3.85 28.53
N TYR B 289 -36.08 4.45 27.36
CA TYR B 289 -37.05 3.91 26.42
C TYR B 289 -36.47 2.77 25.60
N MET B 290 -35.16 2.78 25.34
CA MET B 290 -34.52 1.69 24.63
C MET B 290 -34.71 0.35 25.34
N MET B 291 -34.98 0.39 26.65
CA MET B 291 -35.39 -0.81 27.37
C MET B 291 -36.67 -1.41 26.77
N ILE B 292 -37.65 -0.55 26.47
CA ILE B 292 -38.87 -1.00 25.82
C ILE B 292 -38.60 -1.44 24.38
N PHE B 293 -37.70 -0.72 23.72
CA PHE B 293 -37.44 -0.94 22.30
C PHE B 293 -36.83 -2.33 22.08
N ASP B 294 -35.87 -2.71 22.92
CA ASP B 294 -35.33 -4.06 22.87
C ASP B 294 -36.46 -5.08 22.91
N ALA B 295 -37.39 -4.91 23.85
CA ALA B 295 -38.53 -5.81 23.99
C ALA B 295 -39.31 -5.93 22.68
N PHE B 296 -39.77 -4.80 22.13
CA PHE B 296 -40.53 -4.87 20.88
C PHE B 296 -39.76 -5.60 19.78
N VAL B 297 -38.43 -5.44 19.74
CA VAL B 297 -37.67 -6.14 18.71
C VAL B 297 -37.63 -7.64 18.98
N ILE B 298 -37.49 -8.04 20.24
CA ILE B 298 -37.60 -9.46 20.57
C ILE B 298 -38.94 -10.00 20.12
N LEU B 299 -40.00 -9.21 20.27
CA LEU B 299 -41.33 -9.67 19.87
C LEU B 299 -41.37 -9.93 18.36
N THR B 300 -41.09 -8.91 17.55
CA THR B 300 -41.14 -9.08 16.10
C THR B 300 -40.28 -10.26 15.67
N CYS B 301 -39.06 -10.32 16.21
CA CYS B 301 -38.14 -11.39 15.85
C CYS B 301 -38.71 -12.76 16.22
N LEU B 302 -39.34 -12.89 17.38
CA LEU B 302 -40.02 -14.14 17.74
C LEU B 302 -41.11 -14.50 16.75
N VAL B 303 -41.91 -13.52 16.33
CA VAL B 303 -43.01 -13.82 15.41
C VAL B 303 -42.45 -14.35 14.09
N SER B 304 -41.45 -13.66 13.52
CA SER B 304 -40.89 -14.16 12.28
C SER B 304 -40.03 -15.40 12.50
N LEU B 305 -39.71 -15.74 13.75
CA LEU B 305 -39.23 -17.08 14.05
C LEU B 305 -40.34 -18.10 13.81
N ILE B 306 -41.46 -17.95 14.53
CA ILE B 306 -42.54 -18.93 14.49
C ILE B 306 -43.07 -19.11 13.06
N LEU B 307 -43.51 -18.01 12.44
CA LEU B 307 -44.21 -18.09 11.15
C LEU B 307 -43.35 -18.80 10.12
N CYS B 308 -42.04 -18.55 10.13
CA CYS B 308 -41.14 -19.18 9.18
C CYS B 308 -40.74 -20.58 9.62
N ILE B 309 -40.87 -20.92 10.90
CA ILE B 309 -40.74 -22.31 11.30
C ILE B 309 -41.88 -23.14 10.70
N ARG B 310 -43.12 -22.67 10.87
CA ARG B 310 -44.23 -23.33 10.19
C ARG B 310 -44.00 -23.37 8.69
N SER B 311 -43.51 -22.28 8.10
CA SER B 311 -43.17 -22.31 6.67
C SER B 311 -42.13 -23.38 6.37
N VAL B 312 -41.29 -23.74 7.33
CA VAL B 312 -40.29 -24.78 7.10
C VAL B 312 -40.92 -26.17 7.18
N ILE B 313 -41.68 -26.44 8.24
CA ILE B 313 -42.17 -27.79 8.49
C ILE B 313 -43.33 -28.14 7.55
N ARG B 314 -44.18 -27.16 7.24
CA ARG B 314 -45.22 -27.37 6.23
C ARG B 314 -44.60 -27.90 4.93
N GLY B 315 -43.59 -27.19 4.43
CA GLY B 315 -42.88 -27.67 3.26
C GLY B 315 -42.22 -29.02 3.46
N LEU B 316 -41.75 -29.29 4.68
CA LEU B 316 -41.21 -30.61 4.99
C LEU B 316 -42.26 -31.71 4.74
N GLN B 317 -43.42 -31.57 5.38
CA GLN B 317 -44.46 -32.58 5.23
C GLN B 317 -44.97 -32.65 3.80
N LEU B 318 -44.88 -31.54 3.05
CA LEU B 318 -45.13 -31.62 1.61
C LEU B 318 -43.97 -32.28 0.86
N GLN B 319 -42.77 -32.36 1.44
CA GLN B 319 -41.68 -33.01 0.72
C GLN B 319 -41.81 -34.52 0.84
N GLN B 320 -42.11 -35.03 2.04
CA GLN B 320 -42.35 -36.46 2.13
C GLN B 320 -43.70 -36.81 1.51
N GLU B 321 -44.69 -35.94 1.66
CA GLU B 321 -45.94 -36.09 0.94
C GLU B 321 -45.69 -36.27 -0.56
N PHE B 322 -44.80 -35.46 -1.12
CA PHE B 322 -44.46 -35.53 -2.54
C PHE B 322 -43.74 -36.83 -2.89
N VAL B 323 -42.65 -37.14 -2.16
CA VAL B 323 -41.81 -38.27 -2.54
C VAL B 323 -42.53 -39.59 -2.30
N ASN B 324 -43.28 -39.70 -1.19
CA ASN B 324 -44.08 -40.89 -0.94
C ASN B 324 -45.21 -41.02 -1.96
N PHE B 325 -45.88 -39.91 -2.29
CA PHE B 325 -46.82 -39.94 -3.40
C PHE B 325 -46.17 -40.54 -4.65
N PHE B 326 -44.91 -40.19 -4.90
CA PHE B 326 -44.27 -40.50 -6.18
C PHE B 326 -44.07 -41.99 -6.39
N LEU B 327 -44.12 -42.79 -5.31
CA LEU B 327 -43.91 -44.23 -5.44
C LEU B 327 -45.16 -44.95 -5.95
N LEU B 328 -46.34 -44.55 -5.47
CA LEU B 328 -47.58 -45.21 -5.89
C LEU B 328 -47.77 -45.14 -7.40
N HIS B 329 -47.24 -44.11 -8.04
CA HIS B 329 -47.47 -43.90 -9.46
C HIS B 329 -46.22 -44.19 -10.28
N TYR B 330 -45.24 -43.28 -10.20
CA TYR B 330 -44.08 -43.32 -11.08
C TYR B 330 -42.89 -44.06 -10.46
N LYS B 331 -42.87 -44.21 -9.13
CA LYS B 331 -41.91 -45.08 -8.43
C LYS B 331 -40.47 -44.61 -8.55
N LYS B 332 -40.24 -43.30 -8.58
CA LYS B 332 -38.90 -42.75 -8.53
C LYS B 332 -38.68 -42.06 -7.18
N GLU B 333 -37.44 -41.61 -6.95
CA GLU B 333 -37.00 -41.23 -5.62
C GLU B 333 -36.63 -39.75 -5.51
N VAL B 334 -35.52 -39.33 -6.10
CA VAL B 334 -34.82 -38.07 -5.82
C VAL B 334 -34.89 -37.75 -4.33
N SER B 335 -34.43 -38.68 -3.49
CA SER B 335 -34.27 -38.42 -2.06
C SER B 335 -33.45 -37.16 -1.80
N VAL B 336 -32.54 -36.82 -2.72
CA VAL B 336 -31.68 -35.65 -2.56
C VAL B 336 -32.32 -34.42 -3.20
N SER B 337 -32.60 -34.48 -4.51
CA SER B 337 -32.99 -33.30 -5.27
C SER B 337 -34.15 -32.54 -4.62
N ASP B 338 -35.29 -33.21 -4.45
CA ASP B 338 -36.49 -32.53 -3.98
C ASP B 338 -36.72 -32.66 -2.48
N GLN B 339 -35.79 -33.23 -1.73
CA GLN B 339 -35.78 -32.84 -0.33
C GLN B 339 -35.07 -31.51 -0.17
N MET B 340 -33.96 -31.33 -0.89
CA MET B 340 -33.31 -30.03 -1.00
C MET B 340 -34.29 -28.96 -1.47
N GLU B 341 -35.14 -29.30 -2.45
CA GLU B 341 -36.01 -28.29 -3.06
C GLU B 341 -36.99 -27.69 -2.05
N PHE B 342 -37.65 -28.54 -1.26
CA PHE B 342 -38.69 -28.05 -0.35
C PHE B 342 -38.13 -27.20 0.78
N VAL B 343 -37.00 -27.59 1.35
CA VAL B 343 -36.33 -26.72 2.32
C VAL B 343 -36.00 -25.40 1.64
N ASN B 344 -36.54 -24.31 2.18
CA ASN B 344 -36.39 -23.01 1.53
C ASN B 344 -34.94 -22.54 1.56
N GLY B 345 -34.29 -22.67 2.71
CA GLY B 345 -32.89 -22.28 2.85
C GLY B 345 -32.69 -20.80 3.10
N TRP B 346 -33.63 -19.98 2.63
CA TRP B 346 -33.69 -18.58 3.06
C TRP B 346 -34.46 -18.44 4.36
N TYR B 347 -35.50 -19.28 4.54
CA TYR B 347 -36.18 -19.34 5.82
C TYR B 347 -35.22 -19.78 6.93
N ILE B 348 -34.33 -20.72 6.62
CA ILE B 348 -33.34 -21.17 7.60
C ILE B 348 -32.52 -19.99 8.09
N MET B 349 -32.06 -19.14 7.17
CA MET B 349 -31.34 -17.93 7.55
C MET B 349 -32.19 -17.03 8.43
N ILE B 350 -33.42 -16.75 8.01
CA ILE B 350 -34.29 -15.90 8.82
C ILE B 350 -34.43 -16.45 10.24
N ILE B 351 -34.52 -17.78 10.36
CA ILE B 351 -34.61 -18.40 11.68
C ILE B 351 -33.33 -18.20 12.47
N ILE B 352 -32.17 -18.34 11.82
CA ILE B 352 -30.90 -18.25 12.55
C ILE B 352 -30.66 -16.82 13.02
N SER B 353 -30.67 -15.87 12.08
CA SER B 353 -30.56 -14.46 12.44
C SER B 353 -31.64 -14.07 13.45
N ASP B 354 -32.76 -14.78 13.44
CA ASP B 354 -33.81 -14.54 14.43
C ASP B 354 -33.34 -14.96 15.82
N ILE B 355 -32.93 -16.23 15.97
CA ILE B 355 -32.38 -16.71 17.24
C ILE B 355 -31.31 -15.75 17.75
N LEU B 356 -30.33 -15.47 16.90
CA LEU B 356 -29.21 -14.59 17.27
C LEU B 356 -29.69 -13.22 17.69
N THR B 357 -30.72 -12.69 17.04
CA THR B 357 -31.26 -11.39 17.45
C THR B 357 -31.97 -11.48 18.80
N ILE B 358 -32.63 -12.61 19.08
CA ILE B 358 -33.29 -12.79 20.38
C ILE B 358 -32.25 -12.77 21.49
N ILE B 359 -31.25 -13.64 21.38
CA ILE B 359 -30.26 -13.75 22.45
C ILE B 359 -29.45 -12.46 22.55
N GLY B 360 -29.08 -11.88 21.40
CA GLY B 360 -28.39 -10.61 21.41
C GLY B 360 -29.18 -9.52 22.14
N SER B 361 -30.48 -9.44 21.86
CA SER B 361 -31.31 -8.43 22.51
C SER B 361 -31.40 -8.68 24.02
N ILE B 362 -31.65 -9.93 24.41
CA ILE B 362 -31.74 -10.25 25.83
C ILE B 362 -30.44 -9.86 26.55
N LEU B 363 -29.30 -10.23 25.96
CA LEU B 363 -28.03 -9.91 26.59
C LEU B 363 -27.78 -8.40 26.62
N LYS B 364 -28.22 -7.67 25.59
CA LYS B 364 -28.12 -6.21 25.67
C LYS B 364 -28.99 -5.67 26.78
N MET B 365 -30.10 -6.35 27.07
CA MET B 365 -31.05 -5.89 28.08
C MET B 365 -30.55 -6.13 29.49
N GLU B 366 -30.09 -7.35 29.78
CA GLU B 366 -29.46 -7.62 31.07
C GLU B 366 -28.20 -6.77 31.25
N ILE B 367 -27.34 -6.77 30.22
CA ILE B 367 -26.10 -5.99 30.25
C ILE B 367 -26.39 -4.51 30.46
N GLN B 368 -27.58 -4.04 30.07
CA GLN B 368 -27.90 -2.65 30.38
C GLN B 368 -28.49 -2.49 31.78
N ALA B 369 -29.34 -3.43 32.20
CA ALA B 369 -30.02 -3.31 33.48
C ALA B 369 -29.06 -3.56 34.64
N LYS B 370 -28.59 -4.80 34.76
CA LYS B 370 -27.54 -5.13 35.71
C LYS B 370 -26.28 -4.30 35.47
N SER B 371 -26.01 -3.96 34.20
CA SER B 371 -25.08 -2.89 33.82
C SER B 371 -23.61 -3.22 34.04
N LEU B 372 -23.18 -4.47 33.85
CA LEU B 372 -21.74 -4.76 33.84
C LEU B 372 -21.01 -3.92 32.78
N THR B 373 -21.52 -3.93 31.55
CA THR B 373 -20.90 -3.28 30.41
C THR B 373 -19.50 -3.85 30.16
N SER B 374 -19.46 -5.15 29.84
CA SER B 374 -18.35 -5.73 29.11
C SER B 374 -18.58 -5.63 27.60
N TYR B 375 -19.79 -5.97 27.17
CA TYR B 375 -20.40 -5.69 25.87
C TYR B 375 -19.91 -6.59 24.74
N ASP B 376 -18.93 -7.46 24.95
CA ASP B 376 -18.29 -8.12 23.83
C ASP B 376 -19.20 -9.15 23.19
N VAL B 377 -19.66 -10.12 23.99
CA VAL B 377 -20.45 -11.22 23.45
C VAL B 377 -21.84 -10.76 23.04
N CYS B 378 -22.31 -9.64 23.56
CA CYS B 378 -23.56 -9.07 23.07
C CYS B 378 -23.36 -8.44 21.70
N SER B 379 -22.29 -7.66 21.56
CA SER B 379 -22.02 -6.98 20.29
C SER B 379 -21.82 -7.98 19.16
N ILE B 380 -21.05 -9.05 19.41
CA ILE B 380 -20.77 -10.00 18.34
C ILE B 380 -22.05 -10.62 17.80
N LEU B 381 -22.92 -11.10 18.70
CA LEU B 381 -24.22 -11.64 18.30
C LEU B 381 -25.04 -10.60 17.54
N LEU B 382 -25.45 -9.54 18.25
CA LEU B 382 -26.37 -8.58 17.67
C LEU B 382 -25.85 -7.98 16.37
N GLY B 383 -24.54 -8.07 16.12
CA GLY B 383 -23.96 -7.73 14.83
C GLY B 383 -24.10 -8.81 13.77
N THR B 384 -23.68 -10.04 14.11
CA THR B 384 -23.77 -11.13 13.13
C THR B 384 -25.20 -11.30 12.65
N SER B 385 -26.16 -11.04 13.53
CA SER B 385 -27.56 -11.14 13.15
C SER B 385 -27.90 -10.14 12.05
N THR B 386 -27.72 -8.84 12.31
CA THR B 386 -28.05 -7.83 11.30
C THR B 386 -27.28 -8.06 10.01
N MET B 387 -26.08 -8.65 10.10
CA MET B 387 -25.38 -9.03 8.88
C MET B 387 -26.18 -10.07 8.10
N LEU B 388 -26.70 -11.09 8.80
CA LEU B 388 -27.50 -12.10 8.11
C LEU B 388 -28.84 -11.54 7.61
N VAL B 389 -29.43 -10.60 8.34
CA VAL B 389 -30.71 -10.03 7.94
C VAL B 389 -30.57 -9.23 6.66
N TRP B 390 -29.70 -8.22 6.69
CA TRP B 390 -29.47 -7.43 5.48
C TRP B 390 -29.06 -8.31 4.31
N LEU B 391 -28.31 -9.39 4.58
CA LEU B 391 -28.09 -10.39 3.54
C LEU B 391 -29.42 -10.94 3.04
N GLY B 392 -30.33 -11.27 3.97
CA GLY B 392 -31.63 -11.80 3.62
C GLY B 392 -32.49 -10.90 2.76
N VAL B 393 -32.19 -9.59 2.72
CA VAL B 393 -32.96 -8.68 1.88
C VAL B 393 -32.85 -9.01 0.38
N ILE B 394 -31.78 -9.74 0.00
CA ILE B 394 -31.52 -10.01 -1.42
C ILE B 394 -32.69 -10.73 -2.07
N ARG B 395 -33.37 -11.60 -1.33
CA ARG B 395 -34.50 -12.33 -1.90
C ARG B 395 -35.59 -11.36 -2.38
N TYR B 396 -35.91 -10.36 -1.57
CA TYR B 396 -36.95 -9.41 -1.92
C TYR B 396 -36.49 -8.43 -2.99
N LEU B 397 -35.18 -8.20 -3.10
CA LEU B 397 -34.68 -7.66 -4.37
C LEU B 397 -34.98 -8.61 -5.52
N GLY B 398 -34.86 -9.91 -5.27
CA GLY B 398 -35.01 -10.92 -6.32
C GLY B 398 -36.43 -11.05 -6.84
N PHE B 399 -37.43 -10.75 -6.01
CA PHE B 399 -38.82 -10.80 -6.48
C PHE B 399 -39.01 -9.93 -7.72
N PHE B 400 -38.23 -8.85 -7.83
CA PHE B 400 -38.26 -8.03 -9.04
C PHE B 400 -37.80 -8.82 -10.26
N ALA B 401 -36.85 -9.73 -10.06
CA ALA B 401 -36.41 -10.77 -11.01
C ALA B 401 -35.34 -10.30 -12.00
N LYS B 402 -34.76 -9.12 -11.78
CA LYS B 402 -33.66 -8.65 -12.60
C LYS B 402 -32.31 -8.78 -11.91
N TYR B 403 -32.26 -9.55 -10.82
CA TYR B 403 -31.08 -9.61 -9.97
C TYR B 403 -30.71 -11.02 -9.50
N ASN B 404 -31.50 -12.05 -9.83
CA ASN B 404 -31.31 -13.39 -9.33
C ASN B 404 -29.94 -13.98 -9.62
N LEU B 405 -29.11 -13.30 -10.41
CA LEU B 405 -27.89 -13.92 -10.93
C LEU B 405 -26.85 -14.12 -9.84
N LEU B 406 -26.74 -13.18 -8.90
CA LEU B 406 -25.66 -13.25 -7.92
C LEU B 406 -25.81 -14.44 -6.99
N ILE B 407 -27.04 -14.77 -6.59
CA ILE B 407 -27.27 -15.88 -5.69
C ILE B 407 -27.68 -17.16 -6.43
N LEU B 408 -27.91 -17.08 -7.75
CA LEU B 408 -27.93 -18.30 -8.54
C LEU B 408 -26.52 -18.81 -8.80
N THR B 409 -25.63 -17.93 -9.28
CA THR B 409 -24.28 -18.35 -9.61
C THR B 409 -23.40 -18.45 -8.37
N LEU B 410 -23.67 -17.66 -7.33
CA LEU B 410 -22.89 -17.80 -6.10
C LEU B 410 -23.18 -19.13 -5.42
N GLN B 411 -24.37 -19.69 -5.65
CA GLN B 411 -24.66 -21.03 -5.17
C GLN B 411 -24.14 -22.10 -6.13
N ALA B 412 -24.16 -21.83 -7.44
CA ALA B 412 -23.64 -22.80 -8.38
C ALA B 412 -22.11 -22.78 -8.46
N ALA B 413 -21.47 -21.72 -7.96
CA ALA B 413 -20.01 -21.69 -7.95
C ALA B 413 -19.41 -22.42 -6.76
N LEU B 414 -20.13 -22.45 -5.64
CA LEU B 414 -19.55 -22.96 -4.39
C LEU B 414 -19.18 -24.44 -4.45
N PRO B 415 -20.01 -25.36 -4.96
CA PRO B 415 -19.61 -26.78 -4.97
C PRO B 415 -18.29 -27.06 -5.68
N ASN B 416 -17.94 -26.27 -6.70
CA ASN B 416 -16.69 -26.48 -7.42
C ASN B 416 -15.53 -25.82 -6.71
N VAL B 417 -15.67 -24.52 -6.41
CA VAL B 417 -14.62 -23.78 -5.73
C VAL B 417 -14.19 -24.50 -4.46
N ILE B 418 -15.13 -25.03 -3.69
CA ILE B 418 -14.72 -25.64 -2.41
C ILE B 418 -13.67 -26.72 -2.62
N ARG B 419 -13.90 -27.61 -3.59
CA ARG B 419 -12.89 -28.58 -4.00
C ARG B 419 -11.57 -27.89 -4.33
N PHE B 420 -11.62 -26.92 -5.25
CA PHE B 420 -10.40 -26.23 -5.69
C PHE B 420 -9.65 -25.60 -4.51
N CYS B 421 -10.36 -24.78 -3.74
CA CYS B 421 -9.86 -24.14 -2.53
C CYS B 421 -9.14 -25.12 -1.62
N CYS B 422 -9.74 -26.28 -1.37
CA CYS B 422 -9.07 -27.28 -0.54
C CYS B 422 -7.69 -27.61 -1.11
N CYS B 423 -7.65 -28.02 -2.39
CA CYS B 423 -6.36 -28.41 -2.96
C CYS B 423 -5.34 -27.28 -2.91
N ALA B 424 -5.76 -26.03 -3.13
CA ALA B 424 -4.78 -24.95 -3.06
C ALA B 424 -4.39 -24.65 -1.61
N ALA B 425 -5.24 -25.01 -0.65
CA ALA B 425 -4.90 -24.82 0.76
C ALA B 425 -3.76 -25.72 1.17
N MET B 426 -3.66 -26.92 0.58
CA MET B 426 -2.48 -27.73 0.87
C MET B 426 -1.18 -27.00 0.53
N ILE B 427 -1.07 -26.51 -0.71
CA ILE B 427 0.08 -25.69 -1.10
C ILE B 427 0.29 -24.58 -0.08
N TYR B 428 -0.79 -23.88 0.26
CA TYR B 428 -0.63 -22.71 1.13
C TYR B 428 -0.01 -23.08 2.46
N LEU B 429 -0.56 -24.10 3.14
CA LEU B 429 0.02 -24.52 4.41
C LEU B 429 1.49 -24.87 4.28
N GLY B 430 1.80 -25.80 3.36
CA GLY B 430 3.19 -26.19 3.19
C GLY B 430 4.10 -25.01 2.94
N TYR B 431 3.55 -23.95 2.36
CA TYR B 431 4.31 -22.73 2.12
C TYR B 431 4.46 -21.94 3.42
N CYS B 432 3.39 -21.93 4.21
CA CYS B 432 3.27 -21.06 5.37
C CYS B 432 4.17 -21.51 6.50
N PHE B 433 4.27 -22.82 6.71
CA PHE B 433 5.19 -23.34 7.70
C PHE B 433 6.63 -22.94 7.39
N CYS B 434 7.14 -23.34 6.22
CA CYS B 434 8.50 -23.00 5.84
C CYS B 434 8.76 -21.51 5.96
N GLY B 435 7.79 -20.68 5.59
CA GLY B 435 7.95 -19.25 5.81
C GLY B 435 8.11 -18.90 7.26
N TRP B 436 7.24 -19.45 8.10
CA TRP B 436 7.32 -19.28 9.56
C TRP B 436 8.73 -19.54 10.06
N ILE B 437 9.19 -20.79 9.94
CA ILE B 437 10.44 -21.15 10.59
C ILE B 437 11.63 -20.46 9.92
N VAL B 438 11.78 -20.64 8.60
CA VAL B 438 13.00 -20.14 7.96
C VAL B 438 13.09 -18.63 8.07
N LEU B 439 11.94 -17.95 8.00
CA LEU B 439 11.91 -16.50 8.02
C LEU B 439 11.65 -15.91 9.40
N GLY B 440 11.27 -16.73 10.39
CA GLY B 440 10.92 -16.22 11.69
C GLY B 440 12.02 -15.48 12.44
N PRO B 441 13.25 -16.01 12.49
CA PRO B 441 14.30 -15.29 13.23
C PRO B 441 14.55 -13.88 12.75
N TYR B 442 14.24 -13.57 11.49
CA TYR B 442 14.74 -12.36 10.87
C TYR B 442 13.63 -11.41 10.45
N HIS B 443 12.68 -11.84 9.61
CA HIS B 443 11.68 -10.93 9.08
C HIS B 443 10.68 -10.53 10.15
N ASP B 444 10.48 -9.20 10.29
CA ASP B 444 9.61 -8.67 11.33
C ASP B 444 8.18 -9.19 11.23
N LYS B 445 7.73 -9.51 10.01
CA LYS B 445 6.34 -9.90 9.80
C LYS B 445 6.10 -11.38 10.15
N PHE B 446 6.99 -12.26 9.73
CA PHE B 446 6.85 -13.69 9.98
C PHE B 446 7.38 -13.99 11.38
N ARG B 447 6.48 -14.14 12.35
CA ARG B 447 6.91 -14.44 13.71
C ARG B 447 6.07 -15.56 14.31
N SER B 448 4.87 -15.21 14.79
CA SER B 448 3.89 -16.26 15.06
C SER B 448 3.39 -16.81 13.74
N LEU B 449 2.81 -18.01 13.80
CA LEU B 449 2.31 -18.64 12.58
C LEU B 449 1.19 -17.81 11.94
N ASN B 450 0.31 -17.26 12.78
CA ASN B 450 -0.82 -16.49 12.25
C ASN B 450 -0.34 -15.31 11.41
N MET B 451 0.49 -14.45 12.00
CA MET B 451 1.01 -13.30 11.25
C MET B 451 1.52 -13.74 9.88
N VAL B 452 2.19 -14.89 9.82
CA VAL B 452 2.60 -15.44 8.52
C VAL B 452 1.37 -15.66 7.66
N SER B 453 0.25 -16.09 8.27
CA SER B 453 -0.96 -16.25 7.46
C SER B 453 -1.46 -14.92 6.93
N GLU B 454 -1.29 -13.83 7.67
CA GLU B 454 -1.74 -12.54 7.18
C GLU B 454 -0.75 -11.88 6.24
N CYS B 455 0.52 -12.31 6.28
CA CYS B 455 1.46 -11.93 5.24
C CYS B 455 1.10 -12.58 3.92
N LEU B 456 1.06 -13.91 3.90
CA LEU B 456 0.79 -14.55 2.62
C LEU B 456 -0.62 -14.26 2.12
N PHE B 457 -1.57 -13.92 3.01
CA PHE B 457 -2.84 -13.43 2.49
C PHE B 457 -2.75 -11.98 2.00
N SER B 458 -1.97 -11.14 2.68
CA SER B 458 -1.74 -9.78 2.19
C SER B 458 -1.10 -9.79 0.81
N LEU B 459 -0.14 -10.70 0.61
CA LEU B 459 0.65 -10.76 -0.62
C LEU B 459 -0.09 -11.45 -1.75
N ILE B 460 -0.96 -12.44 -1.45
CA ILE B 460 -1.87 -12.92 -2.48
C ILE B 460 -2.60 -11.75 -3.13
N ASN B 461 -3.11 -10.85 -2.29
CA ASN B 461 -3.84 -9.69 -2.76
C ASN B 461 -2.93 -8.52 -3.13
N GLY B 462 -1.61 -8.72 -3.08
CA GLY B 462 -0.67 -7.70 -3.50
C GLY B 462 -0.74 -6.43 -2.68
N ASP B 463 -0.56 -6.55 -1.37
CA ASP B 463 -0.56 -5.38 -0.51
C ASP B 463 0.58 -5.50 0.49
N ASP B 464 1.29 -4.38 0.68
CA ASP B 464 2.51 -4.34 1.47
C ASP B 464 3.51 -5.40 0.96
N MET B 465 4.05 -5.10 -0.22
CA MET B 465 5.02 -5.97 -0.87
C MET B 465 6.43 -5.48 -0.65
N PHE B 466 6.76 -4.31 -1.21
CA PHE B 466 8.11 -3.77 -1.08
C PHE B 466 8.52 -3.66 0.38
N ALA B 467 7.55 -3.41 1.26
CA ALA B 467 7.81 -3.49 2.70
C ALA B 467 8.45 -4.82 3.05
N THR B 468 7.91 -5.92 2.52
CA THR B 468 8.39 -7.25 2.91
C THR B 468 9.81 -7.49 2.40
N PHE B 469 10.08 -7.17 1.14
CA PHE B 469 11.43 -7.35 0.61
C PHE B 469 12.43 -6.46 1.35
N ALA B 470 12.01 -5.31 1.84
CA ALA B 470 12.94 -4.40 2.50
C ALA B 470 13.03 -4.61 4.01
N LYS B 471 12.18 -5.44 4.62
CA LYS B 471 12.24 -5.66 6.05
C LYS B 471 13.14 -6.83 6.46
N MET B 472 13.68 -7.59 5.51
CA MET B 472 14.68 -8.60 5.85
C MET B 472 15.84 -7.99 6.63
N GLN B 473 16.54 -8.82 7.41
CA GLN B 473 17.62 -8.31 8.24
C GLN B 473 18.99 -8.44 7.59
N GLN B 474 19.10 -9.18 6.48
CA GLN B 474 20.32 -9.23 5.68
C GLN B 474 21.51 -9.80 6.45
N LYS B 475 21.32 -10.15 7.73
CA LYS B 475 22.44 -10.54 8.56
C LYS B 475 23.04 -11.87 8.12
N SER B 476 22.19 -12.83 7.79
CA SER B 476 22.63 -14.12 7.27
C SER B 476 22.37 -14.12 5.77
N TYR B 477 23.45 -14.02 4.98
CA TYR B 477 23.29 -13.90 3.54
C TYR B 477 22.52 -15.09 2.97
N LEU B 478 22.83 -16.30 3.42
CA LEU B 478 22.14 -17.49 2.91
C LEU B 478 20.63 -17.37 3.10
N VAL B 479 20.19 -17.04 4.31
CA VAL B 479 18.76 -16.97 4.59
C VAL B 479 18.14 -15.78 3.86
N TRP B 480 18.80 -14.62 3.91
CA TRP B 480 18.34 -13.46 3.16
C TRP B 480 18.04 -13.80 1.70
N LEU B 481 18.94 -14.56 1.06
CA LEU B 481 18.70 -14.97 -0.32
C LEU B 481 17.55 -15.96 -0.40
N PHE B 482 17.45 -16.85 0.60
CA PHE B 482 16.35 -17.80 0.62
C PHE B 482 15.02 -17.07 0.59
N SER B 483 14.83 -16.11 1.50
CA SER B 483 13.59 -15.35 1.55
C SER B 483 13.21 -14.80 0.19
N ARG B 484 14.20 -14.42 -0.62
CA ARG B 484 13.86 -13.86 -1.92
C ARG B 484 13.41 -14.94 -2.89
N ILE B 485 14.04 -16.13 -2.86
CA ILE B 485 13.46 -17.24 -3.62
C ILE B 485 12.04 -17.52 -3.14
N TYR B 486 11.83 -17.44 -1.83
CA TYR B 486 10.55 -17.72 -1.21
C TYR B 486 9.47 -16.77 -1.74
N LEU B 487 9.71 -15.47 -1.59
CA LEU B 487 8.69 -14.49 -1.93
C LEU B 487 8.50 -14.37 -3.44
N TYR B 488 9.59 -14.23 -4.22
CA TYR B 488 9.43 -14.23 -5.66
C TYR B 488 8.64 -15.44 -6.12
N SER B 489 8.98 -16.60 -5.59
CA SER B 489 8.24 -17.82 -5.91
C SER B 489 6.76 -17.67 -5.57
N PHE B 490 6.45 -17.57 -4.28
CA PHE B 490 5.06 -17.54 -3.81
C PHE B 490 4.24 -16.53 -4.59
N ILE B 491 4.67 -15.27 -4.60
CA ILE B 491 3.94 -14.25 -5.36
C ILE B 491 3.69 -14.72 -6.78
N SER B 492 4.76 -15.11 -7.49
CA SER B 492 4.64 -15.39 -8.91
C SER B 492 3.94 -16.70 -9.23
N LEU B 493 3.65 -17.54 -8.23
CA LEU B 493 2.83 -18.74 -8.41
C LEU B 493 1.40 -18.49 -7.96
N PHE B 494 1.24 -18.14 -6.69
CA PHE B 494 -0.03 -18.05 -5.98
C PHE B 494 -0.84 -16.82 -6.39
N ILE B 495 -0.25 -15.86 -7.09
CA ILE B 495 -1.06 -14.79 -7.66
C ILE B 495 -1.53 -15.24 -9.04
N TYR B 496 -0.64 -15.13 -10.02
CA TYR B 496 -1.00 -15.36 -11.41
C TYR B 496 -1.64 -16.74 -11.60
N MET B 497 -0.90 -17.80 -11.30
CA MET B 497 -1.37 -19.14 -11.63
C MET B 497 -2.63 -19.49 -10.84
N ILE B 498 -2.49 -19.65 -9.52
CA ILE B 498 -3.61 -20.16 -8.73
C ILE B 498 -4.76 -19.17 -8.70
N LEU B 499 -4.47 -17.89 -8.39
CA LEU B 499 -5.55 -16.90 -8.32
C LEU B 499 -6.29 -16.79 -9.66
N SER B 500 -5.54 -16.62 -10.76
CA SER B 500 -6.22 -16.45 -12.04
C SER B 500 -7.00 -17.71 -12.42
N LEU B 501 -6.55 -18.88 -11.97
CA LEU B 501 -7.32 -20.09 -12.16
C LEU B 501 -8.64 -20.04 -11.40
N PHE B 502 -8.59 -19.58 -10.15
CA PHE B 502 -9.78 -19.48 -9.31
C PHE B 502 -10.80 -18.51 -9.91
N ILE B 503 -10.34 -17.31 -10.25
CA ILE B 503 -11.22 -16.29 -10.80
C ILE B 503 -11.79 -16.73 -12.14
N ALA B 504 -10.96 -17.38 -12.97
CA ALA B 504 -11.46 -17.94 -14.22
C ALA B 504 -12.52 -19.01 -13.96
N LEU B 505 -12.37 -19.77 -12.87
CA LEU B 505 -13.39 -20.76 -12.51
C LEU B 505 -14.73 -20.08 -12.25
N ILE B 506 -14.75 -19.06 -11.38
CA ILE B 506 -16.02 -18.40 -11.07
C ILE B 506 -16.63 -17.78 -12.31
N THR B 507 -15.83 -17.05 -13.10
CA THR B 507 -16.38 -16.42 -14.30
C THR B 507 -16.98 -17.45 -15.25
N ASP B 508 -16.28 -18.57 -15.45
CA ASP B 508 -16.82 -19.66 -16.27
C ASP B 508 -18.20 -20.10 -15.75
N THR B 509 -18.29 -20.40 -14.45
CA THR B 509 -19.58 -20.76 -13.85
C THR B 509 -20.63 -19.70 -14.17
N TYR B 510 -20.25 -18.42 -14.12
CA TYR B 510 -21.18 -17.35 -14.45
C TYR B 510 -21.68 -17.47 -15.88
N GLU B 511 -20.80 -17.83 -16.83
CA GLU B 511 -21.26 -18.08 -18.18
C GLU B 511 -22.35 -19.16 -18.21
N THR B 512 -22.08 -20.30 -17.58
CA THR B 512 -23.04 -21.40 -17.65
C THR B 512 -24.39 -21.01 -17.05
N ILE B 513 -24.38 -20.34 -15.90
CA ILE B 513 -25.66 -19.93 -15.31
C ILE B 513 -26.31 -18.83 -16.13
N LYS B 514 -25.52 -18.02 -16.86
CA LYS B 514 -26.10 -17.07 -17.79
C LYS B 514 -26.96 -17.77 -18.83
N GLN B 515 -26.40 -18.77 -19.50
CA GLN B 515 -27.22 -19.42 -20.51
C GLN B 515 -28.27 -20.35 -19.92
N TYR B 516 -28.19 -20.66 -18.62
CA TYR B 516 -29.36 -21.20 -17.94
C TYR B 516 -30.47 -20.15 -17.87
N GLN B 517 -30.16 -18.99 -17.31
CA GLN B 517 -31.10 -17.86 -17.34
C GLN B 517 -31.69 -17.65 -18.73
N GLN B 518 -30.95 -18.01 -19.78
CA GLN B 518 -31.47 -17.81 -21.13
C GLN B 518 -32.39 -18.96 -21.59
N ASP B 519 -32.02 -20.22 -21.31
CA ASP B 519 -32.75 -21.38 -21.83
C ASP B 519 -33.12 -22.34 -20.69
N GLY B 520 -34.18 -22.00 -19.95
CA GLY B 520 -34.68 -22.89 -18.93
C GLY B 520 -33.66 -23.16 -17.84
N PHE B 521 -33.65 -24.40 -17.35
CA PHE B 521 -32.75 -24.80 -16.27
C PHE B 521 -32.50 -26.29 -16.38
N PRO B 522 -31.68 -26.88 -15.50
CA PRO B 522 -31.67 -28.36 -15.44
C PRO B 522 -33.05 -28.87 -15.05
N GLU B 523 -33.53 -29.85 -15.80
CA GLU B 523 -34.92 -30.25 -15.71
C GLU B 523 -35.10 -31.24 -14.57
N THR B 524 -35.99 -30.91 -13.64
CA THR B 524 -36.31 -31.78 -12.51
C THR B 524 -37.71 -32.37 -12.71
N GLU B 525 -37.84 -33.64 -12.39
CA GLU B 525 -39.13 -34.33 -12.34
C GLU B 525 -40.21 -33.49 -11.67
N LEU B 526 -39.84 -32.72 -10.64
CA LEU B 526 -40.76 -31.77 -10.04
C LEU B 526 -41.19 -30.72 -11.06
N ARG B 527 -40.22 -29.97 -11.59
CA ARG B 527 -40.51 -28.85 -12.47
C ARG B 527 -40.96 -29.31 -13.85
N THR B 528 -40.75 -30.58 -14.20
CA THR B 528 -41.53 -31.18 -15.28
C THR B 528 -42.96 -31.42 -14.83
N PHE B 529 -43.14 -31.77 -13.56
CA PHE B 529 -44.40 -32.21 -13.00
C PHE B 529 -45.23 -31.03 -12.48
N ILE B 530 -44.59 -29.94 -12.05
CA ILE B 530 -45.27 -28.66 -11.87
C ILE B 530 -45.00 -27.82 -13.11
N SER B 531 -46.01 -27.71 -13.98
CA SER B 531 -45.91 -27.04 -15.28
C SER B 531 -47.19 -27.27 -16.07
N LEU C 38 -43.86 10.58 -51.89
CA LEU C 38 -45.04 10.67 -51.04
C LEU C 38 -44.75 11.45 -49.76
N LEU C 39 -45.81 11.68 -48.98
CA LEU C 39 -45.68 12.27 -47.65
C LEU C 39 -44.61 11.54 -46.84
N GLU C 40 -44.72 10.22 -46.79
CA GLU C 40 -43.74 9.36 -46.13
C GLU C 40 -42.31 9.76 -46.50
N ASP C 41 -42.02 9.81 -47.80
CA ASP C 41 -40.66 10.09 -48.24
C ASP C 41 -40.27 11.53 -47.92
N GLN C 42 -41.22 12.47 -47.92
CA GLN C 42 -40.89 13.84 -47.50
C GLN C 42 -40.38 13.86 -46.07
N MET C 43 -41.23 13.44 -45.12
CA MET C 43 -40.85 13.56 -43.71
C MET C 43 -39.60 12.74 -43.42
N ARG C 44 -39.56 11.50 -43.91
CA ARG C 44 -38.38 10.67 -43.70
C ARG C 44 -37.16 11.31 -44.37
N ARG C 45 -37.39 12.08 -45.43
CA ARG C 45 -36.29 12.68 -46.16
C ARG C 45 -35.64 13.81 -45.37
N LYS C 46 -36.44 14.68 -44.74
CA LYS C 46 -35.85 15.65 -43.82
C LYS C 46 -35.22 14.93 -42.62
N LEU C 47 -35.83 13.83 -42.19
CA LEU C 47 -35.31 13.08 -41.04
C LEU C 47 -33.91 12.55 -41.33
N LYS C 48 -33.69 12.02 -42.54
CA LYS C 48 -32.40 11.42 -42.89
C LYS C 48 -31.24 12.33 -42.54
N PHE C 49 -31.41 13.64 -42.68
CA PHE C 49 -30.35 14.56 -42.27
C PHE C 49 -30.60 15.22 -40.94
N PHE C 50 -31.75 14.99 -40.29
CA PHE C 50 -31.78 15.28 -38.86
C PHE C 50 -30.68 14.52 -38.11
N PHE C 51 -30.47 13.25 -38.45
CA PHE C 51 -29.64 12.33 -37.68
C PHE C 51 -28.20 12.18 -38.15
N MET C 52 -27.74 12.97 -39.12
CA MET C 52 -26.37 12.76 -39.60
C MET C 52 -25.38 13.05 -38.48
N ASN C 53 -24.72 12.00 -37.98
CA ASN C 53 -24.09 12.07 -36.66
C ASN C 53 -22.92 13.04 -36.64
N PRO C 54 -21.87 12.88 -37.46
CA PRO C 54 -20.89 13.97 -37.56
C PRO C 54 -21.55 15.21 -38.14
N CYS C 55 -21.49 16.31 -37.40
CA CYS C 55 -21.96 17.57 -37.98
C CYS C 55 -21.16 17.91 -39.23
N GLU C 56 -19.94 17.41 -39.32
CA GLU C 56 -19.23 17.39 -40.60
C GLU C 56 -20.03 16.63 -41.65
N LYS C 57 -20.61 15.48 -41.26
CA LYS C 57 -21.37 14.66 -42.20
C LYS C 57 -22.72 15.29 -42.54
N PHE C 58 -23.33 16.02 -41.61
CA PHE C 58 -24.60 16.68 -41.92
C PHE C 58 -24.34 17.88 -42.84
N TRP C 59 -23.43 18.76 -42.43
CA TRP C 59 -23.02 19.85 -43.32
C TRP C 59 -22.57 19.33 -44.68
N ALA C 60 -22.08 18.08 -44.74
CA ALA C 60 -21.65 17.52 -46.03
C ALA C 60 -22.75 17.56 -47.08
N ARG C 61 -24.01 17.39 -46.68
CA ARG C 61 -25.16 17.61 -47.55
C ARG C 61 -25.05 18.97 -48.24
N GLY C 62 -25.33 20.01 -47.45
CA GLY C 62 -25.28 21.37 -47.92
C GLY C 62 -24.74 22.26 -46.83
N ARG C 63 -24.25 23.41 -47.25
CA ARG C 63 -23.46 24.27 -46.38
C ARG C 63 -24.31 24.86 -45.27
N LYS C 64 -23.80 24.83 -44.04
CA LYS C 64 -24.33 25.57 -42.91
C LYS C 64 -23.21 26.31 -42.19
N PRO C 65 -23.50 27.49 -41.66
CA PRO C 65 -22.48 28.24 -40.90
C PRO C 65 -22.14 27.52 -39.60
N TRP C 66 -20.98 27.86 -39.07
CA TRP C 66 -20.40 27.05 -38.00
C TRP C 66 -21.13 27.21 -36.68
N LYS C 67 -21.46 26.07 -36.07
CA LYS C 67 -21.87 25.95 -34.68
C LYS C 67 -20.81 25.24 -33.85
N LEU C 68 -20.45 24.01 -34.23
CA LEU C 68 -19.46 23.19 -33.56
C LEU C 68 -18.19 23.97 -33.18
N ALA C 69 -17.81 24.92 -34.02
CA ALA C 69 -16.68 25.79 -33.71
C ALA C 69 -16.90 26.54 -32.40
N ILE C 70 -18.15 26.91 -32.09
CA ILE C 70 -18.39 27.62 -30.85
C ILE C 70 -18.30 26.67 -29.66
N GLN C 71 -18.53 25.38 -29.89
CA GLN C 71 -18.40 24.41 -28.80
C GLN C 71 -16.93 24.13 -28.50
N ILE C 72 -16.10 24.00 -29.55
CA ILE C 72 -14.65 23.90 -29.34
C ILE C 72 -14.14 25.14 -28.63
N LEU C 73 -14.61 26.32 -29.07
CA LEU C 73 -14.28 27.56 -28.38
C LEU C 73 -14.71 27.50 -26.92
N LYS C 74 -15.89 26.94 -26.65
CA LYS C 74 -16.33 26.80 -25.27
C LYS C 74 -15.34 25.99 -24.45
N ILE C 75 -14.95 24.82 -24.95
CA ILE C 75 -13.99 24.00 -24.22
C ILE C 75 -12.74 24.80 -23.90
N ALA C 76 -12.12 25.39 -24.93
CA ALA C 76 -10.90 26.14 -24.70
C ALA C 76 -11.11 27.23 -23.64
N MET C 77 -12.21 27.97 -23.74
CA MET C 77 -12.57 28.97 -22.75
C MET C 77 -12.63 28.38 -21.35
N VAL C 78 -13.68 27.59 -21.08
CA VAL C 78 -13.98 27.03 -19.77
C VAL C 78 -12.72 26.51 -19.09
N THR C 79 -11.89 25.77 -19.84
CA THR C 79 -10.70 25.23 -19.20
C THR C 79 -9.62 26.29 -18.98
N ILE C 80 -9.52 27.28 -19.87
CA ILE C 80 -8.55 28.35 -19.62
C ILE C 80 -8.95 29.17 -18.40
N GLN C 81 -10.26 29.41 -18.24
CA GLN C 81 -10.76 30.02 -17.03
C GLN C 81 -10.42 29.20 -15.80
N LEU C 82 -10.66 27.88 -15.87
CA LEU C 82 -10.48 27.06 -14.68
C LEU C 82 -9.01 26.97 -14.30
N VAL C 83 -8.12 26.92 -15.28
CA VAL C 83 -6.69 26.87 -14.99
C VAL C 83 -6.20 28.20 -14.43
N LEU C 84 -6.51 29.30 -15.13
CA LEU C 84 -6.12 30.62 -14.66
C LEU C 84 -6.65 30.90 -13.27
N PHE C 85 -7.81 30.34 -12.94
CA PHE C 85 -8.35 30.42 -11.59
C PHE C 85 -7.51 29.60 -10.61
N GLY C 86 -7.37 28.30 -10.91
CA GLY C 86 -6.65 27.40 -10.02
C GLY C 86 -5.27 27.89 -9.63
N LEU C 87 -4.53 28.47 -10.58
CA LEU C 87 -3.18 28.93 -10.25
C LEU C 87 -3.20 30.05 -9.21
N SER C 88 -4.01 31.09 -9.46
CA SER C 88 -4.15 32.18 -8.50
C SER C 88 -4.55 31.68 -7.12
N ASN C 89 -5.67 30.96 -7.06
CA ASN C 89 -6.13 30.41 -5.78
C ASN C 89 -5.02 29.61 -5.10
N GLN C 90 -4.25 28.85 -5.90
CA GLN C 90 -3.18 28.04 -5.36
C GLN C 90 -2.09 28.88 -4.70
N MET C 91 -1.74 30.02 -5.32
CA MET C 91 -0.74 30.89 -4.69
C MET C 91 -1.26 31.47 -3.38
N VAL C 92 -2.55 31.85 -3.34
CA VAL C 92 -3.10 32.39 -2.11
C VAL C 92 -3.09 31.32 -1.01
N VAL C 93 -3.39 30.07 -1.39
CA VAL C 93 -3.36 28.98 -0.41
C VAL C 93 -1.95 28.75 0.10
N ALA C 94 -0.97 28.75 -0.80
CA ALA C 94 0.42 28.58 -0.37
C ALA C 94 0.80 29.62 0.68
N PHE C 95 0.41 30.88 0.45
CA PHE C 95 0.77 31.90 1.43
C PHE C 95 0.05 31.68 2.76
N LYS C 96 -1.24 31.32 2.73
CA LYS C 96 -1.92 31.08 3.99
C LYS C 96 -1.30 29.92 4.75
N GLU C 97 -0.89 28.87 4.04
CA GLU C 97 -0.23 27.73 4.67
C GLU C 97 1.04 28.14 5.39
N GLU C 98 1.97 28.76 4.65
CA GLU C 98 3.22 29.21 5.28
C GLU C 98 2.95 30.06 6.50
N ASN C 99 2.05 31.03 6.39
CA ASN C 99 1.83 31.94 7.51
C ASN C 99 1.23 31.23 8.72
N THR C 100 0.19 30.41 8.51
CA THR C 100 -0.40 29.73 9.66
C THR C 100 0.59 28.79 10.33
N ILE C 101 1.55 28.25 9.58
CA ILE C 101 2.62 27.48 10.22
C ILE C 101 3.47 28.40 11.11
N ALA C 102 3.98 29.50 10.53
CA ALA C 102 4.78 30.44 11.31
C ALA C 102 4.05 30.88 12.57
N PHE C 103 2.72 30.97 12.51
CA PHE C 103 1.94 31.30 13.70
C PHE C 103 1.97 30.15 14.69
N LYS C 104 1.73 28.92 14.21
CA LYS C 104 1.77 27.77 15.10
C LYS C 104 3.06 27.73 15.90
N HIS C 105 4.18 28.12 15.30
CA HIS C 105 5.41 28.16 16.09
C HIS C 105 5.60 29.44 16.86
N LEU C 106 4.95 30.54 16.48
CA LEU C 106 5.10 31.74 17.28
C LEU C 106 4.30 31.67 18.57
N PHE C 107 3.07 31.14 18.54
CA PHE C 107 2.17 31.31 19.68
C PHE C 107 1.87 30.04 20.47
N LEU C 108 2.35 28.88 20.06
CA LEU C 108 2.14 27.63 20.78
C LEU C 108 3.44 27.23 21.46
N LYS C 109 3.45 27.23 22.79
CA LYS C 109 4.65 26.84 23.52
C LYS C 109 5.02 25.40 23.20
N GLY C 110 6.31 25.17 22.96
CA GLY C 110 6.79 23.84 22.68
C GLY C 110 6.20 23.21 21.43
N TYR C 111 6.02 23.99 20.37
CA TYR C 111 5.76 23.43 19.06
C TYR C 111 7.09 23.08 18.43
N MET C 112 7.29 21.80 18.08
CA MET C 112 8.59 21.38 17.60
C MET C 112 8.85 21.97 16.22
N ASP C 113 10.04 22.57 16.05
CA ASP C 113 10.29 23.60 15.05
C ASP C 113 10.01 23.17 13.62
N ARG C 114 9.77 21.88 13.36
CA ARG C 114 9.16 21.49 12.10
C ARG C 114 7.65 21.47 12.28
N MET C 115 7.16 20.41 12.90
CA MET C 115 5.73 20.28 13.14
C MET C 115 5.49 19.28 14.27
N ASP C 116 4.51 19.59 15.10
CA ASP C 116 3.80 18.63 15.92
C ASP C 116 2.31 18.81 15.60
N ASP C 117 1.49 17.84 15.99
CA ASP C 117 0.09 17.90 15.59
C ASP C 117 -0.82 17.37 16.69
N THR C 118 -1.96 18.04 16.88
CA THR C 118 -2.99 17.68 17.86
C THR C 118 -2.46 17.81 19.28
N TYR C 119 -1.69 18.86 19.53
CA TYR C 119 -0.97 19.01 20.79
C TYR C 119 -1.91 19.47 21.91
N ALA C 120 -1.89 18.74 23.03
CA ALA C 120 -2.83 18.94 24.11
C ALA C 120 -2.11 19.00 25.45
N VAL C 121 -2.69 19.74 26.38
CA VAL C 121 -2.08 20.08 27.67
C VAL C 121 -2.93 19.47 28.78
N TYR C 122 -2.29 18.70 29.67
CA TYR C 122 -3.03 17.86 30.61
C TYR C 122 -2.93 18.27 32.08
N THR C 123 -2.23 19.35 32.41
CA THR C 123 -2.19 19.84 33.79
C THR C 123 -2.56 21.32 33.79
N GLN C 124 -3.27 21.74 34.84
CA GLN C 124 -3.79 23.11 34.86
C GLN C 124 -2.67 24.14 34.97
N SER C 125 -1.59 23.80 35.69
CA SER C 125 -0.40 24.63 35.65
C SER C 125 0.11 24.78 34.21
N ASP C 126 0.01 23.70 33.43
CA ASP C 126 0.47 23.75 32.05
C ASP C 126 -0.43 24.64 31.19
N VAL C 127 -1.75 24.59 31.41
CA VAL C 127 -2.66 25.48 30.69
C VAL C 127 -2.34 26.93 31.02
N TYR C 128 -2.09 27.21 32.30
CA TYR C 128 -1.76 28.58 32.68
C TYR C 128 -0.47 29.06 32.01
N ASP C 129 0.55 28.22 32.06
CA ASP C 129 1.82 28.59 31.42
C ASP C 129 1.63 28.84 29.93
N GLN C 130 0.86 27.96 29.26
CA GLN C 130 0.53 28.16 27.86
C GLN C 130 -0.09 29.52 27.60
N LEU C 131 -1.21 29.82 28.27
CA LEU C 131 -1.89 31.10 28.08
C LEU C 131 -0.93 32.28 28.25
N ILE C 132 -0.23 32.33 29.39
CA ILE C 132 0.73 33.41 29.64
C ILE C 132 1.70 33.53 28.46
N PHE C 133 2.19 32.40 27.96
CA PHE C 133 3.15 32.45 26.86
C PHE C 133 2.51 33.07 25.62
N ALA C 134 1.37 32.53 25.17
CA ALA C 134 0.73 33.01 23.95
C ALA C 134 0.52 34.52 24.00
N VAL C 135 -0.08 35.02 25.08
CA VAL C 135 -0.32 36.46 25.18
C VAL C 135 1.01 37.22 25.13
N ASN C 136 2.00 36.76 25.89
CA ASN C 136 3.29 37.45 25.90
C ASN C 136 3.93 37.48 24.52
N GLN C 137 3.70 36.45 23.70
CA GLN C 137 4.20 36.49 22.33
C GLN C 137 3.46 37.54 21.51
N TYR C 138 2.13 37.60 21.63
CA TYR C 138 1.40 38.62 20.88
C TYR C 138 1.88 40.02 21.22
N LEU C 139 2.13 40.29 22.52
CA LEU C 139 2.54 41.65 22.89
C LEU C 139 3.97 41.93 22.47
N GLN C 140 4.85 40.93 22.48
CA GLN C 140 6.24 41.08 22.07
C GLN C 140 6.46 40.75 20.60
N LEU C 141 5.39 40.65 19.81
CA LEU C 141 5.46 40.10 18.47
C LEU C 141 6.49 40.80 17.58
N TYR C 142 6.76 42.09 17.83
CA TYR C 142 7.63 42.83 16.94
C TYR C 142 9.10 42.46 17.13
N ASN C 143 9.53 42.29 18.38
CA ASN C 143 10.85 41.71 18.63
C ASN C 143 10.95 40.27 18.13
N VAL C 144 9.88 39.48 18.32
CA VAL C 144 9.99 38.04 18.11
C VAL C 144 10.01 37.70 16.62
N SER C 145 8.99 38.12 15.89
CA SER C 145 8.72 37.55 14.57
C SER C 145 9.71 38.02 13.52
N VAL C 146 9.98 37.13 12.57
CA VAL C 146 10.71 37.51 11.35
C VAL C 146 9.76 38.16 10.36
N GLY C 147 8.54 37.63 10.26
CA GLY C 147 7.59 38.09 9.28
C GLY C 147 7.21 39.54 9.44
N ASN C 148 6.59 40.06 8.39
CA ASN C 148 6.10 41.42 8.37
C ASN C 148 4.77 41.58 9.10
N HIS C 149 4.32 40.55 9.82
CA HIS C 149 3.05 40.63 10.54
C HIS C 149 2.99 41.88 11.41
N ALA C 150 1.87 42.59 11.30
CA ALA C 150 1.63 43.81 12.07
C ALA C 150 0.18 43.82 12.55
N TYR C 151 -0.05 44.48 13.68
CA TYR C 151 -1.40 44.53 14.22
C TYR C 151 -2.31 45.39 13.33
N GLU C 152 -3.61 45.26 13.58
CA GLU C 152 -4.61 46.13 12.99
C GLU C 152 -5.08 47.13 14.04
N ASN C 153 -5.30 48.37 13.63
CA ASN C 153 -5.65 49.45 14.55
C ASN C 153 -7.12 49.84 14.44
N ALA C 160 -5.71 44.64 20.84
CA ALA C 160 -6.99 44.17 20.31
C ALA C 160 -7.13 42.66 20.48
N MET C 161 -6.62 42.14 21.60
CA MET C 161 -6.60 40.70 21.85
C MET C 161 -7.81 40.33 22.68
N ALA C 162 -8.74 39.59 22.07
CA ALA C 162 -9.99 39.22 22.72
C ALA C 162 -9.83 37.86 23.39
N ILE C 163 -10.01 37.82 24.70
CA ILE C 163 -9.93 36.60 25.49
C ILE C 163 -11.35 36.21 25.87
N CYS C 164 -11.88 35.21 25.19
CA CYS C 164 -13.21 34.68 25.48
C CYS C 164 -13.10 33.48 26.41
N GLN C 165 -13.95 33.45 27.43
CA GLN C 165 -13.98 32.36 28.39
C GLN C 165 -15.42 31.93 28.56
N HIS C 166 -15.75 30.74 28.06
CA HIS C 166 -17.12 30.24 28.04
C HIS C 166 -17.24 29.21 29.16
N PHE C 167 -17.99 29.54 30.21
CA PHE C 167 -18.21 28.65 31.33
C PHE C 167 -19.70 28.49 31.57
N TYR C 168 -20.06 27.42 32.27
CA TYR C 168 -21.46 27.14 32.56
C TYR C 168 -22.02 28.16 33.53
N LYS C 169 -23.29 28.52 33.34
CA LYS C 169 -23.98 29.49 34.19
C LYS C 169 -23.81 29.14 35.66
N ARG C 170 -24.47 28.08 36.11
CA ARG C 170 -24.29 27.54 37.45
C ARG C 170 -23.63 26.18 37.32
N GLY C 171 -22.29 26.18 37.40
CA GLY C 171 -21.55 24.93 37.46
C GLY C 171 -21.41 24.41 38.88
N ASN C 172 -21.92 23.21 39.12
CA ASN C 172 -21.72 22.51 40.40
C ASN C 172 -21.46 21.04 40.09
N ILE C 173 -20.25 20.57 40.35
CA ILE C 173 -19.85 19.20 40.01
C ILE C 173 -19.09 18.62 41.20
N TYR C 174 -19.47 17.41 41.61
CA TYR C 174 -18.85 16.73 42.74
C TYR C 174 -18.75 15.25 42.42
N PRO C 175 -17.76 14.85 41.63
CA PRO C 175 -17.58 13.42 41.31
C PRO C 175 -17.33 12.54 42.52
N GLY C 176 -16.96 13.13 43.66
CA GLY C 176 -16.84 12.33 44.88
C GLY C 176 -18.18 11.88 45.41
N ASN C 177 -19.16 12.80 45.44
CA ASN C 177 -20.50 12.44 45.87
C ASN C 177 -21.23 11.59 44.84
N ASP C 178 -20.67 11.45 43.63
CA ASP C 178 -21.36 10.85 42.49
C ASP C 178 -22.65 11.61 42.17
N THR C 179 -22.64 12.92 42.38
CA THR C 179 -23.78 13.80 42.17
C THR C 179 -23.31 15.12 41.57
N PHE C 180 -24.10 15.66 40.64
CA PHE C 180 -23.80 16.93 40.00
C PHE C 180 -25.09 17.72 39.80
N ASP C 181 -24.95 19.04 39.73
CA ASP C 181 -26.06 19.96 39.50
C ASP C 181 -25.60 21.06 38.56
N ILE C 182 -26.36 21.30 37.48
CA ILE C 182 -25.97 22.27 36.46
C ILE C 182 -27.21 22.94 35.89
N ASP C 183 -27.05 24.19 35.45
CA ASP C 183 -27.99 24.87 34.57
C ASP C 183 -27.31 25.05 33.22
N PRO C 184 -27.83 24.50 32.15
CA PRO C 184 -27.07 24.42 30.90
C PRO C 184 -27.14 25.68 30.05
N GLU C 185 -26.60 26.77 30.56
CA GLU C 185 -26.41 27.98 29.77
C GLU C 185 -24.92 28.20 29.52
N ILE C 186 -24.61 29.18 28.69
CA ILE C 186 -23.23 29.56 28.38
C ILE C 186 -23.10 31.05 28.59
N GLU C 187 -22.22 31.45 29.51
CA GLU C 187 -21.98 32.86 29.81
C GLU C 187 -20.52 33.17 29.59
N THR C 188 -20.25 34.09 28.68
CA THR C 188 -18.90 34.37 28.21
C THR C 188 -18.37 35.61 28.92
N GLU C 189 -17.45 35.40 29.86
CA GLU C 189 -16.77 36.50 30.56
C GLU C 189 -15.48 36.80 29.79
N CYS C 190 -15.42 37.96 29.15
CA CYS C 190 -14.39 38.25 28.17
C CYS C 190 -13.38 39.25 28.72
N PHE C 191 -12.35 39.49 27.91
CA PHE C 191 -11.25 40.39 28.22
C PHE C 191 -10.93 41.21 26.98
N PHE C 192 -10.11 42.24 27.16
CA PHE C 192 -9.44 42.90 26.04
C PHE C 192 -8.05 43.31 26.48
N VAL C 193 -7.06 42.92 25.68
CA VAL C 193 -5.64 43.17 25.97
C VAL C 193 -5.13 44.16 24.94
N GLU C 194 -4.26 45.07 25.39
CA GLU C 194 -3.71 46.10 24.53
C GLU C 194 -2.19 46.00 24.47
N PRO C 195 -1.59 46.13 23.28
CA PRO C 195 -0.14 46.14 23.10
C PRO C 195 0.53 47.31 23.82
N LYS C 208 0.93 42.24 30.99
CA LYS C 208 0.86 40.98 31.73
C LYS C 208 -0.29 41.05 32.74
N LEU C 209 -1.25 40.15 32.56
CA LEU C 209 -2.54 40.22 33.22
C LEU C 209 -2.59 39.38 34.49
N ASN C 210 -3.74 39.43 35.16
CA ASN C 210 -4.14 38.48 36.18
C ASN C 210 -5.41 37.77 35.73
N LEU C 211 -5.45 36.45 35.87
CA LEU C 211 -6.63 35.70 35.49
C LEU C 211 -6.82 34.51 36.44
N THR C 212 -8.07 34.14 36.65
CA THR C 212 -8.45 32.99 37.43
C THR C 212 -9.52 32.22 36.67
N LEU C 213 -9.29 30.94 36.44
CA LEU C 213 -10.24 30.08 35.73
C LEU C 213 -10.59 28.90 36.63
N ASP C 214 -11.84 28.84 37.08
CA ASP C 214 -12.34 27.65 37.74
C ASP C 214 -12.55 26.56 36.69
N PHE C 215 -11.78 25.49 36.78
CA PHE C 215 -11.58 24.63 35.62
C PHE C 215 -12.77 23.72 35.35
N HIS C 216 -13.39 23.15 36.38
CA HIS C 216 -14.53 22.26 36.15
C HIS C 216 -15.71 23.00 35.56
N ARG C 217 -15.85 24.30 35.87
CA ARG C 217 -16.88 25.12 35.25
C ARG C 217 -16.57 25.45 33.79
N LEU C 218 -15.32 25.32 33.39
CA LEU C 218 -14.83 25.93 32.16
C LEU C 218 -15.18 25.04 30.97
N LEU C 219 -15.92 25.60 30.01
CA LEU C 219 -16.28 24.87 28.79
C LEU C 219 -15.22 25.03 27.70
N THR C 220 -14.75 26.26 27.46
CA THR C 220 -13.77 26.57 26.42
C THR C 220 -13.07 27.88 26.77
N VAL C 221 -11.98 28.16 26.05
CA VAL C 221 -11.27 29.43 26.09
C VAL C 221 -10.89 29.78 24.66
N GLU C 222 -10.61 31.06 24.43
CA GLU C 222 -10.23 31.52 23.10
C GLU C 222 -9.39 32.78 23.19
N LEU C 223 -8.53 32.97 22.19
CA LEU C 223 -7.77 34.20 22.01
C LEU C 223 -7.93 34.64 20.56
N GLN C 224 -8.33 35.89 20.35
CA GLN C 224 -8.62 36.40 19.02
C GLN C 224 -7.86 37.70 18.80
N PHE C 225 -6.99 37.72 17.80
CA PHE C 225 -6.25 38.93 17.46
C PHE C 225 -6.00 38.99 15.95
N LYS C 226 -6.25 40.15 15.36
CA LYS C 226 -6.01 40.37 13.95
C LYS C 226 -4.54 40.66 13.69
N LEU C 227 -4.04 40.15 12.56
CA LEU C 227 -2.67 40.42 12.13
C LEU C 227 -2.65 40.63 10.62
N LYS C 228 -1.95 41.67 10.18
CA LYS C 228 -1.88 42.05 8.77
C LYS C 228 -0.54 41.62 8.17
N ALA C 229 -0.60 40.95 7.03
CA ALA C 229 0.59 40.51 6.31
C ALA C 229 0.50 40.97 4.86
N ILE C 230 1.62 41.45 4.33
CA ILE C 230 1.72 41.85 2.92
C ILE C 230 2.55 40.81 2.18
N ASN C 231 2.00 40.31 1.07
CA ASN C 231 2.67 39.32 0.24
C ASN C 231 3.28 40.06 -0.95
N LEU C 232 4.61 40.03 -1.05
CA LEU C 232 5.30 40.83 -2.04
C LEU C 232 5.35 40.14 -3.41
N GLN C 233 5.70 38.86 -3.43
CA GLN C 233 5.95 38.16 -4.70
C GLN C 233 4.72 38.20 -5.60
N THR C 234 3.55 37.88 -5.06
CA THR C 234 2.35 37.81 -5.88
C THR C 234 1.95 39.17 -6.44
N VAL C 235 1.98 40.23 -5.62
CA VAL C 235 1.60 41.55 -6.10
C VAL C 235 2.58 42.06 -7.14
N ARG C 236 3.89 41.96 -6.85
CA ARG C 236 4.86 42.53 -7.77
C ARG C 236 4.87 41.79 -9.10
N HIS C 237 4.76 40.46 -9.07
CA HIS C 237 4.92 39.72 -10.31
C HIS C 237 3.64 39.75 -11.15
N GLN C 238 2.48 39.66 -10.51
CA GLN C 238 1.20 39.61 -11.19
C GLN C 238 0.19 40.46 -10.43
N GLU C 239 -0.95 40.74 -11.05
CA GLU C 239 -1.95 41.62 -10.46
C GLU C 239 -3.03 40.80 -9.78
N LEU C 240 -2.89 40.68 -8.47
CA LEU C 240 -3.87 40.08 -7.57
C LEU C 240 -3.85 40.87 -6.26
N PRO C 241 -4.95 40.85 -5.50
CA PRO C 241 -4.95 41.55 -4.22
C PRO C 241 -3.93 40.95 -3.27
N ASP C 242 -3.16 41.83 -2.62
CA ASP C 242 -1.98 41.41 -1.85
C ASP C 242 -2.01 41.86 -0.41
N CYS C 243 -3.15 42.28 0.10
CA CYS C 243 -3.28 42.61 1.52
C CYS C 243 -3.94 41.42 2.20
N TYR C 244 -3.36 40.98 3.31
CA TYR C 244 -3.80 39.77 3.98
C TYR C 244 -4.19 40.10 5.41
N ASP C 245 -5.48 40.10 5.68
CA ASP C 245 -6.00 40.23 7.03
C ASP C 245 -6.12 38.84 7.62
N PHE C 246 -5.60 38.66 8.84
CA PHE C 246 -5.59 37.38 9.51
C PHE C 246 -6.34 37.50 10.83
N THR C 247 -7.41 36.73 10.97
CA THR C 247 -8.06 36.53 12.25
C THR C 247 -7.52 35.23 12.85
N LEU C 248 -7.10 35.28 14.11
CA LEU C 248 -6.56 34.13 14.80
C LEU C 248 -7.45 33.77 15.96
N THR C 249 -7.71 32.47 16.13
CA THR C 249 -8.46 31.97 17.27
C THR C 249 -7.68 30.80 17.87
N ILE C 250 -7.17 30.99 19.09
CA ILE C 250 -6.48 29.94 19.82
C ILE C 250 -7.50 29.35 20.78
N THR C 251 -7.98 28.13 20.50
CA THR C 251 -9.11 27.57 21.21
C THR C 251 -8.67 26.38 22.07
N PHE C 252 -9.17 26.36 23.30
CA PHE C 252 -8.90 25.28 24.26
C PHE C 252 -10.20 24.51 24.49
N ASP C 253 -10.34 23.38 23.80
CA ASP C 253 -11.50 22.52 23.99
C ASP C 253 -11.39 21.78 25.32
N ASN C 254 -12.28 22.10 26.26
CA ASN C 254 -12.54 21.26 27.42
C ASN C 254 -13.86 20.53 27.29
N LYS C 255 -14.51 20.63 26.12
CA LYS C 255 -15.89 20.18 25.97
C LYS C 255 -16.07 18.73 26.38
N ALA C 256 -15.13 17.86 26.01
CA ALA C 256 -15.22 16.46 26.43
C ALA C 256 -15.07 16.29 27.93
N HIS C 257 -14.49 17.28 28.62
CA HIS C 257 -14.23 17.23 30.06
C HIS C 257 -13.57 15.92 30.46
N SER C 258 -12.54 15.55 29.73
CA SER C 258 -11.75 14.37 30.04
C SER C 258 -10.51 14.68 30.85
N GLY C 259 -10.35 15.93 31.30
CA GLY C 259 -9.06 16.39 31.76
C GLY C 259 -8.06 16.62 30.66
N ARG C 260 -8.45 16.40 29.41
CA ARG C 260 -7.58 16.52 28.26
C ARG C 260 -7.91 17.83 27.57
N ILE C 261 -7.10 18.85 27.84
CA ILE C 261 -7.31 20.18 27.28
C ILE C 261 -6.67 20.22 25.90
N LYS C 262 -7.50 20.39 24.88
CA LYS C 262 -7.05 20.33 23.49
C LYS C 262 -6.90 21.75 22.95
N ILE C 263 -5.76 22.02 22.31
CA ILE C 263 -5.42 23.34 21.80
C ILE C 263 -5.35 23.26 20.28
N SER C 264 -5.51 24.40 19.62
CA SER C 264 -5.30 24.51 18.19
C SER C 264 -5.18 25.99 17.84
N LEU C 265 -4.88 26.25 16.56
CA LEU C 265 -4.76 27.60 16.03
C LEU C 265 -5.52 27.65 14.70
N ASP C 266 -6.57 28.46 14.66
CA ASP C 266 -7.40 28.62 13.48
C ASP C 266 -7.06 29.91 12.78
N ASN C 267 -7.14 29.90 11.45
CA ASN C 267 -6.73 31.04 10.62
C ASN C 267 -7.79 31.30 9.56
N ASP C 268 -8.31 32.53 9.57
CA ASP C 268 -9.26 33.00 8.56
C ASP C 268 -8.64 34.21 7.87
N ILE C 269 -8.49 34.12 6.57
CA ILE C 269 -7.70 35.08 5.79
C ILE C 269 -8.65 35.83 4.85
N SER C 270 -8.80 37.13 5.10
CA SER C 270 -9.65 38.00 4.29
C SER C 270 -8.77 38.91 3.45
N ILE C 271 -8.93 38.84 2.14
CA ILE C 271 -8.08 39.60 1.22
C ILE C 271 -8.70 40.96 0.97
N ARG C 272 -7.84 41.93 0.67
CA ARG C 272 -8.20 43.27 0.23
C ARG C 272 -7.08 43.76 -0.69
N GLU C 273 -7.13 45.04 -1.07
CA GLU C 273 -6.09 45.65 -1.88
C GLU C 273 -5.42 46.78 -1.12
N CYS C 274 -4.10 46.91 -1.31
CA CYS C 274 -3.35 47.99 -0.70
C CYS C 274 -3.79 49.32 -1.32
N LYS C 275 -4.20 50.26 -0.46
CA LYS C 275 -4.74 51.52 -0.95
C LYS C 275 -3.71 52.31 -1.75
N ASP C 276 -2.55 52.57 -1.17
CA ASP C 276 -1.50 53.36 -1.80
C ASP C 276 -0.31 52.45 -2.05
N TRP C 277 0.09 52.33 -3.32
CA TRP C 277 1.00 51.26 -3.71
C TRP C 277 1.91 51.78 -4.82
N HIS C 278 3.22 51.60 -4.64
CA HIS C 278 4.25 52.14 -5.52
C HIS C 278 5.25 51.06 -5.89
N VAL C 279 5.49 50.87 -7.18
CA VAL C 279 6.48 49.93 -7.69
C VAL C 279 7.50 50.67 -8.53
N SER C 280 8.78 50.49 -8.21
CA SER C 280 9.89 51.02 -9.00
C SER C 280 9.83 52.54 -9.11
N GLY C 281 9.51 53.20 -7.99
CA GLY C 281 9.41 54.65 -7.95
C GLY C 281 8.13 55.22 -8.52
N SER C 282 7.33 54.42 -9.22
CA SER C 282 6.10 54.88 -9.86
C SER C 282 4.91 54.52 -8.96
N ILE C 283 3.70 54.63 -9.52
CA ILE C 283 2.48 54.20 -8.84
C ILE C 283 1.81 53.14 -9.71
N GLN C 284 1.03 52.27 -9.06
CA GLN C 284 0.38 51.17 -9.76
C GLN C 284 -1.02 50.94 -9.21
N LYS C 285 -1.90 50.47 -10.09
CA LYS C 285 -3.21 49.95 -9.72
C LYS C 285 -3.45 48.67 -10.51
N ASN C 286 -3.84 47.61 -9.82
CA ASN C 286 -3.99 46.30 -10.47
C ASN C 286 -5.17 46.34 -11.44
N THR C 287 -4.89 46.07 -12.71
CA THR C 287 -5.93 45.96 -13.72
C THR C 287 -6.33 44.50 -13.84
N HIS C 288 -7.58 44.20 -13.50
CA HIS C 288 -8.09 42.82 -13.57
C HIS C 288 -8.70 42.59 -14.95
N TYR C 289 -7.94 41.91 -15.82
CA TYR C 289 -8.48 41.49 -17.10
C TYR C 289 -9.31 40.23 -16.99
N MET C 290 -8.99 39.36 -16.01
CA MET C 290 -9.79 38.15 -15.79
C MET C 290 -11.24 38.49 -15.49
N MET C 291 -11.50 39.70 -15.01
CA MET C 291 -12.87 40.20 -14.88
C MET C 291 -13.59 40.18 -16.23
N ILE C 292 -12.91 40.66 -17.27
CA ILE C 292 -13.47 40.64 -18.63
C ILE C 292 -13.56 39.21 -19.13
N PHE C 293 -12.56 38.38 -18.78
CA PHE C 293 -12.47 37.03 -19.31
C PHE C 293 -13.63 36.18 -18.83
N ASP C 294 -13.98 36.28 -17.53
CA ASP C 294 -15.16 35.61 -17.02
C ASP C 294 -16.37 35.95 -17.88
N ALA C 295 -16.56 37.24 -18.16
CA ALA C 295 -17.68 37.70 -18.99
C ALA C 295 -17.71 36.98 -20.34
N PHE C 296 -16.61 37.06 -21.10
CA PHE C 296 -16.61 36.41 -22.40
C PHE C 296 -16.94 34.92 -22.30
N VAL C 297 -16.52 34.25 -21.22
CA VAL C 297 -16.85 32.83 -21.09
C VAL C 297 -18.34 32.64 -20.81
N ILE C 298 -18.93 33.50 -19.98
CA ILE C 298 -20.38 33.45 -19.79
C ILE C 298 -21.08 33.62 -21.12
N LEU C 299 -20.55 34.50 -21.98
CA LEU C 299 -21.17 34.72 -23.29
C LEU C 299 -21.16 33.43 -24.12
N THR C 300 -19.97 32.89 -24.39
CA THR C 300 -19.89 31.68 -25.20
C THR C 300 -20.77 30.58 -24.63
N CYS C 301 -20.69 30.39 -23.31
CA CYS C 301 -21.47 29.35 -22.66
C CYS C 301 -22.96 29.57 -22.85
N LEU C 302 -23.43 30.83 -22.74
CA LEU C 302 -24.84 31.13 -23.02
C LEU C 302 -25.22 30.77 -24.46
N VAL C 303 -24.35 31.10 -25.42
CA VAL C 303 -24.69 30.82 -26.81
C VAL C 303 -24.85 29.31 -27.03
N SER C 304 -23.88 28.54 -26.54
CA SER C 304 -24.02 27.09 -26.70
C SER C 304 -25.08 26.50 -25.78
N LEU C 305 -25.58 27.28 -24.82
CA LEU C 305 -26.84 26.93 -24.16
C LEU C 305 -27.99 27.03 -25.13
N ILE C 306 -28.20 28.23 -25.71
CA ILE C 306 -29.35 28.48 -26.58
C ILE C 306 -29.35 27.53 -27.78
N LEU C 307 -28.27 27.54 -28.56
CA LEU C 307 -28.25 26.80 -29.82
C LEU C 307 -28.58 25.34 -29.62
N CYS C 308 -28.07 24.74 -28.53
CA CYS C 308 -28.34 23.35 -28.24
C CYS C 308 -29.68 23.13 -27.57
N ILE C 309 -30.27 24.17 -26.97
CA ILE C 309 -31.67 24.07 -26.54
C ILE C 309 -32.57 23.94 -27.76
N ARG C 310 -32.40 24.83 -28.75
CA ARG C 310 -33.13 24.65 -30.01
C ARG C 310 -32.85 23.29 -30.62
N SER C 311 -31.58 22.85 -30.60
CA SER C 311 -31.29 21.51 -31.09
C SER C 311 -32.05 20.43 -30.31
N VAL C 312 -32.41 20.71 -29.05
CA VAL C 312 -33.18 19.74 -28.26
C VAL C 312 -34.65 19.75 -28.66
N ILE C 313 -35.25 20.94 -28.70
CA ILE C 313 -36.70 21.03 -28.88
C ILE C 313 -37.09 20.76 -30.33
N ARG C 314 -36.26 21.19 -31.28
CA ARG C 314 -36.48 20.82 -32.68
C ARG C 314 -36.62 19.31 -32.82
N GLY C 315 -35.66 18.56 -32.28
CA GLY C 315 -35.74 17.12 -32.30
C GLY C 315 -36.95 16.58 -31.55
N LEU C 316 -37.35 17.26 -30.47
CA LEU C 316 -38.58 16.87 -29.77
C LEU C 316 -39.79 16.93 -30.71
N GLN C 317 -40.01 18.08 -31.34
CA GLN C 317 -41.16 18.24 -32.22
C GLN C 317 -41.07 17.31 -33.43
N LEU C 318 -39.84 16.95 -33.84
CA LEU C 318 -39.70 15.89 -34.82
C LEU C 318 -39.97 14.51 -34.22
N GLN C 319 -39.92 14.36 -32.89
CA GLN C 319 -40.19 13.06 -32.30
C GLN C 319 -41.69 12.81 -32.24
N GLN C 320 -42.47 13.81 -31.81
CA GLN C 320 -43.91 13.63 -31.88
C GLN C 320 -44.40 13.72 -33.31
N GLU C 321 -43.79 14.58 -34.12
CA GLU C 321 -44.05 14.58 -35.55
C GLU C 321 -43.89 13.17 -36.14
N PHE C 322 -42.82 12.47 -35.74
CA PHE C 322 -42.56 11.12 -36.23
C PHE C 322 -43.60 10.12 -35.71
N VAL C 323 -43.82 10.09 -34.40
CA VAL C 323 -44.68 9.07 -33.81
C VAL C 323 -46.14 9.28 -34.20
N ASN C 324 -46.58 10.54 -34.22
CA ASN C 324 -47.94 10.83 -34.68
C ASN C 324 -48.10 10.54 -36.16
N PHE C 325 -47.10 10.90 -36.98
CA PHE C 325 -47.11 10.45 -38.37
C PHE C 325 -47.33 8.94 -38.46
N PHE C 326 -46.69 8.19 -37.56
CA PHE C 326 -46.63 6.74 -37.70
C PHE C 326 -48.00 6.07 -37.54
N LEU C 327 -48.97 6.76 -36.94
CA LEU C 327 -50.29 6.18 -36.74
C LEU C 327 -51.13 6.20 -38.01
N LEU C 328 -51.07 7.30 -38.76
CA LEU C 328 -51.87 7.41 -39.99
C LEU C 328 -51.57 6.29 -40.97
N HIS C 329 -50.35 5.76 -40.93
CA HIS C 329 -49.93 4.77 -41.91
C HIS C 329 -49.81 3.39 -41.28
N TYR C 330 -48.76 3.19 -40.48
CA TYR C 330 -48.41 1.87 -39.98
C TYR C 330 -48.99 1.59 -38.59
N LYS C 331 -49.37 2.62 -37.84
CA LYS C 331 -50.16 2.49 -36.61
C LYS C 331 -49.39 1.78 -35.49
N LYS C 332 -48.08 1.98 -35.42
CA LYS C 332 -47.29 1.49 -34.31
C LYS C 332 -46.83 2.66 -33.44
N GLU C 333 -46.19 2.34 -32.30
CA GLU C 333 -45.99 3.31 -31.24
C GLU C 333 -44.52 3.61 -30.97
N VAL C 334 -43.77 2.66 -30.39
CA VAL C 334 -42.48 2.87 -29.72
C VAL C 334 -42.46 4.22 -29.01
N SER C 335 -43.42 4.42 -28.10
CA SER C 335 -43.40 5.59 -27.22
C SER C 335 -42.07 5.71 -26.48
N VAL C 336 -41.40 4.59 -26.24
CA VAL C 336 -40.13 4.59 -25.51
C VAL C 336 -38.95 4.72 -26.48
N SER C 337 -38.83 3.76 -27.41
CA SER C 337 -37.62 3.65 -28.24
C SER C 337 -37.25 4.98 -28.90
N ASP C 338 -38.15 5.51 -29.72
CA ASP C 338 -37.82 6.68 -30.53
C ASP C 338 -38.27 8.00 -29.90
N GLN C 339 -38.78 7.99 -28.68
CA GLN C 339 -38.66 9.24 -27.94
C GLN C 339 -37.26 9.36 -27.35
N MET C 340 -36.74 8.25 -26.81
CA MET C 340 -35.34 8.17 -26.43
C MET C 340 -34.42 8.55 -27.57
N GLU C 341 -34.72 8.10 -28.79
CA GLU C 341 -33.81 8.31 -29.92
C GLU C 341 -33.62 9.79 -30.24
N PHE C 342 -34.71 10.55 -30.30
CA PHE C 342 -34.62 11.94 -30.73
C PHE C 342 -33.89 12.81 -29.70
N VAL C 343 -34.15 12.61 -28.41
CA VAL C 343 -33.36 13.30 -27.40
C VAL C 343 -31.90 12.92 -27.58
N ASN C 344 -31.05 13.93 -27.80
CA ASN C 344 -29.66 13.65 -28.13
C ASN C 344 -28.93 13.06 -26.92
N GLY C 345 -29.13 13.64 -25.74
CA GLY C 345 -28.51 13.15 -24.53
C GLY C 345 -27.09 13.64 -24.33
N TRP C 346 -26.38 13.95 -25.42
CA TRP C 346 -25.14 14.70 -25.33
C TRP C 346 -25.41 16.20 -25.28
N TYR C 347 -26.44 16.64 -26.00
CA TYR C 347 -26.88 18.03 -25.87
C TYR C 347 -27.31 18.33 -24.45
N ILE C 348 -27.99 17.38 -23.80
CA ILE C 348 -28.40 17.56 -22.41
C ILE C 348 -27.19 17.87 -21.54
N MET C 349 -26.12 17.09 -21.71
CA MET C 349 -24.88 17.35 -20.97
C MET C 349 -24.35 18.75 -21.27
N ILE C 350 -24.24 19.10 -22.57
CA ILE C 350 -23.74 20.44 -22.91
C ILE C 350 -24.56 21.52 -22.23
N ILE C 351 -25.88 21.32 -22.14
CA ILE C 351 -26.75 22.28 -21.46
C ILE C 351 -26.45 22.33 -19.97
N ILE C 352 -26.23 21.18 -19.34
CA ILE C 352 -26.02 21.16 -17.89
C ILE C 352 -24.68 21.79 -17.53
N SER C 353 -23.59 21.28 -18.12
CA SER C 353 -22.29 21.91 -17.93
C SER C 353 -22.31 23.37 -18.31
N ASP C 354 -23.23 23.75 -19.22
CA ASP C 354 -23.37 25.16 -19.57
C ASP C 354 -23.95 25.96 -18.40
N ILE C 355 -25.11 25.53 -17.89
CA ILE C 355 -25.70 26.17 -16.71
C ILE C 355 -24.66 26.30 -15.60
N LEU C 356 -24.03 25.17 -15.26
CA LEU C 356 -23.05 25.15 -14.18
C LEU C 356 -21.89 26.09 -14.45
N THR C 357 -21.46 26.22 -15.71
CA THR C 357 -20.40 27.17 -16.02
C THR C 357 -20.88 28.61 -15.88
N ILE C 358 -22.15 28.88 -16.21
CA ILE C 358 -22.69 30.23 -16.05
C ILE C 358 -22.68 30.63 -14.58
N ILE C 359 -23.30 29.80 -13.73
CA ILE C 359 -23.39 30.14 -12.32
C ILE C 359 -22.02 30.16 -11.67
N GLY C 360 -21.17 29.18 -12.02
CA GLY C 360 -19.81 29.17 -11.53
C GLY C 360 -19.06 30.45 -11.87
N SER C 361 -19.19 30.91 -13.12
CA SER C 361 -18.49 32.13 -13.53
C SER C 361 -19.03 33.34 -12.79
N ILE C 362 -20.36 33.47 -12.70
CA ILE C 362 -20.94 34.60 -11.98
C ILE C 362 -20.45 34.63 -10.53
N LEU C 363 -20.47 33.47 -9.87
CA LEU C 363 -20.02 33.43 -8.49
C LEU C 363 -18.53 33.73 -8.37
N LYS C 364 -17.72 33.30 -9.34
CA LYS C 364 -16.31 33.68 -9.32
C LYS C 364 -16.17 35.19 -9.48
N MET C 365 -17.11 35.81 -10.20
CA MET C 365 -17.04 37.24 -10.49
C MET C 365 -17.44 38.08 -9.29
N GLU C 366 -18.57 37.77 -8.67
CA GLU C 366 -18.94 38.43 -7.42
C GLU C 366 -17.90 38.16 -6.33
N ILE C 367 -17.54 36.89 -6.16
CA ILE C 367 -16.55 36.49 -5.17
C ILE C 367 -15.22 37.18 -5.40
N GLN C 368 -14.93 37.61 -6.63
CA GLN C 368 -13.72 38.39 -6.84
C GLN C 368 -13.94 39.88 -6.59
N ALA C 369 -15.09 40.40 -7.00
CA ALA C 369 -15.35 41.84 -6.90
C ALA C 369 -15.61 42.23 -5.45
N LYS C 370 -16.73 41.76 -4.90
CA LYS C 370 -16.99 41.93 -3.48
C LYS C 370 -15.88 41.30 -2.61
N SER C 371 -15.27 40.21 -3.09
CA SER C 371 -13.98 39.70 -2.60
C SER C 371 -14.05 39.06 -1.21
N LEU C 372 -15.15 38.37 -0.88
CA LEU C 372 -15.15 37.56 0.34
C LEU C 372 -14.02 36.54 0.33
N THR C 373 -13.90 35.77 -0.76
CA THR C 373 -12.94 34.69 -0.88
C THR C 373 -13.15 33.62 0.19
N SER C 374 -14.34 33.00 0.14
CA SER C 374 -14.55 31.67 0.72
C SER C 374 -14.22 30.59 -0.30
N TYR C 375 -14.71 30.75 -1.53
CA TYR C 375 -14.32 30.07 -2.76
C TYR C 375 -14.89 28.66 -2.90
N ASP C 376 -15.56 28.12 -1.90
CA ASP C 376 -15.86 26.69 -1.92
C ASP C 376 -16.92 26.36 -2.96
N VAL C 377 -18.09 26.99 -2.85
CA VAL C 377 -19.22 26.66 -3.72
C VAL C 377 -18.98 27.14 -5.14
N CYS C 378 -18.07 28.12 -5.34
CA CYS C 378 -17.68 28.49 -6.69
C CYS C 378 -16.78 27.43 -7.30
N SER C 379 -15.79 26.97 -6.53
CA SER C 379 -14.85 25.97 -7.03
C SER C 379 -15.56 24.68 -7.41
N ILE C 380 -16.49 24.22 -6.56
CA ILE C 380 -17.15 22.94 -6.83
C ILE C 380 -17.90 22.99 -8.16
N LEU C 381 -18.70 24.04 -8.37
CA LEU C 381 -19.39 24.23 -9.64
C LEU C 381 -18.42 24.30 -10.81
N LEU C 382 -17.61 25.36 -10.84
CA LEU C 382 -16.76 25.60 -12.00
C LEU C 382 -15.85 24.42 -12.30
N GLY C 383 -15.62 23.53 -11.32
CA GLY C 383 -14.94 22.27 -11.57
C GLY C 383 -15.81 21.18 -12.17
N THR C 384 -16.98 20.93 -11.56
CA THR C 384 -17.86 19.89 -12.09
C THR C 384 -18.23 20.18 -13.53
N SER C 385 -18.33 21.46 -13.88
CA SER C 385 -18.63 21.83 -15.26
C SER C 385 -17.53 21.35 -16.20
N THR C 386 -16.29 21.82 -15.99
CA THR C 386 -15.19 21.43 -16.88
C THR C 386 -15.02 19.91 -16.93
N MET C 387 -15.37 19.22 -15.83
CA MET C 387 -15.37 17.77 -15.88
C MET C 387 -16.38 17.26 -16.90
N LEU C 388 -17.59 17.83 -16.89
CA LEU C 388 -18.61 17.41 -17.86
C LEU C 388 -18.24 17.81 -19.28
N VAL C 389 -17.59 18.96 -19.46
CA VAL C 389 -17.22 19.44 -20.79
C VAL C 389 -16.18 18.52 -21.42
N TRP C 390 -15.04 18.36 -20.73
CA TRP C 390 -14.01 17.47 -21.25
C TRP C 390 -14.57 16.09 -21.48
N LEU C 391 -15.50 15.63 -20.63
CA LEU C 391 -16.22 14.41 -20.94
C LEU C 391 -16.93 14.51 -22.29
N GLY C 392 -17.59 15.65 -22.52
CA GLY C 392 -18.31 15.89 -23.76
C GLY C 392 -17.45 15.86 -25.01
N VAL C 393 -16.13 16.02 -24.88
CA VAL C 393 -15.25 15.95 -26.05
C VAL C 393 -15.28 14.58 -26.73
N ILE C 394 -15.68 13.54 -26.00
CA ILE C 394 -15.63 12.17 -26.52
C ILE C 394 -16.44 12.03 -27.80
N ARG C 395 -17.55 12.76 -27.92
CA ARG C 395 -18.37 12.68 -29.13
C ARG C 395 -17.56 13.09 -30.35
N TYR C 396 -16.81 14.18 -30.26
CA TYR C 396 -16.04 14.66 -31.39
C TYR C 396 -14.81 13.81 -31.64
N LEU C 397 -14.30 13.11 -30.62
CA LEU C 397 -13.46 11.96 -30.92
C LEU C 397 -14.22 10.92 -31.73
N GLY C 398 -15.49 10.72 -31.41
CA GLY C 398 -16.30 9.69 -32.04
C GLY C 398 -16.60 9.94 -33.50
N PHE C 399 -16.67 11.21 -33.91
CA PHE C 399 -16.91 11.50 -35.32
C PHE C 399 -15.87 10.82 -36.22
N PHE C 400 -14.66 10.62 -35.71
CA PHE C 400 -13.65 9.85 -36.43
C PHE C 400 -14.09 8.41 -36.65
N ALA C 401 -14.83 7.84 -35.68
CA ALA C 401 -15.55 6.57 -35.76
C ALA C 401 -14.70 5.34 -35.43
N LYS C 402 -13.50 5.53 -34.91
CA LYS C 402 -12.67 4.43 -34.46
C LYS C 402 -12.68 4.28 -32.94
N TYR C 403 -13.61 4.95 -32.26
CA TYR C 403 -13.59 5.04 -30.80
C TYR C 403 -14.95 4.85 -30.15
N ASN C 404 -16.03 4.72 -30.91
CA ASN C 404 -17.39 4.69 -30.38
C ASN C 404 -17.62 3.59 -29.35
N LEU C 405 -16.66 2.70 -29.13
CA LEU C 405 -16.91 1.49 -28.35
C LEU C 405 -17.09 1.80 -26.87
N LEU C 406 -16.34 2.76 -26.33
CA LEU C 406 -16.38 3.00 -24.90
C LEU C 406 -17.73 3.53 -24.43
N ILE C 407 -18.36 4.40 -25.23
CA ILE C 407 -19.65 4.97 -24.86
C ILE C 407 -20.82 4.23 -25.51
N LEU C 408 -20.55 3.28 -26.42
CA LEU C 408 -21.58 2.32 -26.79
C LEU C 408 -21.74 1.27 -25.69
N THR C 409 -20.62 0.65 -25.27
CA THR C 409 -20.70 -0.41 -24.29
C THR C 409 -20.85 0.13 -22.87
N LEU C 410 -20.34 1.33 -22.59
CA LEU C 410 -20.56 1.90 -21.26
C LEU C 410 -22.02 2.26 -21.05
N GLN C 411 -22.75 2.53 -22.13
CA GLN C 411 -24.19 2.72 -22.03
C GLN C 411 -24.93 1.39 -22.04
N ALA C 412 -24.43 0.41 -22.78
CA ALA C 412 -25.09 -0.90 -22.78
C ALA C 412 -24.76 -1.73 -21.54
N ALA C 413 -23.70 -1.37 -20.80
CA ALA C 413 -23.38 -2.10 -19.57
C ALA C 413 -24.19 -1.60 -18.38
N LEU C 414 -24.57 -0.33 -18.37
CA LEU C 414 -25.18 0.26 -17.19
C LEU C 414 -26.52 -0.36 -16.80
N PRO C 415 -27.47 -0.60 -17.71
CA PRO C 415 -28.76 -1.17 -17.28
C PRO C 415 -28.64 -2.51 -16.54
N ASN C 416 -27.63 -3.31 -16.85
CA ASN C 416 -27.44 -4.59 -16.19
C ASN C 416 -26.70 -4.43 -14.86
N VAL C 417 -25.54 -3.76 -14.93
CA VAL C 417 -24.74 -3.55 -13.74
C VAL C 417 -25.58 -2.92 -12.63
N ILE C 418 -26.42 -1.94 -12.95
CA ILE C 418 -27.16 -1.25 -11.90
C ILE C 418 -27.95 -2.25 -11.04
N ARG C 419 -28.68 -3.15 -11.70
CA ARG C 419 -29.32 -4.26 -10.99
C ARG C 419 -28.33 -5.01 -10.11
N PHE C 420 -27.24 -5.49 -10.73
CA PHE C 420 -26.26 -6.29 -9.99
C PHE C 420 -25.73 -5.53 -8.77
N CYS C 421 -25.23 -4.32 -9.00
CA CYS C 421 -24.75 -3.40 -7.98
C CYS C 421 -25.71 -3.29 -6.81
N CYS C 422 -26.99 -3.10 -7.09
CA CYS C 422 -27.98 -3.01 -6.02
C CYS C 422 -27.92 -4.26 -5.14
N CYS C 423 -28.07 -5.44 -5.77
CA CYS C 423 -28.07 -6.67 -4.97
C CYS C 423 -26.80 -6.85 -4.16
N ALA C 424 -25.63 -6.50 -4.72
CA ALA C 424 -24.41 -6.65 -3.94
C ALA C 424 -24.31 -5.57 -2.85
N ALA C 425 -25.00 -4.44 -3.03
CA ALA C 425 -25.01 -3.41 -2.00
C ALA C 425 -25.73 -3.89 -0.75
N MET C 426 -26.75 -4.74 -0.90
CA MET C 426 -27.36 -5.31 0.30
C MET C 426 -26.35 -6.06 1.16
N ILE C 427 -25.62 -7.00 0.55
CA ILE C 427 -24.54 -7.69 1.27
C ILE C 427 -23.61 -6.69 1.91
N TYR C 428 -23.20 -5.67 1.14
CA TYR C 428 -22.21 -4.73 1.65
C TYR C 428 -22.70 -4.04 2.92
N LEU C 429 -23.90 -3.48 2.89
CA LEU C 429 -24.42 -2.81 4.09
C LEU C 429 -24.44 -3.77 5.27
N GLY C 430 -25.11 -4.92 5.11
CA GLY C 430 -25.18 -5.87 6.21
C GLY C 430 -23.82 -6.23 6.75
N TYR C 431 -22.79 -6.14 5.91
CA TYR C 431 -21.43 -6.41 6.33
C TYR C 431 -20.88 -5.22 7.11
N CYS C 432 -21.24 -4.02 6.64
CA CYS C 432 -20.63 -2.78 7.09
C CYS C 432 -21.10 -2.43 8.50
N PHE C 433 -22.38 -2.64 8.78
CA PHE C 433 -22.88 -2.44 10.14
C PHE C 433 -22.14 -3.30 11.14
N CYS C 434 -22.21 -4.63 10.96
CA CYS C 434 -21.55 -5.56 11.87
C CYS C 434 -20.09 -5.19 12.06
N GLY C 435 -19.41 -4.80 10.98
CA GLY C 435 -18.04 -4.32 11.12
C GLY C 435 -17.95 -3.11 12.03
N TRP C 436 -18.81 -2.12 11.79
CA TRP C 436 -18.89 -0.93 12.63
C TRP C 436 -18.96 -1.31 14.10
N ILE C 437 -20.04 -1.96 14.51
CA ILE C 437 -20.26 -2.15 15.94
C ILE C 437 -19.23 -3.13 16.53
N VAL C 438 -19.13 -4.33 15.96
CA VAL C 438 -18.29 -5.34 16.59
C VAL C 438 -16.84 -4.90 16.63
N LEU C 439 -16.41 -4.19 15.57
CA LEU C 439 -15.01 -3.78 15.46
C LEU C 439 -14.75 -2.36 15.95
N GLY C 440 -15.80 -1.57 16.21
CA GLY C 440 -15.63 -0.20 16.60
C GLY C 440 -14.84 0.06 17.87
N PRO C 441 -15.11 -0.67 18.96
CA PRO C 441 -14.36 -0.41 20.20
C PRO C 441 -12.85 -0.56 20.05
N TYR C 442 -12.39 -1.35 19.09
CA TYR C 442 -11.00 -1.80 19.08
C TYR C 442 -10.22 -1.32 17.86
N HIS C 443 -10.67 -1.64 16.65
CA HIS C 443 -9.90 -1.34 15.45
C HIS C 443 -9.90 0.16 15.16
N ASP C 444 -8.71 0.72 14.97
CA ASP C 444 -8.56 2.16 14.77
C ASP C 444 -9.33 2.65 13.56
N LYS C 445 -9.50 1.80 12.54
CA LYS C 445 -10.12 2.23 11.30
C LYS C 445 -11.64 2.25 11.39
N PHE C 446 -12.23 1.21 11.97
CA PHE C 446 -13.69 1.12 12.08
C PHE C 446 -14.13 1.92 13.30
N ARG C 447 -14.63 3.13 13.07
CA ARG C 447 -15.09 3.95 14.20
C ARG C 447 -16.43 4.58 13.88
N SER C 448 -16.43 5.68 13.13
CA SER C 448 -17.68 6.12 12.52
C SER C 448 -18.06 5.13 11.41
N LEU C 449 -19.34 5.16 11.04
CA LEU C 449 -19.82 4.25 10.02
C LEU C 449 -19.13 4.52 8.68
N ASN C 450 -18.92 5.79 8.34
CA ASN C 450 -18.32 6.15 7.07
C ASN C 450 -16.94 5.53 6.93
N MET C 451 -16.05 5.80 7.89
CA MET C 451 -14.70 5.22 7.84
C MET C 451 -14.77 3.73 7.56
N VAL C 452 -15.74 3.04 8.16
CA VAL C 452 -15.94 1.63 7.85
C VAL C 452 -16.24 1.47 6.36
N SER C 453 -16.98 2.43 5.78
CA SER C 453 -17.23 2.34 4.35
C SER C 453 -15.94 2.50 3.54
N GLU C 454 -15.01 3.32 4.02
CA GLU C 454 -13.75 3.48 3.29
C GLU C 454 -12.75 2.36 3.57
N CYS C 455 -12.93 1.65 4.68
CA CYS C 455 -12.19 0.41 4.88
C CYS C 455 -12.64 -0.66 3.92
N LEU C 456 -13.92 -1.00 3.95
CA LEU C 456 -14.35 -2.07 3.08
C LEU C 456 -14.26 -1.70 1.61
N PHE C 457 -14.28 -0.40 1.27
CA PHE C 457 -13.96 -0.05 -0.11
C PHE C 457 -12.46 -0.12 -0.39
N SER C 458 -11.64 0.26 0.57
CA SER C 458 -10.19 0.11 0.40
C SER C 458 -9.82 -1.36 0.20
N LEU C 459 -10.47 -2.25 0.95
CA LEU C 459 -10.14 -3.67 0.96
C LEU C 459 -10.74 -4.41 -0.23
N ILE C 460 -11.92 -4.00 -0.74
CA ILE C 460 -12.37 -4.51 -2.02
C ILE C 460 -11.26 -4.35 -3.07
N ASN C 461 -10.66 -3.16 -3.10
CA ASN C 461 -9.60 -2.87 -4.04
C ASN C 461 -8.23 -3.33 -3.56
N GLY C 462 -8.17 -4.01 -2.41
CA GLY C 462 -6.93 -4.57 -1.92
C GLY C 462 -5.86 -3.54 -1.62
N ASP C 463 -6.18 -2.57 -0.75
CA ASP C 463 -5.21 -1.56 -0.37
C ASP C 463 -5.28 -1.35 1.13
N ASP C 464 -4.11 -1.25 1.76
CA ASP C 464 -3.97 -1.21 3.21
C ASP C 464 -4.70 -2.42 3.84
N MET C 465 -4.09 -3.58 3.64
CA MET C 465 -4.61 -4.84 4.16
C MET C 465 -3.89 -5.24 5.43
N PHE C 466 -2.61 -5.56 5.32
CA PHE C 466 -1.84 -6.00 6.49
C PHE C 466 -1.93 -4.97 7.62
N ALA C 467 -2.04 -3.70 7.26
CA ALA C 467 -2.33 -2.67 8.26
C ALA C 467 -3.55 -3.04 9.08
N THR C 468 -4.62 -3.50 8.41
CA THR C 468 -5.87 -3.78 9.12
C THR C 468 -5.73 -4.98 10.05
N PHE C 469 -5.13 -6.06 9.57
CA PHE C 469 -4.94 -7.23 10.43
C PHE C 469 -4.04 -6.90 11.62
N ALA C 470 -3.08 -5.98 11.44
CA ALA C 470 -2.15 -5.67 12.52
C ALA C 470 -2.61 -4.53 13.43
N LYS C 471 -3.68 -3.81 13.09
CA LYS C 471 -4.16 -2.72 13.94
C LYS C 471 -5.18 -3.14 14.99
N MET C 472 -5.63 -4.40 14.98
CA MET C 472 -6.47 -4.89 16.07
C MET C 472 -5.79 -4.68 17.42
N GLN C 473 -6.59 -4.61 18.48
CA GLN C 473 -6.04 -4.34 19.81
C GLN C 473 -5.78 -5.61 20.61
N GLN C 474 -6.26 -6.76 20.15
CA GLN C 474 -5.92 -8.06 20.75
C GLN C 474 -6.38 -8.19 22.20
N LYS C 475 -6.99 -7.13 22.75
CA LYS C 475 -7.29 -7.11 24.18
C LYS C 475 -8.37 -8.12 24.53
N SER C 476 -9.40 -8.22 23.70
CA SER C 476 -10.46 -9.21 23.87
C SER C 476 -10.24 -10.31 22.85
N TYR C 477 -9.80 -11.48 23.33
CA TYR C 477 -9.44 -12.56 22.41
C TYR C 477 -10.63 -12.95 21.54
N LEU C 478 -11.83 -13.05 22.13
CA LEU C 478 -13.01 -13.42 21.36
C LEU C 478 -13.22 -12.47 20.19
N VAL C 479 -13.21 -11.17 20.45
CA VAL C 479 -13.47 -10.19 19.40
C VAL C 479 -12.33 -10.16 18.40
N TRP C 480 -11.09 -10.14 18.89
CA TRP C 480 -9.93 -10.22 18.00
C TRP C 480 -10.05 -11.36 17.00
N LEU C 481 -10.47 -12.55 17.47
CA LEU C 481 -10.66 -13.66 16.55
C LEU C 481 -11.84 -13.40 15.61
N PHE C 482 -12.89 -12.77 16.14
CA PHE C 482 -14.03 -12.46 15.28
C PHE C 482 -13.58 -11.62 14.10
N SER C 483 -12.85 -10.53 14.37
CA SER C 483 -12.38 -9.64 13.30
C SER C 483 -11.66 -10.43 12.21
N ARG C 484 -10.98 -11.51 12.58
CA ARG C 484 -10.25 -12.27 11.59
C ARG C 484 -11.18 -13.12 10.74
N ILE C 485 -12.22 -13.71 11.36
CA ILE C 485 -13.27 -14.32 10.53
C ILE C 485 -13.91 -13.28 9.63
N TYR C 486 -14.11 -12.08 10.16
CA TYR C 486 -14.75 -10.99 9.42
C TYR C 486 -13.95 -10.63 8.18
N LEU C 487 -12.69 -10.30 8.37
CA LEU C 487 -11.88 -9.80 7.27
C LEU C 487 -11.53 -10.91 6.28
N TYR C 488 -11.03 -12.07 6.76
CA TYR C 488 -10.79 -13.17 5.83
C TYR C 488 -12.04 -13.47 5.01
N SER C 489 -13.19 -13.50 5.67
CA SER C 489 -14.44 -13.71 4.96
C SER C 489 -14.65 -12.65 3.89
N PHE C 490 -14.86 -11.40 4.32
CA PHE C 490 -15.18 -10.31 3.41
C PHE C 490 -14.24 -10.26 2.23
N ILE C 491 -12.94 -10.16 2.49
CA ILE C 491 -11.97 -10.14 1.40
C ILE C 491 -12.21 -11.32 0.46
N SER C 492 -12.24 -12.53 1.01
CA SER C 492 -12.27 -13.72 0.15
C SER C 492 -13.62 -13.95 -0.51
N LEU C 493 -14.66 -13.20 -0.17
CA LEU C 493 -15.94 -13.23 -0.87
C LEU C 493 -16.07 -12.07 -1.84
N PHE C 494 -16.00 -10.85 -1.32
CA PHE C 494 -16.27 -9.61 -2.03
C PHE C 494 -15.17 -9.24 -3.01
N ILE C 495 -14.00 -9.87 -2.94
CA ILE C 495 -13.02 -9.65 -4.00
C ILE C 495 -13.30 -10.66 -5.10
N TYR C 496 -12.84 -11.90 -4.89
CA TYR C 496 -12.89 -12.93 -5.92
C TYR C 496 -14.30 -13.10 -6.47
N MET C 497 -15.24 -13.51 -5.61
CA MET C 497 -16.56 -13.89 -6.09
C MET C 497 -17.30 -12.70 -6.70
N ILE C 498 -17.66 -11.72 -5.87
CA ILE C 498 -18.53 -10.64 -6.34
C ILE C 498 -17.79 -9.76 -7.36
N LEU C 499 -16.57 -9.33 -7.03
CA LEU C 499 -15.85 -8.48 -7.97
C LEU C 499 -15.63 -9.17 -9.31
N SER C 500 -15.12 -10.41 -9.30
CA SER C 500 -14.84 -11.07 -10.57
C SER C 500 -16.14 -11.32 -11.34
N LEU C 501 -17.26 -11.48 -10.63
CA LEU C 501 -18.55 -11.57 -11.32
C LEU C 501 -18.89 -10.25 -12.01
N PHE C 502 -18.67 -9.13 -11.32
CA PHE C 502 -18.97 -7.81 -11.87
C PHE C 502 -18.13 -7.53 -13.12
N ILE C 503 -16.82 -7.74 -13.00
CA ILE C 503 -15.91 -7.47 -14.11
C ILE C 503 -16.20 -8.40 -15.27
N ALA C 504 -16.51 -9.67 -14.99
CA ALA C 504 -16.93 -10.59 -16.05
C ALA C 504 -18.21 -10.12 -16.72
N LEU C 505 -19.11 -9.50 -15.96
CA LEU C 505 -20.32 -8.95 -16.55
C LEU C 505 -19.98 -7.88 -17.58
N ILE C 506 -19.17 -6.89 -17.20
CA ILE C 506 -18.85 -5.82 -18.13
C ILE C 506 -18.14 -6.36 -19.36
N THR C 507 -17.13 -7.22 -19.17
CA THR C 507 -16.41 -7.76 -20.32
C THR C 507 -17.35 -8.51 -21.27
N ASP C 508 -18.26 -9.33 -20.72
CA ASP C 508 -19.27 -10.00 -21.53
C ASP C 508 -20.06 -9.00 -22.38
N THR C 509 -20.60 -7.96 -21.73
CA THR C 509 -21.30 -6.91 -22.46
C THR C 509 -20.44 -6.36 -23.60
N TYR C 510 -19.14 -6.18 -23.34
CA TYR C 510 -18.23 -5.70 -24.37
C TYR C 510 -18.18 -6.65 -25.56
N GLU C 511 -18.19 -7.96 -25.30
CA GLU C 511 -18.27 -8.92 -26.40
C GLU C 511 -19.51 -8.66 -27.26
N THR C 512 -20.68 -8.58 -26.61
CA THR C 512 -21.92 -8.45 -27.38
C THR C 512 -21.91 -7.18 -28.22
N ILE C 513 -21.48 -6.05 -27.63
CA ILE C 513 -21.45 -4.81 -28.41
C ILE C 513 -20.37 -4.86 -29.48
N LYS C 514 -19.30 -5.65 -29.26
CA LYS C 514 -18.31 -5.87 -30.32
C LYS C 514 -18.97 -6.48 -31.55
N GLN C 515 -19.71 -7.57 -31.37
CA GLN C 515 -20.30 -8.15 -32.57
C GLN C 515 -21.52 -7.37 -33.06
N TYR C 516 -22.04 -6.43 -32.27
CA TYR C 516 -22.92 -5.42 -32.86
C TYR C 516 -22.14 -4.54 -33.82
N GLN C 517 -21.06 -3.92 -33.34
CA GLN C 517 -20.15 -3.18 -34.21
C GLN C 517 -19.81 -3.97 -35.48
N GLN C 518 -19.83 -5.30 -35.41
CA GLN C 518 -19.49 -6.09 -36.59
C GLN C 518 -20.69 -6.30 -37.52
N ASP C 519 -21.88 -6.59 -36.97
CA ASP C 519 -23.06 -6.94 -37.78
C ASP C 519 -24.26 -6.07 -37.42
N GLY C 520 -24.27 -4.84 -37.92
CA GLY C 520 -25.42 -3.97 -37.73
C GLY C 520 -25.69 -3.67 -36.27
N PHE C 521 -26.96 -3.60 -35.91
CA PHE C 521 -27.36 -3.27 -34.55
C PHE C 521 -28.73 -3.88 -34.29
N PRO C 522 -29.31 -3.74 -33.10
CA PRO C 522 -30.73 -4.07 -32.96
C PRO C 522 -31.57 -3.19 -33.85
N GLU C 523 -32.47 -3.83 -34.61
CA GLU C 523 -33.15 -3.15 -35.71
C GLU C 523 -34.35 -2.38 -35.16
N THR C 524 -34.37 -1.08 -35.43
CA THR C 524 -35.48 -0.22 -35.03
C THR C 524 -36.28 0.17 -36.26
N GLU C 525 -37.60 0.18 -36.12
CA GLU C 525 -38.53 0.69 -37.13
C GLU C 525 -38.05 2.01 -37.74
N LEU C 526 -37.44 2.86 -36.92
CA LEU C 526 -36.81 4.08 -37.44
C LEU C 526 -35.69 3.73 -38.42
N ARG C 527 -34.69 2.99 -37.94
CA ARG C 527 -33.50 2.72 -38.75
C ARG C 527 -33.78 1.69 -39.84
N THR C 528 -34.89 0.96 -39.75
CA THR C 528 -35.43 0.31 -40.95
C THR C 528 -36.03 1.35 -41.89
N PHE C 529 -36.64 2.39 -41.33
CA PHE C 529 -37.42 3.37 -42.06
C PHE C 529 -36.55 4.52 -42.54
N ILE C 530 -35.45 4.84 -41.85
CA ILE C 530 -34.39 5.66 -42.43
C ILE C 530 -33.30 4.72 -42.92
N SER C 531 -33.22 4.55 -44.24
CA SER C 531 -32.33 3.62 -44.90
C SER C 531 -32.65 3.55 -46.39
N LEU D 38 11.14 -17.64 -65.51
CA LEU D 38 10.83 -16.32 -66.07
C LEU D 38 11.40 -15.22 -65.20
N LEU D 39 11.28 -13.98 -65.68
CA LEU D 39 11.63 -12.80 -64.88
C LEU D 39 10.98 -12.86 -63.50
N GLU D 40 9.67 -13.11 -63.47
CA GLU D 40 8.93 -13.29 -62.23
C GLU D 40 9.65 -14.20 -61.27
N ASP D 41 10.01 -15.41 -61.73
CA ASP D 41 10.63 -16.39 -60.85
C ASP D 41 12.03 -15.95 -60.44
N GLN D 42 12.75 -15.22 -61.30
CA GLN D 42 14.05 -14.69 -60.89
C GLN D 42 13.90 -13.76 -59.70
N MET D 43 13.16 -12.66 -59.87
CA MET D 43 13.08 -11.66 -58.80
C MET D 43 12.49 -12.27 -57.54
N ARG D 44 11.40 -13.02 -57.69
CA ARG D 44 10.79 -13.66 -56.52
C ARG D 44 11.77 -14.65 -55.90
N ARG D 45 12.67 -15.21 -56.71
CA ARG D 45 13.60 -16.22 -56.23
C ARG D 45 14.67 -15.60 -55.34
N LYS D 46 15.23 -14.45 -55.73
CA LYS D 46 16.10 -13.73 -54.80
C LYS D 46 15.32 -13.26 -53.58
N LEU D 47 14.05 -12.89 -53.78
CA LEU D 47 13.23 -12.40 -52.68
C LEU D 47 13.04 -13.49 -51.62
N LYS D 48 12.80 -14.73 -52.05
CA LYS D 48 12.55 -15.83 -51.13
C LYS D 48 13.58 -15.89 -50.01
N PHE D 49 14.84 -15.57 -50.32
CA PHE D 49 15.86 -15.53 -49.28
C PHE D 49 16.20 -14.13 -48.82
N PHE D 50 15.63 -13.08 -49.41
CA PHE D 50 15.63 -11.81 -48.69
C PHE D 50 14.98 -11.96 -47.31
N PHE D 51 13.86 -12.68 -47.23
CA PHE D 51 13.00 -12.70 -46.05
C PHE D 51 13.23 -13.86 -45.09
N MET D 52 14.26 -14.68 -45.29
CA MET D 52 14.41 -15.82 -44.38
C MET D 52 14.69 -15.33 -42.96
N ASN D 53 13.71 -15.53 -42.07
CA ASN D 53 13.66 -14.75 -40.83
C ASN D 53 14.83 -15.07 -39.91
N PRO D 54 15.03 -16.31 -39.45
CA PRO D 54 16.29 -16.60 -38.76
C PRO D 54 17.45 -16.42 -39.71
N CYS D 55 18.40 -15.56 -39.34
CA CYS D 55 19.62 -15.46 -40.13
C CYS D 55 20.34 -16.80 -40.16
N GLU D 56 20.11 -17.63 -39.15
CA GLU D 56 20.47 -19.05 -39.23
C GLU D 56 19.78 -19.70 -40.43
N LYS D 57 18.49 -19.39 -40.63
CA LYS D 57 17.73 -19.99 -41.71
C LYS D 57 18.12 -19.43 -43.07
N PHE D 58 18.53 -18.16 -43.13
CA PHE D 58 18.98 -17.59 -44.40
C PHE D 58 20.34 -18.16 -44.77
N TRP D 59 21.31 -18.06 -43.84
CA TRP D 59 22.59 -18.72 -44.06
C TRP D 59 22.44 -20.20 -44.37
N ALA D 60 21.35 -20.83 -43.91
CA ALA D 60 21.13 -22.24 -44.20
C ALA D 60 21.14 -22.54 -45.70
N ARG D 61 20.66 -21.61 -46.53
CA ARG D 61 20.81 -21.69 -47.98
C ARG D 61 22.26 -21.94 -48.34
N GLY D 62 23.06 -20.88 -48.22
CA GLY D 62 24.46 -20.94 -48.54
C GLY D 62 25.23 -20.09 -47.55
N ARG D 63 26.51 -20.38 -47.45
CA ARG D 63 27.33 -19.84 -46.38
C ARG D 63 27.53 -18.34 -46.53
N LYS D 64 27.36 -17.61 -45.43
CA LYS D 64 27.77 -16.21 -45.32
C LYS D 64 28.58 -16.00 -44.05
N PRO D 65 29.55 -15.10 -44.08
CA PRO D 65 30.33 -14.80 -42.87
C PRO D 65 29.46 -14.09 -41.84
N TRP D 66 29.92 -14.15 -40.59
CA TRP D 66 29.06 -13.78 -39.48
C TRP D 66 28.82 -12.28 -39.38
N LYS D 67 27.55 -11.93 -39.26
CA LYS D 67 27.10 -10.60 -38.85
C LYS D 67 26.47 -10.64 -37.46
N LEU D 68 25.42 -11.45 -37.28
CA LEU D 68 24.70 -11.61 -36.02
C LEU D 68 25.63 -11.75 -34.82
N ALA D 69 26.78 -12.38 -35.02
CA ALA D 69 27.79 -12.47 -33.96
C ALA D 69 28.22 -11.10 -33.48
N ILE D 70 28.27 -10.11 -34.39
CA ILE D 70 28.67 -8.78 -33.97
C ILE D 70 27.55 -8.10 -33.20
N GLN D 71 26.30 -8.52 -33.41
CA GLN D 71 25.19 -7.96 -32.65
C GLN D 71 25.15 -8.52 -31.24
N ILE D 72 25.40 -9.84 -31.10
CA ILE D 72 25.55 -10.41 -29.76
C ILE D 72 26.72 -9.76 -29.03
N LEU D 73 27.84 -9.58 -29.74
CA LEU D 73 28.98 -8.85 -29.19
C LEU D 73 28.56 -7.45 -28.75
N LYS D 74 27.74 -6.78 -29.56
CA LYS D 74 27.26 -5.46 -29.18
C LYS D 74 26.52 -5.50 -27.85
N ILE D 75 25.56 -6.42 -27.72
CA ILE D 75 24.82 -6.53 -26.45
C ILE D 75 25.79 -6.67 -25.29
N ALA D 76 26.67 -7.69 -25.36
CA ALA D 76 27.60 -7.92 -24.26
C ALA D 76 28.41 -6.65 -23.94
N MET D 77 28.91 -5.98 -24.98
CA MET D 77 29.63 -4.73 -24.80
C MET D 77 28.78 -3.70 -24.07
N VAL D 78 27.76 -3.17 -24.75
CA VAL D 78 26.92 -2.07 -24.26
C VAL D 78 26.54 -2.30 -22.80
N THR D 79 26.13 -3.52 -22.45
CA THR D 79 25.73 -3.73 -21.07
C THR D 79 26.92 -3.83 -20.12
N ILE D 80 28.07 -4.35 -20.58
CA ILE D 80 29.23 -4.36 -19.70
C ILE D 80 29.72 -2.93 -19.45
N GLN D 81 29.66 -2.08 -20.48
CA GLN D 81 29.93 -0.66 -20.29
C GLN D 81 28.97 -0.05 -19.29
N LEU D 82 27.67 -0.33 -19.43
CA LEU D 82 26.69 0.34 -18.58
C LEU D 82 26.83 -0.11 -17.13
N VAL D 83 27.14 -1.38 -16.91
CA VAL D 83 27.31 -1.88 -15.55
C VAL D 83 28.60 -1.32 -14.93
N LEU D 84 29.72 -1.45 -15.64
CA LEU D 84 30.98 -0.92 -15.15
C LEU D 84 30.89 0.57 -14.86
N PHE D 85 30.06 1.28 -15.63
CA PHE D 85 29.77 2.68 -15.36
C PHE D 85 28.96 2.84 -14.07
N GLY D 86 27.80 2.19 -14.01
CA GLY D 86 26.92 2.32 -12.87
C GLY D 86 27.58 2.08 -11.54
N LEU D 87 28.47 1.08 -11.47
CA LEU D 87 29.12 0.78 -10.19
C LEU D 87 29.99 1.94 -9.72
N SER D 88 30.88 2.41 -10.60
CA SER D 88 31.74 3.55 -10.28
C SER D 88 30.91 4.77 -9.84
N ASN D 89 29.99 5.20 -10.70
CA ASN D 89 29.13 6.33 -10.35
C ASN D 89 28.46 6.11 -9.01
N GLN D 90 28.03 4.88 -8.73
CA GLN D 90 27.35 4.57 -7.49
C GLN D 90 28.26 4.78 -6.28
N MET D 91 29.54 4.40 -6.39
CA MET D 91 30.45 4.63 -5.28
C MET D 91 30.67 6.12 -5.05
N VAL D 92 30.78 6.90 -6.14
CA VAL D 92 30.95 8.34 -5.96
C VAL D 92 29.72 8.95 -5.30
N VAL D 93 28.53 8.47 -5.66
CA VAL D 93 27.30 8.97 -5.04
C VAL D 93 27.27 8.62 -3.56
N ALA D 94 27.63 7.37 -3.21
CA ALA D 94 27.66 6.98 -1.81
C ALA D 94 28.54 7.92 -1.00
N PHE D 95 29.71 8.26 -1.53
CA PHE D 95 30.59 9.15 -0.78
C PHE D 95 29.98 10.55 -0.64
N LYS D 96 29.39 11.08 -1.71
CA LYS D 96 28.78 12.41 -1.60
C LYS D 96 27.65 12.42 -0.58
N GLU D 97 26.86 11.34 -0.55
CA GLU D 97 25.78 11.23 0.42
C GLU D 97 26.30 11.28 1.85
N GLU D 98 27.21 10.37 2.19
CA GLU D 98 27.77 10.36 3.53
C GLU D 98 28.31 11.74 3.92
N ASN D 99 29.09 12.35 3.03
CA ASN D 99 29.71 13.62 3.39
C ASN D 99 28.69 14.73 3.59
N THR D 100 27.73 14.88 2.66
CA THR D 100 26.74 15.94 2.83
C THR D 100 25.90 15.75 4.09
N ILE D 101 25.72 14.49 4.53
CA ILE D 101 25.08 14.27 5.83
C ILE D 101 25.96 14.81 6.95
N ALA D 102 27.23 14.37 7.00
CA ALA D 102 28.14 14.86 8.03
C ALA D 102 28.19 16.38 8.06
N PHE D 103 28.03 17.02 6.91
CA PHE D 103 27.97 18.48 6.87
C PHE D 103 26.68 18.98 7.50
N LYS D 104 25.54 18.38 7.13
CA LYS D 104 24.27 18.78 7.73
C LYS D 104 24.35 18.78 9.25
N HIS D 105 25.06 17.82 9.84
CA HIS D 105 25.19 17.86 11.29
C HIS D 105 26.32 18.75 11.78
N LEU D 106 27.31 19.05 10.94
CA LEU D 106 28.35 19.93 11.42
C LEU D 106 27.89 21.39 11.46
N PHE D 107 27.14 21.84 10.45
CA PHE D 107 26.92 23.27 10.29
C PHE D 107 25.49 23.75 10.56
N LEU D 108 24.54 22.85 10.81
CA LEU D 108 23.16 23.23 11.11
C LEU D 108 22.91 23.01 12.60
N LYS D 109 22.67 24.10 13.32
CA LYS D 109 22.39 24.00 14.75
C LYS D 109 21.13 23.16 14.98
N GLY D 110 21.22 22.27 15.95
CA GLY D 110 20.08 21.43 16.30
C GLY D 110 19.59 20.55 15.18
N TYR D 111 20.51 19.97 14.39
CA TYR D 111 20.15 18.88 13.50
C TYR D 111 20.19 17.59 14.31
N MET D 112 19.06 16.88 14.38
CA MET D 112 19.01 15.71 15.24
C MET D 112 19.89 14.59 14.67
N ASP D 113 20.72 14.02 15.53
CA ASP D 113 21.95 13.33 15.13
C ASP D 113 21.75 12.19 14.16
N ARG D 114 20.50 11.76 13.91
CA ARG D 114 20.26 10.93 12.74
C ARG D 114 19.90 11.84 11.57
N MET D 115 18.66 12.33 11.56
CA MET D 115 18.20 13.21 10.50
C MET D 115 17.00 13.99 10.98
N ASP D 116 16.94 15.26 10.58
CA ASP D 116 15.72 16.04 10.49
C ASP D 116 15.66 16.57 9.07
N ASP D 117 14.49 17.05 8.65
CA ASP D 117 14.35 17.46 7.25
C ASP D 117 13.45 18.67 7.13
N THR D 118 13.83 19.58 6.22
CA THR D 118 13.09 20.82 5.91
C THR D 118 13.06 21.76 7.12
N TYR D 119 14.18 21.85 7.83
CA TYR D 119 14.24 22.56 9.10
C TYR D 119 14.28 24.06 8.88
N ALA D 120 13.38 24.78 9.56
CA ALA D 120 13.18 26.20 9.33
C ALA D 120 13.13 26.95 10.67
N VAL D 121 13.56 28.21 10.62
CA VAL D 121 13.78 29.04 11.81
C VAL D 121 12.82 30.22 11.75
N TYR D 122 12.04 30.44 12.81
CA TYR D 122 10.91 31.35 12.75
C TYR D 122 11.05 32.61 13.60
N THR D 123 12.17 32.83 14.29
CA THR D 123 12.39 34.07 15.02
C THR D 123 13.74 34.64 14.61
N GLN D 124 13.81 35.98 14.56
CA GLN D 124 15.02 36.61 14.02
C GLN D 124 16.21 36.43 14.96
N SER D 125 15.97 36.37 16.27
CA SER D 125 17.01 35.95 17.20
C SER D 125 17.52 34.56 16.84
N ASP D 126 16.62 33.68 16.41
CA ASP D 126 17.01 32.33 16.04
C ASP D 126 17.85 32.31 14.77
N VAL D 127 17.49 33.15 13.79
CA VAL D 127 18.30 33.25 12.56
C VAL D 127 19.70 33.74 12.91
N TYR D 128 19.77 34.75 13.78
CA TYR D 128 21.08 35.27 14.18
C TYR D 128 21.92 34.18 14.85
N ASP D 129 21.33 33.47 15.82
CA ASP D 129 22.05 32.40 16.51
C ASP D 129 22.53 31.34 15.52
N GLN D 130 21.66 30.95 14.58
CA GLN D 130 22.03 30.01 13.53
C GLN D 130 23.27 30.47 12.78
N LEU D 131 23.22 31.66 12.17
CA LEU D 131 24.35 32.19 11.42
C LEU D 131 25.65 32.14 12.23
N ILE D 132 25.62 32.75 13.43
CA ILE D 132 26.80 32.74 14.30
C ILE D 132 27.33 31.33 14.47
N PHE D 133 26.43 30.36 14.69
CA PHE D 133 26.87 28.99 14.89
C PHE D 133 27.57 28.44 13.65
N ALA D 134 26.91 28.52 12.49
CA ALA D 134 27.47 27.97 11.26
C ALA D 134 28.88 28.51 11.01
N VAL D 135 29.04 29.84 11.05
CA VAL D 135 30.36 30.41 10.81
C VAL D 135 31.36 29.91 11.84
N ASN D 136 30.97 29.91 13.12
CA ASN D 136 31.89 29.44 14.15
C ASN D 136 32.30 27.99 13.95
N GLN D 137 31.42 27.16 13.38
CA GLN D 137 31.81 25.80 13.06
C GLN D 137 32.83 25.77 11.93
N TYR D 138 32.60 26.57 10.88
CA TYR D 138 33.57 26.58 9.79
C TYR D 138 34.95 26.99 10.27
N LEU D 139 35.03 27.99 11.16
CA LEU D 139 36.34 28.45 11.62
C LEU D 139 36.98 27.45 12.58
N GLN D 140 36.18 26.75 13.38
CA GLN D 140 36.68 25.76 14.31
C GLN D 140 36.67 24.34 13.73
N LEU D 141 36.51 24.22 12.41
CA LEU D 141 36.25 22.92 11.78
C LEU D 141 37.29 21.87 12.12
N TYR D 142 38.54 22.27 12.39
CA TYR D 142 39.59 21.29 12.59
C TYR D 142 39.49 20.62 13.95
N ASN D 143 39.18 21.38 15.01
CA ASN D 143 38.83 20.75 16.28
C ASN D 143 37.56 19.92 16.19
N VAL D 144 36.56 20.40 15.47
CA VAL D 144 35.22 19.80 15.54
C VAL D 144 35.18 18.48 14.78
N SER D 145 35.52 18.51 13.50
CA SER D 145 35.16 17.41 12.60
C SER D 145 36.01 16.17 12.83
N VAL D 146 35.39 15.01 12.61
CA VAL D 146 36.12 13.75 12.53
C VAL D 146 36.74 13.59 11.15
N GLY D 147 36.02 13.98 10.12
CA GLY D 147 36.45 13.77 8.75
C GLY D 147 37.74 14.48 8.43
N ASN D 148 38.31 14.07 7.29
CA ASN D 148 39.53 14.66 6.78
C ASN D 148 39.28 15.97 6.05
N HIS D 149 38.08 16.53 6.13
CA HIS D 149 37.77 17.78 5.44
C HIS D 149 38.79 18.85 5.77
N ALA D 150 39.28 19.52 4.73
CA ALA D 150 40.25 20.59 4.86
C ALA D 150 39.88 21.72 3.92
N TYR D 151 40.26 22.94 4.27
CA TYR D 151 39.95 24.09 3.43
C TYR D 151 40.76 24.04 2.13
N GLU D 152 40.33 24.87 1.18
CA GLU D 152 41.07 25.13 -0.03
C GLU D 152 41.75 26.49 0.08
N ASN D 153 42.98 26.58 -0.43
CA ASN D 153 43.77 27.79 -0.30
C ASN D 153 43.89 28.54 -1.61
N ALA D 160 37.97 31.72 3.37
CA ALA D 160 37.36 31.81 2.06
C ALA D 160 35.85 31.63 2.12
N MET D 161 35.25 32.15 3.19
CA MET D 161 33.82 31.98 3.45
C MET D 161 33.07 33.19 2.90
N ALA D 162 32.28 32.96 1.84
CA ALA D 162 31.56 34.03 1.16
C ALA D 162 30.16 34.14 1.76
N ILE D 163 29.84 35.30 2.32
CA ILE D 163 28.53 35.58 2.90
C ILE D 163 27.80 36.50 1.94
N CYS D 164 26.86 35.95 1.18
CA CYS D 164 26.04 36.73 0.27
C CYS D 164 24.73 37.11 0.94
N GLN D 165 24.34 38.38 0.78
CA GLN D 165 23.10 38.89 1.35
C GLN D 165 22.37 39.64 0.26
N HIS D 166 21.26 39.09 -0.20
CA HIS D 166 20.50 39.65 -1.32
C HIS D 166 19.28 40.36 -0.74
N PHE D 167 19.27 41.69 -0.84
CA PHE D 167 18.15 42.48 -0.35
C PHE D 167 17.67 43.39 -1.46
N TYR D 168 16.43 43.87 -1.32
CA TYR D 168 15.84 44.74 -2.32
C TYR D 168 16.53 46.09 -2.33
N LYS D 169 16.65 46.67 -3.53
CA LYS D 169 17.29 47.97 -3.72
C LYS D 169 16.72 49.00 -2.77
N ARG D 170 15.49 49.42 -3.01
CA ARG D 170 14.76 50.30 -2.09
C ARG D 170 13.60 49.49 -1.50
N GLY D 171 13.84 48.88 -0.35
CA GLY D 171 12.78 48.23 0.39
C GLY D 171 12.04 49.19 1.30
N ASN D 172 10.73 49.32 1.10
CA ASN D 172 9.88 50.08 2.00
C ASN D 172 8.57 49.32 2.14
N ILE D 173 8.30 48.80 3.34
CA ILE D 173 7.14 47.95 3.58
C ILE D 173 6.50 48.39 4.90
N TYR D 174 5.19 48.60 4.88
CA TYR D 174 4.44 49.04 6.06
C TYR D 174 3.09 48.34 6.08
N PRO D 175 3.06 47.08 6.52
CA PRO D 175 1.77 46.36 6.59
C PRO D 175 0.75 47.00 7.51
N GLY D 176 1.18 47.91 8.40
CA GLY D 176 0.22 48.63 9.21
C GLY D 176 -0.59 49.63 8.40
N ASN D 177 0.09 50.38 7.54
CA ASN D 177 -0.60 51.32 6.67
C ASN D 177 -1.36 50.62 5.55
N ASP D 178 -1.17 49.32 5.39
CA ASP D 178 -1.66 48.56 4.22
C ASP D 178 -1.13 49.16 2.93
N THR D 179 0.10 49.66 2.96
CA THR D 179 0.76 50.30 1.83
C THR D 179 2.23 49.91 1.81
N PHE D 180 2.76 49.68 0.60
CA PHE D 180 4.17 49.35 0.43
C PHE D 180 4.70 50.03 -0.82
N ASP D 181 6.03 50.27 -0.83
CA ASP D 181 6.73 50.88 -1.95
C ASP D 181 8.06 50.17 -2.14
N ILE D 182 8.33 49.73 -3.38
CA ILE D 182 9.53 48.95 -3.67
C ILE D 182 10.04 49.28 -5.07
N ASP D 183 11.36 49.17 -5.26
CA ASP D 183 11.99 49.11 -6.56
C ASP D 183 12.54 47.69 -6.73
N PRO D 184 12.10 46.94 -7.71
CA PRO D 184 12.41 45.50 -7.73
C PRO D 184 13.77 45.17 -8.35
N GLU D 185 14.83 45.60 -7.69
CA GLU D 185 16.18 45.17 -8.05
C GLU D 185 16.72 44.28 -6.94
N ILE D 186 17.89 43.69 -7.19
CA ILE D 186 18.58 42.84 -6.24
C ILE D 186 20.02 43.33 -6.12
N GLU D 187 20.41 43.74 -4.91
CA GLU D 187 21.74 44.25 -4.64
C GLU D 187 22.37 43.41 -3.55
N THR D 188 23.48 42.75 -3.88
CA THR D 188 24.11 41.76 -3.01
C THR D 188 25.27 42.40 -2.28
N GLU D 189 25.08 42.67 -0.98
CA GLU D 189 26.14 43.17 -0.13
C GLU D 189 26.82 41.98 0.54
N CYS D 190 28.07 41.73 0.17
CA CYS D 190 28.74 40.47 0.48
C CYS D 190 29.80 40.67 1.56
N PHE D 191 30.40 39.55 1.97
CA PHE D 191 31.41 39.49 3.00
C PHE D 191 32.49 38.52 2.53
N PHE D 192 33.61 38.52 3.25
CA PHE D 192 34.58 37.44 3.17
C PHE D 192 35.17 37.19 4.54
N VAL D 193 35.14 35.93 4.98
CA VAL D 193 35.61 35.52 6.29
C VAL D 193 36.86 34.68 6.11
N GLU D 194 37.82 34.84 7.01
CA GLU D 194 39.08 34.13 6.94
C GLU D 194 39.31 33.28 8.19
N PRO D 195 39.77 32.04 8.03
CA PRO D 195 40.10 31.16 9.16
C PRO D 195 41.23 31.72 10.04
N LYS D 208 35.09 36.07 14.58
CA LYS D 208 33.73 36.39 15.00
C LYS D 208 33.37 37.81 14.58
N LEU D 209 32.35 37.93 13.75
CA LEU D 209 32.04 39.14 13.01
C LEU D 209 30.98 39.98 13.72
N ASN D 210 30.68 41.13 13.11
CA ASN D 210 29.50 41.92 13.39
C ASN D 210 28.66 42.00 12.13
N LEU D 211 27.34 41.79 12.27
CA LEU D 211 26.46 41.89 11.11
C LEU D 211 25.10 42.44 11.55
N THR D 212 24.47 43.16 10.63
CA THR D 212 23.13 43.69 10.81
C THR D 212 22.33 43.40 9.55
N LEU D 213 21.18 42.76 9.72
CA LEU D 213 20.30 42.44 8.60
C LEU D 213 18.93 43.04 8.87
N ASP D 214 18.53 44.02 8.07
CA ASP D 214 17.16 44.50 8.09
C ASP D 214 16.27 43.47 7.42
N PHE D 215 15.37 42.87 8.19
CA PHE D 215 14.79 41.59 7.79
C PHE D 215 13.74 41.73 6.70
N HIS D 216 12.88 42.74 6.78
CA HIS D 216 11.84 42.90 5.76
C HIS D 216 12.45 43.21 4.40
N ARG D 217 13.60 43.87 4.37
CA ARG D 217 14.30 44.10 3.11
C ARG D 217 14.93 42.84 2.55
N LEU D 218 15.15 41.83 3.41
CA LEU D 218 16.05 40.73 3.10
C LEU D 218 15.35 39.70 2.23
N LEU D 219 15.91 39.43 1.06
CA LEU D 219 15.38 38.42 0.15
C LEU D 219 15.94 37.03 0.44
N THR D 220 17.26 36.92 0.62
CA THR D 220 17.95 35.64 0.86
C THR D 220 19.28 35.92 1.54
N VAL D 221 19.88 34.85 2.06
CA VAL D 221 21.25 34.86 2.58
C VAL D 221 21.92 33.58 2.11
N GLU D 222 23.26 33.59 2.13
CA GLU D 222 24.02 32.42 1.70
C GLU D 222 25.39 32.41 2.37
N LEU D 223 25.92 31.20 2.55
CA LEU D 223 27.29 30.98 3.00
C LEU D 223 27.95 29.99 2.06
N GLN D 224 29.11 30.36 1.52
CA GLN D 224 29.80 29.54 0.52
C GLN D 224 31.24 29.33 0.95
N PHE D 225 31.62 28.06 1.14
CA PHE D 225 33.00 27.73 1.49
C PHE D 225 33.37 26.39 0.88
N LYS D 226 34.56 26.33 0.28
CA LYS D 226 35.08 25.10 -0.31
C LYS D 226 35.69 24.22 0.77
N LEU D 227 35.52 22.90 0.62
CA LEU D 227 36.14 21.93 1.52
C LEU D 227 36.62 20.73 0.71
N LYS D 228 37.85 20.29 0.99
CA LYS D 228 38.46 19.20 0.26
C LYS D 228 38.44 17.92 1.08
N ALA D 229 37.98 16.83 0.47
CA ALA D 229 37.93 15.52 1.10
C ALA D 229 38.64 14.50 0.22
N ILE D 230 39.41 13.62 0.84
CA ILE D 230 40.08 12.52 0.16
C ILE D 230 39.37 11.22 0.51
N ASN D 231 38.99 10.45 -0.51
CA ASN D 231 38.33 9.16 -0.34
C ASN D 231 39.39 8.07 -0.51
N LEU D 232 39.64 7.31 0.56
CA LEU D 232 40.73 6.35 0.54
C LEU D 232 40.33 5.03 -0.12
N GLN D 233 39.16 4.49 0.25
CA GLN D 233 38.79 3.15 -0.18
C GLN D 233 38.75 3.04 -1.70
N THR D 234 38.11 3.99 -2.37
CA THR D 234 37.96 3.90 -3.82
C THR D 234 39.30 4.01 -4.54
N VAL D 235 40.16 4.94 -4.14
CA VAL D 235 41.45 5.10 -4.81
C VAL D 235 42.32 3.87 -4.57
N ARG D 236 42.44 3.42 -3.33
CA ARG D 236 43.34 2.32 -3.04
C ARG D 236 42.88 1.03 -3.71
N HIS D 237 41.58 0.76 -3.68
CA HIS D 237 41.11 -0.53 -4.17
C HIS D 237 41.04 -0.57 -5.70
N GLN D 238 40.62 0.52 -6.32
CA GLN D 238 40.45 0.60 -7.77
C GLN D 238 40.93 1.96 -8.25
N GLU D 239 41.08 2.09 -9.57
CA GLU D 239 41.62 3.31 -10.15
C GLU D 239 40.49 4.21 -10.62
N LEU D 240 40.15 5.19 -9.79
CA LEU D 240 39.21 6.27 -10.10
C LEU D 240 39.74 7.52 -9.43
N PRO D 241 39.36 8.70 -9.92
CA PRO D 241 39.79 9.95 -9.29
C PRO D 241 39.25 10.05 -7.87
N ASP D 242 40.13 10.42 -6.94
CA ASP D 242 39.81 10.35 -5.51
C ASP D 242 39.97 11.67 -4.78
N CYS D 243 40.06 12.77 -5.50
CA CYS D 243 40.08 14.09 -4.86
C CYS D 243 38.68 14.68 -4.97
N TYR D 244 38.17 15.18 -3.85
CA TYR D 244 36.78 15.64 -3.77
C TYR D 244 36.77 17.09 -3.35
N ASP D 245 36.46 17.97 -4.29
CA ASP D 245 36.23 19.38 -4.01
C ASP D 245 34.76 19.56 -3.69
N PHE D 246 34.47 20.25 -2.59
CA PHE D 246 33.11 20.46 -2.13
C PHE D 246 32.83 21.94 -2.06
N THR D 247 31.85 22.41 -2.83
CA THR D 247 31.29 23.73 -2.66
C THR D 247 30.04 23.62 -1.81
N LEU D 248 29.94 24.45 -0.78
CA LEU D 248 28.81 24.43 0.14
C LEU D 248 28.06 25.76 0.04
N THR D 249 26.74 25.68 0.00
CA THR D 249 25.89 26.87 0.02
C THR D 249 24.82 26.67 1.09
N ILE D 250 24.87 27.47 2.14
CA ILE D 250 23.85 27.45 3.19
C ILE D 250 22.89 28.57 2.87
N THR D 251 21.69 28.25 2.43
CA THR D 251 20.77 29.25 1.89
C THR D 251 19.57 29.42 2.81
N PHE D 252 19.22 30.68 3.06
CA PHE D 252 18.07 31.07 3.88
C PHE D 252 17.02 31.70 2.96
N ASP D 253 16.04 30.92 2.55
CA ASP D 253 14.95 31.45 1.73
C ASP D 253 14.01 32.28 2.60
N ASN D 254 13.96 33.58 2.33
CA ASN D 254 12.90 34.45 2.81
C ASN D 254 11.95 34.81 1.67
N LYS D 255 12.14 34.22 0.50
CA LYS D 255 11.46 34.66 -0.72
C LYS D 255 9.95 34.72 -0.55
N ALA D 256 9.36 33.71 0.10
CA ALA D 256 7.93 33.73 0.34
C ALA D 256 7.51 34.85 1.30
N HIS D 257 8.46 35.37 2.09
CA HIS D 257 8.19 36.41 3.08
C HIS D 257 6.97 36.07 3.94
N SER D 258 6.97 34.84 4.44
CA SER D 258 5.93 34.38 5.35
C SER D 258 6.31 34.51 6.81
N GLY D 259 7.46 35.11 7.09
CA GLY D 259 8.08 34.96 8.40
C GLY D 259 8.70 33.62 8.63
N ARG D 260 8.63 32.73 7.65
CA ARG D 260 9.14 31.37 7.76
C ARG D 260 10.47 31.32 7.03
N ILE D 261 11.57 31.40 7.78
CA ILE D 261 12.91 31.40 7.20
C ILE D 261 13.32 29.95 6.99
N LYS D 262 13.51 29.58 5.74
CA LYS D 262 13.81 28.20 5.36
C LYS D 262 15.30 28.05 5.11
N ILE D 263 15.90 27.01 5.69
CA ILE D 263 17.34 26.77 5.61
C ILE D 263 17.56 25.46 4.86
N SER D 264 18.76 25.31 4.29
CA SER D 264 19.17 24.05 3.68
C SER D 264 20.68 24.07 3.50
N LEU D 265 21.21 22.94 3.03
CA LEU D 265 22.64 22.78 2.75
C LEU D 265 22.79 22.09 1.41
N ASP D 266 23.37 22.82 0.45
CA ASP D 266 23.58 22.33 -0.90
C ASP D 266 25.03 21.91 -1.07
N ASN D 267 25.24 20.86 -1.87
CA ASN D 267 26.57 20.28 -2.05
C ASN D 267 26.82 20.03 -3.53
N ASP D 268 27.89 20.61 -4.05
CA ASP D 268 28.36 20.39 -5.42
C ASP D 268 29.76 19.82 -5.35
N ILE D 269 29.96 18.65 -5.93
CA ILE D 269 31.17 17.86 -5.75
C ILE D 269 31.89 17.77 -7.08
N SER D 270 33.06 18.40 -7.18
CA SER D 270 33.87 18.39 -8.39
C SER D 270 35.08 17.49 -8.17
N ILE D 271 35.23 16.47 -9.01
CA ILE D 271 36.29 15.49 -8.86
C ILE D 271 37.53 15.95 -9.60
N ARG D 272 38.68 15.53 -9.11
CA ARG D 272 39.99 15.70 -9.75
C ARG D 272 40.85 14.51 -9.33
N GLU D 273 42.15 14.56 -9.66
CA GLU D 273 43.08 13.52 -9.27
C GLU D 273 44.17 14.11 -8.37
N CYS D 274 44.58 13.32 -7.38
CA CYS D 274 45.67 13.72 -6.49
C CYS D 274 46.96 13.78 -7.28
N LYS D 275 47.63 14.95 -7.23
CA LYS D 275 48.83 15.16 -8.03
C LYS D 275 49.94 14.17 -7.67
N ASP D 276 50.30 14.15 -6.39
CA ASP D 276 51.39 13.30 -5.90
C ASP D 276 50.80 12.24 -4.98
N TRP D 277 50.99 10.98 -5.31
CA TRP D 277 50.23 9.90 -4.68
C TRP D 277 51.11 8.66 -4.55
N HIS D 278 51.15 8.11 -3.34
CA HIS D 278 52.05 7.02 -3.00
C HIS D 278 51.27 5.92 -2.28
N VAL D 279 51.38 4.68 -2.77
CA VAL D 279 50.76 3.52 -2.14
C VAL D 279 51.84 2.50 -1.80
N SER D 280 51.86 2.08 -0.54
CA SER D 280 52.74 0.99 -0.07
C SER D 280 54.21 1.34 -0.28
N GLY D 281 54.57 2.59 0.01
CA GLY D 281 55.94 3.05 -0.16
C GLY D 281 56.34 3.39 -1.58
N SER D 282 55.55 3.00 -2.57
CA SER D 282 55.86 3.23 -3.98
C SER D 282 55.12 4.48 -4.47
N ILE D 283 55.08 4.66 -5.79
CA ILE D 283 54.30 5.71 -6.42
C ILE D 283 53.31 5.06 -7.36
N GLN D 284 52.20 5.76 -7.63
CA GLN D 284 51.13 5.22 -8.46
C GLN D 284 50.53 6.32 -9.33
N LYS D 285 50.08 5.93 -10.52
CA LYS D 285 49.25 6.76 -11.39
C LYS D 285 48.12 5.89 -11.91
N ASN D 286 46.89 6.38 -11.80
CA ASN D 286 45.74 5.58 -12.18
C ASN D 286 45.71 5.38 -13.69
N THR D 287 45.74 4.12 -14.13
CA THR D 287 45.61 3.79 -15.54
C THR D 287 44.15 3.51 -15.85
N HIS D 288 43.55 4.34 -16.69
CA HIS D 288 42.14 4.19 -17.05
C HIS D 288 42.05 3.31 -18.29
N TYR D 289 41.71 2.03 -18.08
CA TYR D 289 41.44 1.13 -19.19
C TYR D 289 40.03 1.32 -19.74
N MET D 290 39.07 1.73 -18.89
CA MET D 290 37.73 2.00 -19.36
C MET D 290 37.70 3.08 -20.44
N MET D 291 38.73 3.93 -20.48
CA MET D 291 38.90 4.84 -21.59
C MET D 291 39.00 4.10 -22.92
N ILE D 292 39.80 3.02 -22.95
CA ILE D 292 39.91 2.19 -24.15
C ILE D 292 38.61 1.43 -24.40
N PHE D 293 37.95 1.00 -23.32
CA PHE D 293 36.76 0.17 -23.43
C PHE D 293 35.62 0.93 -24.09
N ASP D 294 35.42 2.19 -23.69
CA ASP D 294 34.44 3.04 -24.36
C ASP D 294 34.69 3.04 -25.85
N ALA D 295 35.94 3.24 -26.26
CA ALA D 295 36.32 3.24 -27.67
C ALA D 295 35.87 1.97 -28.37
N PHE D 296 36.30 0.80 -27.87
CA PHE D 296 35.91 -0.44 -28.52
C PHE D 296 34.39 -0.58 -28.65
N VAL D 297 33.64 -0.08 -27.66
CA VAL D 297 32.19 -0.18 -27.78
C VAL D 297 31.66 0.76 -28.86
N ILE D 298 32.21 1.97 -28.97
CA ILE D 298 31.84 2.84 -30.08
C ILE D 298 32.11 2.14 -31.41
N LEU D 299 33.22 1.40 -31.49
CA LEU D 299 33.55 0.70 -32.73
C LEU D 299 32.47 -0.32 -33.07
N THR D 300 32.24 -1.29 -32.18
CA THR D 300 31.24 -2.32 -32.46
C THR D 300 29.90 -1.70 -32.82
N CYS D 301 29.49 -0.71 -32.03
CA CYS D 301 28.22 -0.04 -32.26
C CYS D 301 28.16 0.62 -33.64
N LEU D 302 29.26 1.27 -34.05
CA LEU D 302 29.33 1.83 -35.41
C LEU D 302 29.17 0.75 -36.47
N VAL D 303 29.83 -0.40 -36.28
CA VAL D 303 29.75 -1.44 -37.30
C VAL D 303 28.32 -1.93 -37.44
N SER D 304 27.66 -2.23 -36.32
CA SER D 304 26.27 -2.67 -36.42
C SER D 304 25.33 -1.52 -36.77
N LEU D 305 25.79 -0.28 -36.73
CA LEU D 305 25.10 0.81 -37.40
C LEU D 305 25.14 0.61 -38.91
N ILE D 306 26.36 0.57 -39.47
CA ILE D 306 26.55 0.50 -40.93
C ILE D 306 25.84 -0.72 -41.51
N LEU D 307 26.22 -1.92 -41.03
CA LEU D 307 25.75 -3.15 -41.65
C LEU D 307 24.22 -3.21 -41.71
N CYS D 308 23.56 -2.72 -40.65
CA CYS D 308 22.11 -2.73 -40.62
C CYS D 308 21.51 -1.54 -41.38
N ILE D 309 22.27 -0.48 -41.61
CA ILE D 309 21.83 0.54 -42.55
C ILE D 309 21.76 -0.03 -43.96
N ARG D 310 22.82 -0.69 -44.40
CA ARG D 310 22.75 -1.40 -45.68
C ARG D 310 21.61 -2.41 -45.68
N SER D 311 21.42 -3.15 -44.59
CA SER D 311 20.28 -4.05 -44.51
C SER D 311 18.95 -3.31 -44.66
N VAL D 312 18.92 -2.02 -44.30
CA VAL D 312 17.69 -1.24 -44.45
C VAL D 312 17.48 -0.82 -45.90
N ILE D 313 18.52 -0.23 -46.51
CA ILE D 313 18.35 0.38 -47.83
C ILE D 313 18.28 -0.69 -48.92
N ARG D 314 19.03 -1.78 -48.77
CA ARG D 314 18.90 -2.91 -49.68
C ARG D 314 17.44 -3.35 -49.77
N GLY D 315 16.82 -3.59 -48.62
CA GLY D 315 15.41 -3.94 -48.60
C GLY D 315 14.52 -2.85 -49.18
N LEU D 316 14.90 -1.58 -48.98
CA LEU D 316 14.16 -0.49 -49.61
C LEU D 316 14.14 -0.63 -51.13
N GLN D 317 15.33 -0.74 -51.74
CA GLN D 317 15.40 -0.84 -53.19
C GLN D 317 14.76 -2.12 -53.69
N LEU D 318 14.72 -3.17 -52.86
CA LEU D 318 13.91 -4.33 -53.20
C LEU D 318 12.42 -4.06 -53.01
N GLN D 319 12.04 -3.04 -52.23
CA GLN D 319 10.62 -2.76 -52.07
C GLN D 319 10.08 -2.01 -53.28
N GLN D 320 10.80 -1.01 -53.76
CA GLN D 320 10.37 -0.36 -54.99
C GLN D 320 10.61 -1.28 -56.19
N GLU D 321 11.70 -2.03 -56.17
CA GLU D 321 11.92 -3.07 -57.16
C GLU D 321 10.70 -4.00 -57.25
N PHE D 322 10.17 -4.40 -56.09
CA PHE D 322 9.01 -5.29 -56.04
C PHE D 322 7.75 -4.60 -56.56
N VAL D 323 7.43 -3.41 -56.03
CA VAL D 323 6.16 -2.77 -56.36
C VAL D 323 6.15 -2.30 -57.82
N ASN D 324 7.28 -1.76 -58.29
CA ASN D 324 7.38 -1.37 -59.70
C ASN D 324 7.34 -2.59 -60.61
N PHE D 325 8.04 -3.66 -60.24
CA PHE D 325 7.86 -4.93 -60.96
C PHE D 325 6.38 -5.28 -61.09
N PHE D 326 5.62 -5.06 -60.02
CA PHE D 326 4.26 -5.58 -59.94
C PHE D 326 3.32 -4.93 -60.95
N LEU D 327 3.68 -3.77 -61.51
CA LEU D 327 2.82 -3.09 -62.46
C LEU D 327 2.91 -3.70 -63.85
N LEU D 328 4.12 -4.06 -64.29
CA LEU D 328 4.29 -4.63 -65.63
C LEU D 328 3.46 -5.89 -65.82
N HIS D 329 3.19 -6.62 -64.74
CA HIS D 329 2.49 -7.89 -64.85
C HIS D 329 1.07 -7.79 -64.32
N TYR D 330 0.95 -7.73 -62.99
CA TYR D 330 -0.35 -7.84 -62.34
C TYR D 330 -1.00 -6.49 -62.05
N LYS D 331 -0.22 -5.40 -62.04
CA LYS D 331 -0.73 -4.03 -62.03
C LYS D 331 -1.47 -3.68 -60.74
N LYS D 332 -1.03 -4.23 -59.61
CA LYS D 332 -1.55 -3.83 -58.31
C LYS D 332 -0.49 -3.05 -57.54
N GLU D 333 -0.89 -2.53 -56.38
CA GLU D 333 -0.11 -1.49 -55.69
C GLU D 333 0.41 -1.94 -54.33
N VAL D 334 -0.46 -2.08 -53.34
CA VAL D 334 -0.12 -2.15 -51.90
C VAL D 334 1.04 -1.21 -51.59
N SER D 335 0.88 0.08 -51.93
CA SER D 335 1.85 1.10 -51.51
C SER D 335 2.08 1.06 -50.00
N VAL D 336 1.09 0.63 -49.23
CA VAL D 336 1.22 0.57 -47.78
C VAL D 336 1.75 -0.78 -47.32
N SER D 337 1.04 -1.87 -47.65
CA SER D 337 1.31 -3.18 -47.08
C SER D 337 2.79 -3.57 -47.20
N ASP D 338 3.29 -3.65 -48.43
CA ASP D 338 4.64 -4.16 -48.66
C ASP D 338 5.69 -3.08 -48.79
N GLN D 339 5.36 -1.81 -48.57
CA GLN D 339 6.44 -0.93 -48.16
C GLN D 339 6.73 -1.13 -46.67
N MET D 340 5.66 -1.24 -45.88
CA MET D 340 5.78 -1.67 -44.48
C MET D 340 6.55 -2.97 -44.35
N GLU D 341 6.28 -3.93 -45.24
CA GLU D 341 6.86 -5.27 -45.10
C GLU D 341 8.39 -5.24 -45.22
N PHE D 342 8.92 -4.53 -46.22
CA PHE D 342 10.35 -4.57 -46.46
C PHE D 342 11.14 -3.88 -45.36
N VAL D 343 10.66 -2.73 -44.87
CA VAL D 343 11.28 -2.12 -43.70
C VAL D 343 11.24 -3.11 -42.55
N ASN D 344 12.42 -3.46 -42.02
CA ASN D 344 12.50 -4.50 -41.00
C ASN D 344 11.86 -4.04 -39.70
N GLY D 345 12.15 -2.81 -39.28
CA GLY D 345 11.57 -2.26 -38.07
C GLY D 345 12.29 -2.69 -36.81
N TRP D 346 12.93 -3.86 -36.82
CA TRP D 346 13.88 -4.22 -35.79
C TRP D 346 15.26 -3.65 -36.08
N TYR D 347 15.62 -3.60 -37.37
CA TYR D 347 16.84 -2.92 -37.75
C TYR D 347 16.78 -1.45 -37.38
N ILE D 348 15.61 -0.82 -37.53
CA ILE D 348 15.45 0.58 -37.14
C ILE D 348 15.82 0.76 -35.67
N MET D 349 15.32 -0.14 -34.81
CA MET D 349 15.68 -0.10 -33.40
C MET D 349 17.19 -0.24 -33.20
N ILE D 350 17.78 -1.26 -33.83
CA ILE D 350 19.23 -1.44 -33.69
C ILE D 350 19.98 -0.18 -34.09
N ILE D 351 19.51 0.52 -35.14
CA ILE D 351 20.14 1.76 -35.57
C ILE D 351 19.97 2.84 -34.51
N ILE D 352 18.79 2.95 -33.91
CA ILE D 352 18.54 4.02 -32.94
C ILE D 352 19.36 3.80 -31.67
N SER D 353 19.18 2.64 -31.04
CA SER D 353 20.00 2.30 -29.88
C SER D 353 21.49 2.37 -30.22
N ASP D 354 21.84 2.20 -31.50
CA ASP D 354 23.22 2.36 -31.91
C ASP D 354 23.66 3.81 -31.82
N ILE D 355 22.93 4.72 -32.49
CA ILE D 355 23.20 6.15 -32.38
C ILE D 355 23.32 6.57 -30.93
N LEU D 356 22.30 6.23 -30.13
CA LEU D 356 22.28 6.62 -28.73
C LEU D 356 23.46 6.06 -27.96
N THR D 357 23.91 4.84 -28.29
CA THR D 357 25.09 4.30 -27.63
C THR D 357 26.36 5.03 -28.07
N ILE D 358 26.43 5.48 -29.32
CA ILE D 358 27.59 6.23 -29.78
C ILE D 358 27.69 7.54 -29.01
N ILE D 359 26.62 8.33 -29.01
CA ILE D 359 26.67 9.63 -28.36
C ILE D 359 26.84 9.47 -26.85
N GLY D 360 26.14 8.49 -26.27
CA GLY D 360 26.31 8.21 -24.85
C GLY D 360 27.75 7.88 -24.50
N SER D 361 28.40 7.04 -25.30
CA SER D 361 29.78 6.68 -25.03
C SER D 361 30.71 7.88 -25.17
N ILE D 362 30.54 8.67 -26.24
CA ILE D 362 31.38 9.84 -26.43
C ILE D 362 31.24 10.79 -25.24
N LEU D 363 30.01 11.04 -24.81
CA LEU D 363 29.79 11.94 -23.68
C LEU D 363 30.36 11.36 -22.38
N LYS D 364 30.28 10.04 -22.20
CA LYS D 364 30.92 9.45 -21.04
C LYS D 364 32.44 9.63 -21.11
N MET D 365 32.98 9.68 -22.32
CA MET D 365 34.43 9.77 -22.52
C MET D 365 34.93 11.18 -22.26
N GLU D 366 34.28 12.19 -22.86
CA GLU D 366 34.63 13.58 -22.55
C GLU D 366 34.36 13.87 -21.07
N ILE D 367 33.18 13.50 -20.59
CA ILE D 367 32.81 13.71 -19.19
C ILE D 367 33.79 13.04 -18.24
N GLN D 368 34.47 11.99 -18.70
CA GLN D 368 35.50 11.41 -17.84
C GLN D 368 36.84 12.11 -18.00
N ALA D 369 37.21 12.49 -19.22
CA ALA D 369 38.51 13.08 -19.48
C ALA D 369 38.57 14.51 -18.95
N LYS D 370 37.79 15.41 -19.57
CA LYS D 370 37.65 16.76 -19.04
C LYS D 370 37.11 16.74 -17.61
N SER D 371 36.27 15.75 -17.27
CA SER D 371 35.94 15.37 -15.89
C SER D 371 35.05 16.37 -15.15
N LEU D 372 34.10 17.02 -15.84
CA LEU D 372 33.08 17.81 -15.12
C LEU D 372 32.33 16.97 -14.11
N THR D 373 31.82 15.80 -14.54
CA THR D 373 30.99 14.93 -13.73
C THR D 373 29.72 15.64 -13.26
N SER D 374 28.90 16.03 -14.24
CA SER D 374 27.48 16.27 -14.01
C SER D 374 26.69 14.98 -14.20
N TYR D 375 26.98 14.26 -15.28
CA TYR D 375 26.62 12.88 -15.57
C TYR D 375 25.19 12.67 -16.03
N ASP D 376 24.33 13.70 -16.02
CA ASP D 376 22.90 13.46 -16.19
C ASP D 376 22.58 13.05 -17.62
N VAL D 377 22.92 13.91 -18.58
CA VAL D 377 22.55 13.66 -19.97
C VAL D 377 23.33 12.50 -20.57
N CYS D 378 24.47 12.14 -19.98
CA CYS D 378 25.16 10.93 -20.41
C CYS D 378 24.43 9.69 -19.90
N SER D 379 24.05 9.70 -18.63
CA SER D 379 23.37 8.56 -18.03
C SER D 379 22.06 8.26 -18.75
N ILE D 380 21.27 9.30 -19.04
CA ILE D 380 19.96 9.07 -19.65
C ILE D 380 20.10 8.39 -21.00
N LEU D 381 20.99 8.90 -21.86
CA LEU D 381 21.27 8.25 -23.14
C LEU D 381 21.75 6.82 -22.96
N LEU D 382 22.94 6.66 -22.37
CA LEU D 382 23.56 5.35 -22.30
C LEU D 382 22.65 4.33 -21.61
N GLY D 383 21.66 4.78 -20.85
CA GLY D 383 20.63 3.91 -20.31
C GLY D 383 19.52 3.56 -21.29
N THR D 384 18.93 4.58 -21.93
CA THR D 384 17.85 4.32 -22.87
C THR D 384 18.33 3.40 -23.99
N SER D 385 19.61 3.50 -24.34
CA SER D 385 20.16 2.62 -25.36
C SER D 385 20.09 1.17 -24.92
N THR D 386 20.75 0.83 -23.80
CA THR D 386 20.75 -0.56 -23.33
C THR D 386 19.33 -1.08 -23.10
N MET D 387 18.40 -0.19 -22.76
CA MET D 387 17.00 -0.60 -22.68
C MET D 387 16.51 -1.07 -24.04
N LEU D 388 16.81 -0.30 -25.10
CA LEU D 388 16.39 -0.70 -26.44
C LEU D 388 17.12 -1.94 -26.93
N VAL D 389 18.38 -2.11 -26.56
CA VAL D 389 19.16 -3.26 -27.00
C VAL D 389 18.59 -4.54 -26.40
N TRP D 390 18.55 -4.61 -25.06
CA TRP D 390 17.98 -5.77 -24.41
C TRP D 390 16.58 -6.06 -24.92
N LEU D 391 15.80 -5.01 -25.21
CA LEU D 391 14.53 -5.22 -25.90
C LEU D 391 14.76 -5.93 -27.23
N GLY D 392 15.76 -5.49 -27.99
CA GLY D 392 16.08 -6.08 -29.28
C GLY D 392 16.45 -7.56 -29.23
N VAL D 393 16.84 -8.07 -28.06
CA VAL D 393 17.17 -9.49 -27.94
C VAL D 393 15.98 -10.40 -28.25
N ILE D 394 14.75 -9.87 -28.12
CA ILE D 394 13.54 -10.69 -28.26
C ILE D 394 13.50 -11.36 -29.62
N ARG D 395 14.00 -10.70 -30.67
CA ARG D 395 13.98 -11.30 -31.99
C ARG D 395 14.76 -12.62 -32.01
N TYR D 396 15.94 -12.63 -31.41
CA TYR D 396 16.77 -13.82 -31.41
C TYR D 396 16.24 -14.87 -30.46
N LEU D 397 15.48 -14.48 -29.43
CA LEU D 397 14.60 -15.45 -28.80
C LEU D 397 13.59 -16.01 -29.81
N GLY D 398 13.09 -15.15 -30.69
CA GLY D 398 12.06 -15.53 -31.64
C GLY D 398 12.51 -16.50 -32.70
N PHE D 399 13.79 -16.47 -33.06
CA PHE D 399 14.29 -17.44 -34.04
C PHE D 399 14.01 -18.88 -33.61
N PHE D 400 13.95 -19.12 -32.30
CA PHE D 400 13.56 -20.43 -31.79
C PHE D 400 12.11 -20.76 -32.18
N ALA D 401 11.25 -19.74 -32.24
CA ALA D 401 9.89 -19.76 -32.80
C ALA D 401 8.82 -20.24 -31.83
N LYS D 402 9.15 -20.37 -30.55
CA LYS D 402 8.16 -20.72 -29.53
C LYS D 402 7.74 -19.51 -28.70
N TYR D 403 8.07 -18.30 -29.16
CA TYR D 403 7.88 -17.10 -28.38
C TYR D 403 7.32 -15.92 -29.15
N ASN D 404 7.12 -16.04 -30.45
CA ASN D 404 6.71 -14.92 -31.31
C ASN D 404 5.42 -14.25 -30.88
N LEU D 405 4.71 -14.79 -29.89
CA LEU D 405 3.36 -14.33 -29.60
C LEU D 405 3.34 -12.94 -28.98
N LEU D 406 4.32 -12.62 -28.13
CA LEU D 406 4.27 -11.37 -27.39
C LEU D 406 4.43 -10.16 -28.32
N ILE D 407 5.28 -10.28 -29.33
CA ILE D 407 5.51 -9.17 -30.26
C ILE D 407 4.70 -9.31 -31.55
N LEU D 408 4.00 -10.44 -31.73
CA LEU D 408 2.94 -10.47 -32.73
C LEU D 408 1.69 -9.77 -32.20
N THR D 409 1.24 -10.15 -31.00
CA THR D 409 0.02 -9.58 -30.46
C THR D 409 0.24 -8.19 -29.86
N LEU D 410 1.45 -7.91 -29.36
CA LEU D 410 1.71 -6.57 -28.86
C LEU D 410 1.72 -5.56 -30.00
N GLN D 411 2.05 -6.00 -31.21
CA GLN D 411 1.92 -5.13 -32.38
C GLN D 411 0.51 -5.12 -32.92
N ALA D 412 -0.22 -6.24 -32.84
CA ALA D 412 -1.60 -6.25 -33.30
C ALA D 412 -2.56 -5.63 -32.30
N ALA D 413 -2.15 -5.45 -31.04
CA ALA D 413 -3.01 -4.81 -30.06
C ALA D 413 -2.92 -3.29 -30.11
N LEU D 414 -1.77 -2.75 -30.51
CA LEU D 414 -1.54 -1.31 -30.41
C LEU D 414 -2.48 -0.47 -31.29
N PRO D 415 -2.72 -0.80 -32.56
CA PRO D 415 -3.61 0.05 -33.37
C PRO D 415 -5.01 0.24 -32.79
N ASN D 416 -5.52 -0.74 -32.05
CA ASN D 416 -6.85 -0.62 -31.45
C ASN D 416 -6.79 0.13 -30.12
N VAL D 417 -5.92 -0.33 -29.22
CA VAL D 417 -5.78 0.32 -27.92
C VAL D 417 -5.54 1.80 -28.08
N ILE D 418 -4.70 2.22 -29.03
CA ILE D 418 -4.36 3.64 -29.12
C ILE D 418 -5.63 4.49 -29.26
N ARG D 419 -6.53 4.08 -30.17
CA ARG D 419 -7.84 4.70 -30.26
C ARG D 419 -8.55 4.72 -28.90
N PHE D 420 -8.68 3.54 -28.28
CA PHE D 420 -9.40 3.44 -27.01
C PHE D 420 -8.79 4.37 -25.95
N CYS D 421 -7.48 4.24 -25.73
CA CYS D 421 -6.70 5.08 -24.83
C CYS D 421 -6.99 6.56 -25.02
N CYS D 422 -7.00 7.02 -26.26
CA CYS D 422 -7.32 8.42 -26.52
C CYS D 422 -8.67 8.78 -25.92
N CYS D 423 -9.72 8.03 -26.30
CA CYS D 423 -11.05 8.37 -25.80
C CYS D 423 -11.13 8.34 -24.27
N ALA D 424 -10.46 7.38 -23.62
CA ALA D 424 -10.50 7.37 -22.16
C ALA D 424 -9.66 8.49 -21.55
N ALA D 425 -8.67 9.01 -22.31
CA ALA D 425 -7.87 10.12 -21.83
C ALA D 425 -8.70 11.38 -21.73
N MET D 426 -9.69 11.55 -22.61
CA MET D 426 -10.58 12.70 -22.44
C MET D 426 -11.27 12.69 -21.06
N ILE D 427 -11.92 11.58 -20.72
CA ILE D 427 -12.50 11.43 -19.38
C ILE D 427 -11.47 11.76 -18.32
N TYR D 428 -10.26 11.18 -18.46
CA TYR D 428 -9.26 11.35 -17.42
C TYR D 428 -8.92 12.81 -17.19
N LEU D 429 -8.61 13.55 -18.25
CA LEU D 429 -8.30 14.97 -18.09
C LEU D 429 -9.45 15.71 -17.41
N GLY D 430 -10.65 15.61 -17.98
CA GLY D 430 -11.78 16.30 -17.38
C GLY D 430 -11.97 15.96 -15.92
N TYR D 431 -11.53 14.78 -15.52
CA TYR D 431 -11.60 14.37 -14.12
C TYR D 431 -10.48 15.04 -13.33
N CYS D 432 -9.31 15.13 -13.95
CA CYS D 432 -8.08 15.52 -13.28
C CYS D 432 -8.09 17.01 -12.95
N PHE D 433 -8.60 17.83 -13.86
CA PHE D 433 -8.76 19.25 -13.56
C PHE D 433 -9.64 19.48 -12.34
N CYS D 434 -10.88 19.02 -12.41
CA CYS D 434 -11.82 19.20 -11.30
C CYS D 434 -11.21 18.70 -9.98
N GLY D 435 -10.49 17.58 -10.03
CA GLY D 435 -9.80 17.13 -8.83
C GLY D 435 -8.78 18.15 -8.35
N TRP D 436 -7.96 18.64 -9.26
CA TRP D 436 -6.97 19.68 -8.96
C TRP D 436 -7.63 20.82 -8.20
N ILE D 437 -8.54 21.54 -8.84
CA ILE D 437 -9.05 22.78 -8.24
C ILE D 437 -9.89 22.48 -7.01
N VAL D 438 -10.92 21.65 -7.14
CA VAL D 438 -11.85 21.49 -6.03
C VAL D 438 -11.13 20.89 -4.82
N LEU D 439 -10.18 19.99 -5.07
CA LEU D 439 -9.49 19.29 -3.99
C LEU D 439 -8.16 19.94 -3.61
N GLY D 440 -7.66 20.89 -4.40
CA GLY D 440 -6.36 21.47 -4.14
C GLY D 440 -6.21 22.19 -2.81
N PRO D 441 -7.16 23.04 -2.41
CA PRO D 441 -6.98 23.74 -1.13
C PRO D 441 -6.81 22.82 0.07
N TYR D 442 -7.30 21.58 0.00
CA TYR D 442 -7.45 20.77 1.20
C TYR D 442 -6.61 19.49 1.15
N HIS D 443 -6.79 18.63 0.15
CA HIS D 443 -6.13 17.34 0.13
C HIS D 443 -4.64 17.50 -0.13
N ASP D 444 -3.82 16.89 0.73
CA ASP D 444 -2.37 17.03 0.64
C ASP D 444 -1.81 16.55 -0.69
N LYS D 445 -2.49 15.57 -1.32
CA LYS D 445 -1.97 14.97 -2.54
C LYS D 445 -2.26 15.82 -3.77
N PHE D 446 -3.49 16.33 -3.88
CA PHE D 446 -3.89 17.15 -5.04
C PHE D 446 -3.42 18.58 -4.81
N ARG D 447 -2.31 18.96 -5.44
CA ARG D 447 -1.82 20.33 -5.28
C ARG D 447 -1.43 20.92 -6.62
N SER D 448 -0.24 20.58 -7.10
CA SER D 448 0.05 20.83 -8.50
C SER D 448 -0.77 19.86 -9.36
N LEU D 449 -0.92 20.22 -10.64
CA LEU D 449 -1.70 19.37 -11.53
C LEU D 449 -1.06 17.99 -11.69
N ASN D 450 0.27 17.95 -11.78
CA ASN D 450 0.97 16.68 -11.98
C ASN D 450 0.67 15.70 -10.85
N MET D 451 0.94 16.12 -9.60
CA MET D 451 0.66 15.24 -8.48
C MET D 451 -0.74 14.65 -8.57
N VAL D 452 -1.72 15.46 -9.00
CA VAL D 452 -3.06 14.92 -9.25
C VAL D 452 -2.99 13.82 -10.29
N SER D 453 -2.11 13.97 -11.28
CA SER D 453 -1.98 12.90 -12.27
C SER D 453 -1.41 11.62 -11.63
N GLU D 454 -0.53 11.76 -10.64
CA GLU D 454 0.02 10.57 -10.01
C GLU D 454 -0.91 10.00 -8.94
N CYS D 455 -1.85 10.80 -8.44
CA CYS D 455 -2.92 10.27 -7.61
C CYS D 455 -3.86 9.43 -8.44
N LEU D 456 -4.45 10.02 -9.47
CA LEU D 456 -5.42 9.23 -10.22
C LEU D 456 -4.76 8.08 -10.97
N PHE D 457 -3.46 8.16 -11.27
CA PHE D 457 -2.81 6.94 -11.77
C PHE D 457 -2.51 5.94 -10.65
N SER D 458 -2.17 6.41 -9.46
CA SER D 458 -1.99 5.50 -8.33
C SER D 458 -3.30 4.76 -8.03
N LEU D 459 -4.43 5.47 -8.11
CA LEU D 459 -5.73 4.94 -7.74
C LEU D 459 -6.34 4.07 -8.84
N ILE D 460 -6.08 4.37 -10.11
CA ILE D 460 -6.43 3.40 -11.16
C ILE D 460 -5.86 2.04 -10.80
N ASN D 461 -4.58 2.02 -10.40
CA ASN D 461 -3.92 0.78 -10.03
C ASN D 461 -4.19 0.36 -8.59
N GLY D 462 -5.04 1.10 -7.87
CA GLY D 462 -5.42 0.71 -6.53
C GLY D 462 -4.28 0.69 -5.55
N ASP D 463 -3.57 1.82 -5.41
CA ASP D 463 -2.47 1.91 -4.47
C ASP D 463 -2.56 3.23 -3.73
N ASP D 464 -2.36 3.18 -2.41
CA ASP D 464 -2.56 4.31 -1.52
C ASP D 464 -3.97 4.88 -1.70
N MET D 465 -4.94 4.10 -1.22
CA MET D 465 -6.34 4.46 -1.29
C MET D 465 -6.83 5.05 0.03
N PHE D 466 -6.86 4.22 1.08
CA PHE D 466 -7.35 4.68 2.37
C PHE D 466 -6.58 5.91 2.84
N ALA D 467 -5.31 6.02 2.46
CA ALA D 467 -4.56 7.25 2.69
C ALA D 467 -5.33 8.45 2.12
N THR D 468 -5.85 8.32 0.91
CA THR D 468 -6.50 9.46 0.25
C THR D 468 -7.80 9.84 0.96
N PHE D 469 -8.64 8.86 1.28
CA PHE D 469 -9.88 9.16 1.99
C PHE D 469 -9.60 9.76 3.36
N ALA D 470 -8.50 9.39 4.00
CA ALA D 470 -8.21 9.87 5.34
C ALA D 470 -7.38 11.16 5.37
N LYS D 471 -6.84 11.60 4.24
CA LYS D 471 -6.04 12.83 4.22
C LYS D 471 -6.85 14.09 3.96
N MET D 472 -8.14 13.99 3.66
CA MET D 472 -8.98 15.18 3.59
C MET D 472 -8.90 16.01 4.86
N GLN D 473 -9.18 17.30 4.76
CA GLN D 473 -9.06 18.17 5.90
C GLN D 473 -10.37 18.37 6.65
N GLN D 474 -11.50 17.94 6.08
CA GLN D 474 -12.79 17.91 6.77
C GLN D 474 -13.26 19.31 7.19
N LYS D 475 -12.47 20.34 6.89
CA LYS D 475 -12.78 21.68 7.41
C LYS D 475 -14.03 22.25 6.76
N SER D 476 -14.17 22.06 5.45
CA SER D 476 -15.36 22.48 4.72
C SER D 476 -16.19 21.24 4.43
N TYR D 477 -17.32 21.10 5.16
CA TYR D 477 -18.12 19.89 5.02
C TYR D 477 -18.57 19.67 3.57
N LEU D 478 -19.01 20.73 2.91
CA LEU D 478 -19.47 20.60 1.52
C LEU D 478 -18.37 19.99 0.66
N VAL D 479 -17.16 20.56 0.71
CA VAL D 479 -16.08 20.08 -0.14
C VAL D 479 -15.65 18.68 0.29
N TRP D 480 -15.49 18.47 1.61
CA TRP D 480 -15.17 17.14 2.11
C TRP D 480 -16.10 16.07 1.54
N LEU D 481 -17.40 16.35 1.51
CA LEU D 481 -18.34 15.40 0.93
C LEU D 481 -18.15 15.29 -0.58
N PHE D 482 -17.85 16.41 -1.23
CA PHE D 482 -17.61 16.37 -2.66
C PHE D 482 -16.49 15.40 -2.98
N SER D 483 -15.35 15.53 -2.30
CA SER D 483 -14.21 14.64 -2.53
C SER D 483 -14.62 13.19 -2.49
N ARG D 484 -15.59 12.85 -1.64
CA ARG D 484 -15.99 11.45 -1.52
C ARG D 484 -16.84 11.03 -2.72
N ILE D 485 -17.73 11.91 -3.22
CA ILE D 485 -18.39 11.60 -4.50
C ILE D 485 -17.33 11.46 -5.59
N TYR D 486 -16.31 12.31 -5.55
CA TYR D 486 -15.25 12.32 -6.54
C TYR D 486 -14.52 10.98 -6.57
N LEU D 487 -13.98 10.58 -5.42
CA LEU D 487 -13.15 9.40 -5.37
C LEU D 487 -13.95 8.12 -5.54
N TYR D 488 -15.06 7.96 -4.79
CA TYR D 488 -15.91 6.78 -5.00
C TYR D 488 -16.28 6.66 -6.47
N SER D 489 -16.68 7.78 -7.08
CA SER D 489 -17.01 7.78 -8.50
C SER D 489 -15.82 7.30 -9.32
N PHE D 490 -14.75 8.10 -9.36
CA PHE D 490 -13.59 7.81 -10.20
C PHE D 490 -13.12 6.36 -10.05
N ILE D 491 -12.84 5.95 -8.81
CA ILE D 491 -12.41 4.57 -8.58
C ILE D 491 -13.40 3.60 -9.21
N SER D 492 -14.68 3.73 -8.87
CA SER D 492 -15.67 2.73 -9.28
C SER D 492 -16.04 2.80 -10.75
N LEU D 493 -15.58 3.81 -11.48
CA LEU D 493 -15.73 3.88 -12.94
C LEU D 493 -14.46 3.44 -13.65
N PHE D 494 -13.36 4.16 -13.39
CA PHE D 494 -12.10 4.04 -14.08
C PHE D 494 -11.34 2.78 -13.72
N ILE D 495 -11.73 2.07 -12.66
CA ILE D 495 -11.13 0.77 -12.42
C ILE D 495 -11.96 -0.26 -13.17
N TYR D 496 -13.10 -0.64 -12.59
CA TYR D 496 -13.90 -1.74 -13.12
C TYR D 496 -14.25 -1.52 -14.59
N MET D 497 -14.98 -0.45 -14.88
CA MET D 497 -15.53 -0.28 -16.22
C MET D 497 -14.41 -0.09 -17.25
N ILE D 498 -13.70 1.04 -17.17
CA ILE D 498 -12.74 1.37 -18.23
C ILE D 498 -11.56 0.40 -18.22
N LEU D 499 -10.96 0.15 -17.05
CA LEU D 499 -9.82 -0.76 -17.01
C LEU D 499 -10.20 -2.15 -17.52
N SER D 500 -11.29 -2.73 -16.98
CA SER D 500 -11.63 -4.08 -17.40
C SER D 500 -11.98 -4.12 -18.88
N LEU D 501 -12.50 -3.02 -19.44
CA LEU D 501 -12.71 -2.94 -20.87
C LEU D 501 -11.39 -2.99 -21.63
N PHE D 502 -10.39 -2.25 -21.15
CA PHE D 502 -9.07 -2.21 -21.79
C PHE D 502 -8.41 -3.58 -21.77
N ILE D 503 -8.38 -4.21 -20.60
CA ILE D 503 -7.73 -5.51 -20.45
C ILE D 503 -8.47 -6.56 -21.27
N ALA D 504 -9.81 -6.48 -21.29
CA ALA D 504 -10.58 -7.39 -22.14
C ALA D 504 -10.25 -7.18 -23.61
N LEU D 505 -9.97 -5.93 -24.00
CA LEU D 505 -9.56 -5.65 -25.37
C LEU D 505 -8.27 -6.39 -25.72
N ILE D 506 -7.24 -6.23 -24.89
CA ILE D 506 -5.96 -6.88 -25.20
C ILE D 506 -6.12 -8.40 -25.23
N THR D 507 -6.79 -8.97 -24.22
CA THR D 507 -6.95 -10.42 -24.20
C THR D 507 -7.68 -10.92 -25.46
N ASP D 508 -8.74 -10.22 -25.86
CA ASP D 508 -9.44 -10.56 -27.11
C ASP D 508 -8.47 -10.59 -28.30
N THR D 509 -7.70 -9.51 -28.47
CA THR D 509 -6.69 -9.48 -29.53
C THR D 509 -5.78 -10.70 -29.45
N TYR D 510 -5.40 -11.09 -28.23
CA TYR D 510 -4.57 -12.28 -28.05
C TYR D 510 -5.26 -13.53 -28.59
N GLU D 511 -6.57 -13.66 -28.37
CA GLU D 511 -7.30 -14.78 -28.98
C GLU D 511 -7.13 -14.78 -30.49
N THR D 512 -7.41 -13.64 -31.13
CA THR D 512 -7.38 -13.62 -32.59
C THR D 512 -6.00 -13.96 -33.12
N ILE D 513 -4.94 -13.40 -32.52
CA ILE D 513 -3.59 -13.73 -33.00
C ILE D 513 -3.23 -15.19 -32.66
N LYS D 514 -3.82 -15.75 -31.60
CA LYS D 514 -3.64 -17.17 -31.33
C LYS D 514 -4.13 -18.01 -32.50
N GLN D 515 -5.36 -17.78 -32.96
CA GLN D 515 -5.81 -18.61 -34.06
C GLN D 515 -5.21 -18.19 -35.39
N TYR D 516 -4.55 -17.03 -35.48
CA TYR D 516 -3.64 -16.81 -36.60
C TYR D 516 -2.46 -17.76 -36.53
N GLN D 517 -1.74 -17.75 -35.40
CA GLN D 517 -0.69 -18.73 -35.16
C GLN D 517 -1.14 -20.16 -35.50
N GLN D 518 -2.44 -20.43 -35.39
CA GLN D 518 -2.92 -21.78 -35.68
C GLN D 518 -3.18 -21.99 -37.18
N ASP D 519 -3.81 -21.02 -37.87
CA ASP D 519 -4.23 -21.19 -39.27
C ASP D 519 -3.69 -20.05 -40.14
N GLY D 520 -2.41 -20.13 -40.51
CA GLY D 520 -1.84 -19.16 -41.43
C GLY D 520 -1.87 -17.75 -40.89
N PHE D 521 -2.12 -16.80 -41.77
CA PHE D 521 -2.14 -15.39 -41.39
C PHE D 521 -3.06 -14.64 -42.36
N PRO D 522 -3.25 -13.33 -42.20
CA PRO D 522 -3.88 -12.58 -43.30
C PRO D 522 -3.03 -12.66 -44.55
N GLU D 523 -3.68 -12.99 -45.67
CA GLU D 523 -2.96 -13.36 -46.87
C GLU D 523 -2.55 -12.12 -47.64
N THR D 524 -1.25 -11.98 -47.90
CA THR D 524 -0.72 -10.87 -48.67
C THR D 524 -0.27 -11.38 -50.03
N GLU D 525 -0.55 -10.59 -51.07
CA GLU D 525 -0.07 -10.84 -52.43
C GLU D 525 1.39 -11.24 -52.45
N LEU D 526 2.19 -10.66 -51.54
CA LEU D 526 3.59 -11.09 -51.38
C LEU D 526 3.66 -12.54 -50.94
N ARG D 527 3.07 -12.85 -49.78
CA ARG D 527 3.18 -14.18 -49.21
C ARG D 527 2.34 -15.20 -49.96
N THR D 528 1.41 -14.75 -50.80
CA THR D 528 0.89 -15.62 -51.86
C THR D 528 1.95 -15.82 -52.94
N PHE D 529 2.73 -14.78 -53.21
CA PHE D 529 3.66 -14.73 -54.33
C PHE D 529 5.03 -15.27 -53.94
N ILE D 530 5.43 -15.16 -52.67
CA ILE D 530 6.54 -15.96 -52.14
C ILE D 530 5.94 -17.16 -51.42
N SER D 531 6.04 -18.33 -52.07
CA SER D 531 5.44 -19.57 -51.60
C SER D 531 5.58 -20.65 -52.68
C1 NAG E . 27.75 1.08 43.28
C2 NAG E . 28.82 0.00 43.50
C3 NAG E . 29.19 -0.05 44.99
C4 NAG E . 29.61 1.34 45.49
C5 NAG E . 28.54 2.39 45.13
C6 NAG E . 28.96 3.80 45.46
C7 NAG E . 29.20 -2.35 42.86
C8 NAG E . 28.56 -3.62 42.39
N2 NAG E . 28.37 -1.31 43.04
O3 NAG E . 30.25 -0.98 45.21
O4 NAG E . 29.76 1.30 46.89
O5 NAG E . 28.25 2.35 43.72
O6 NAG E . 27.91 4.73 45.20
O7 NAG E . 30.41 -2.27 43.06
C1 NAG F . 51.93 19.61 2.60
C2 NAG F . 51.21 20.30 3.77
C3 NAG F . 52.23 20.86 4.76
C4 NAG F . 53.17 19.75 5.22
C5 NAG F . 53.82 19.06 4.01
C6 NAG F . 54.67 17.87 4.40
C7 NAG F . 49.11 21.57 3.89
C8 NAG F . 48.29 22.67 3.29
N2 NAG F . 50.31 21.34 3.31
O3 NAG F . 51.55 21.44 5.86
O4 NAG F . 54.19 20.29 6.06
O5 NAG F . 52.82 18.57 3.11
O6 NAG F . 55.73 17.66 3.48
O7 NAG F . 48.71 20.91 4.85
C1 NAG G . -1.53 21.76 46.58
C2 NAG G . -2.39 21.13 47.66
C3 NAG G . -2.65 22.15 48.78
C4 NAG G . -1.33 22.71 49.30
C5 NAG G . -0.46 23.23 48.15
C6 NAG G . 0.92 23.65 48.59
C7 NAG G . -4.46 19.78 47.79
C8 NAG G . -5.72 19.38 47.09
N2 NAG G . -3.66 20.63 47.13
O3 NAG G . -3.38 21.55 49.85
O4 NAG G . -1.60 23.78 50.19
O5 NAG G . -0.28 22.22 47.15
O6 NAG G . 1.66 24.24 47.53
O7 NAG G . -4.18 19.36 48.92
C1 NAG H . 28.65 -19.02 43.65
C2 NAG H . 28.96 -17.51 43.64
C3 NAG H . 29.52 -17.06 44.99
C4 NAG H . 28.55 -17.46 46.11
C5 NAG H . 28.23 -18.95 46.04
C6 NAG H . 27.18 -19.39 47.04
C7 NAG H . 29.74 -16.01 41.86
C8 NAG H . 30.75 -15.79 40.77
N2 NAG H . 29.86 -17.14 42.56
O3 NAG H . 29.74 -15.66 44.98
O4 NAG H . 29.11 -17.14 47.37
O5 NAG H . 27.74 -19.32 44.74
O6 NAG H . 27.36 -20.74 47.44
O7 NAG H . 28.85 -15.19 42.08
C1 NAG I . 12.01 44.72 22.34
C2 NAG I . 11.02 45.89 22.25
C3 NAG I . 11.74 47.20 22.59
C4 NAG I . 12.45 47.10 23.93
C5 NAG I . 13.33 45.85 24.00
C6 NAG I . 13.94 45.62 25.37
C7 NAG I . 9.30 46.70 20.67
C8 NAG I . 8.82 46.65 19.25
N2 NAG I . 10.40 45.97 20.94
O3 NAG I . 10.82 48.29 22.59
O4 NAG I . 13.26 48.25 24.12
O5 NAG I . 12.58 44.67 23.67
O6 NAG I . 14.83 44.51 25.36
O7 NAG I . 8.75 47.36 21.54
C1 NAG J . -20.71 16.32 48.90
C2 NAG J . -19.19 16.56 49.05
C3 NAG J . -18.90 17.51 50.21
C4 NAG J . -19.67 18.81 50.02
C5 NAG J . -21.17 18.52 49.83
C6 NAG J . -21.98 19.77 49.52
C7 NAG J . -17.27 15.08 48.63
C8 NAG J . -16.67 13.73 48.90
N2 NAG J . -18.47 15.30 49.20
O3 NAG J . -17.50 17.75 50.29
O4 NAG J . -19.48 19.65 51.16
O5 NAG J . -21.38 17.61 48.74
O6 NAG J . -23.32 19.66 49.97
O7 NAG J . -16.70 15.92 47.95
C1 NAG K . 41.28 24.01 19.06
C2 NAG K . 42.23 24.75 18.10
C3 NAG K . 43.56 24.99 18.79
C4 NAG K . 43.36 25.71 20.11
C5 NAG K . 42.33 24.99 20.98
C6 NAG K . 41.97 25.74 22.24
C7 NAG K . 42.94 24.55 15.74
C8 NAG K . 43.06 23.62 14.56
N2 NAG K . 42.41 24.01 16.86
O3 NAG K . 44.43 25.75 17.94
O4 NAG K . 44.60 25.76 20.82
O5 NAG K . 41.11 24.80 20.25
O6 NAG K . 41.09 24.99 23.07
O7 NAG K . 43.31 25.72 15.70
C1 NAG L . 2.53 54.94 7.85
C2 NAG L . 3.03 54.35 9.19
C3 NAG L . 3.78 55.42 9.99
C4 NAG L . 4.91 56.01 9.16
C5 NAG L . 4.38 56.52 7.81
C6 NAG L . 5.47 57.02 6.88
C7 NAG L . 2.08 52.66 10.69
C8 NAG L . 0.85 52.20 11.42
N2 NAG L . 1.95 53.79 9.96
O3 NAG L . 4.29 54.84 11.18
O4 NAG L . 5.55 57.06 9.87
O5 NAG L . 3.66 55.49 7.11
O6 NAG L . 5.01 58.05 6.02
O7 NAG L . 3.14 52.04 10.74
#